data_1CKV
#
_entry.id   1CKV
#
_cell.length_a   1.000
_cell.length_b   1.000
_cell.length_c   1.000
_cell.angle_alpha   90.00
_cell.angle_beta   90.00
_cell.angle_gamma   90.00
#
_symmetry.space_group_name_H-M   'P 1'
#
_entity_poly.entity_id   1
_entity_poly.type   'polypeptide(L)'
_entity_poly.pdbx_seq_one_letter_code
;MSVNSNAYDAGIMGLKGKDFADQFFADENQVVHESDTVVLVLKKSDEINTFIEEILLTDYKKNVNPTVNVEDRAGYWWIK
ANGKIEVDCDEISELLGRQFNVYDFLVDVSSTIGRAYTLGNKFTITSELMGLDRKLEDYHA
;
_entity_poly.pdbx_strand_id   A
#
# COMPACT_ATOMS: atom_id res chain seq x y z
N MET A 1 -61.72 -0.64 -6.67
CA MET A 1 -61.98 -0.82 -5.22
C MET A 1 -61.27 -2.06 -4.68
N SER A 2 -61.70 -3.22 -5.14
CA SER A 2 -61.09 -4.48 -4.71
C SER A 2 -59.98 -4.91 -5.65
N VAL A 3 -58.81 -4.29 -5.49
CA VAL A 3 -57.66 -4.62 -6.33
C VAL A 3 -56.70 -5.58 -5.62
N ASN A 4 -56.83 -6.86 -5.94
CA ASN A 4 -55.97 -7.87 -5.33
C ASN A 4 -54.59 -7.88 -5.97
N SER A 5 -53.57 -8.16 -5.17
CA SER A 5 -52.19 -8.21 -5.66
C SER A 5 -51.40 -9.29 -4.97
N ASN A 6 -50.83 -10.20 -5.75
CA ASN A 6 -50.04 -11.30 -5.21
C ASN A 6 -48.70 -11.41 -5.95
N ALA A 7 -47.67 -10.80 -5.39
CA ALA A 7 -46.35 -10.82 -6.00
C ALA A 7 -46.36 -10.16 -7.37
N TYR A 8 -45.22 -10.22 -8.07
CA TYR A 8 -45.11 -9.62 -9.39
C TYR A 8 -44.19 -10.43 -10.29
N ASP A 9 -44.00 -11.70 -9.96
CA ASP A 9 -43.15 -12.58 -10.74
C ASP A 9 -43.55 -12.58 -12.20
N ALA A 10 -44.78 -12.19 -12.45
CA ALA A 10 -45.31 -12.12 -13.80
C ALA A 10 -44.75 -10.90 -14.54
N GLY A 11 -44.17 -9.97 -13.78
CA GLY A 11 -43.63 -8.78 -14.39
C GLY A 11 -42.24 -8.44 -13.87
N ILE A 12 -41.77 -9.14 -12.84
CA ILE A 12 -40.44 -8.87 -12.29
C ILE A 12 -39.35 -9.08 -13.31
N MET A 13 -39.68 -9.82 -14.34
CA MET A 13 -38.76 -10.09 -15.42
C MET A 13 -38.78 -8.94 -16.43
N GLY A 14 -39.46 -7.86 -16.05
CA GLY A 14 -39.56 -6.71 -16.92
C GLY A 14 -39.62 -5.40 -16.15
N LEU A 15 -40.41 -5.37 -15.08
CA LEU A 15 -40.56 -4.18 -14.27
C LEU A 15 -39.20 -3.72 -13.71
N LYS A 16 -38.77 -4.38 -12.63
CA LYS A 16 -37.50 -4.05 -12.00
C LYS A 16 -36.36 -4.91 -12.55
N GLY A 17 -36.75 -5.96 -13.22
CA GLY A 17 -35.78 -6.88 -13.79
C GLY A 17 -35.28 -6.44 -15.15
N LYS A 18 -36.02 -5.53 -15.80
CA LYS A 18 -35.63 -5.03 -17.10
C LYS A 18 -35.66 -3.50 -17.13
N ASP A 19 -34.60 -2.90 -16.61
CA ASP A 19 -34.49 -1.44 -16.56
C ASP A 19 -33.08 -0.98 -16.92
N PHE A 20 -32.23 -1.91 -17.38
CA PHE A 20 -30.86 -1.61 -17.76
C PHE A 20 -30.18 -0.77 -16.69
N ALA A 21 -29.86 -1.43 -15.60
CA ALA A 21 -29.21 -0.79 -14.47
C ALA A 21 -27.70 -0.95 -14.54
N ASP A 22 -27.26 -1.77 -15.47
CA ASP A 22 -25.84 -2.03 -15.67
C ASP A 22 -25.24 -1.04 -16.67
N GLN A 23 -25.99 0.00 -16.98
CA GLN A 23 -25.54 1.02 -17.91
C GLN A 23 -25.92 2.42 -17.42
N PHE A 24 -26.33 2.51 -16.17
CA PHE A 24 -26.71 3.78 -15.56
C PHE A 24 -25.53 4.38 -14.81
N PHE A 25 -24.98 3.61 -13.88
CA PHE A 25 -23.84 4.07 -13.09
C PHE A 25 -22.64 3.14 -13.29
N ALA A 26 -21.61 3.65 -13.95
CA ALA A 26 -20.41 2.87 -14.21
C ALA A 26 -19.39 3.04 -13.08
N ASP A 27 -18.26 3.64 -13.41
CA ASP A 27 -17.19 3.86 -12.45
C ASP A 27 -16.50 2.56 -12.07
N GLU A 28 -16.73 1.51 -12.86
CA GLU A 28 -16.14 0.21 -12.61
C GLU A 28 -14.62 0.31 -12.55
N ASN A 29 -14.06 1.31 -13.23
CA ASN A 29 -12.63 1.52 -13.25
C ASN A 29 -12.28 2.77 -14.06
N GLN A 30 -11.92 3.82 -13.35
CA GLN A 30 -11.57 5.09 -13.97
C GLN A 30 -10.05 5.24 -14.08
N VAL A 31 -9.61 6.15 -14.94
CA VAL A 31 -8.18 6.39 -15.13
C VAL A 31 -7.70 7.54 -14.25
N VAL A 32 -6.49 7.39 -13.71
CA VAL A 32 -5.91 8.41 -12.85
C VAL A 32 -4.76 9.07 -13.56
N HIS A 33 -4.70 10.40 -13.50
CA HIS A 33 -3.63 11.13 -14.15
C HIS A 33 -2.68 11.73 -13.13
N GLU A 34 -1.44 11.25 -13.17
CA GLU A 34 -0.38 11.71 -12.27
C GLU A 34 -0.92 12.11 -10.90
N SER A 35 -1.05 11.13 -10.02
CA SER A 35 -1.55 11.37 -8.67
C SER A 35 -0.53 10.95 -7.62
N ASP A 36 -0.45 11.69 -6.52
CA ASP A 36 0.47 11.39 -5.45
C ASP A 36 -0.23 10.74 -4.27
N THR A 37 -1.33 10.05 -4.56
CA THR A 37 -2.10 9.38 -3.51
C THR A 37 -1.39 8.12 -3.02
N VAL A 38 -1.52 7.84 -1.73
CA VAL A 38 -0.88 6.67 -1.14
C VAL A 38 -1.79 5.45 -1.31
N VAL A 39 -1.42 4.55 -2.21
CA VAL A 39 -2.22 3.37 -2.48
C VAL A 39 -1.45 2.09 -2.17
N LEU A 40 -2.20 1.05 -1.87
CA LEU A 40 -1.62 -0.26 -1.56
C LEU A 40 -2.72 -1.28 -1.30
N VAL A 41 -2.67 -2.38 -2.03
CA VAL A 41 -3.67 -3.44 -1.89
C VAL A 41 -3.07 -4.70 -1.29
N LEU A 42 -3.80 -5.28 -0.33
CA LEU A 42 -3.37 -6.49 0.34
C LEU A 42 -4.46 -7.55 0.25
N LYS A 43 -4.07 -8.79 0.01
CA LYS A 43 -5.02 -9.90 -0.12
C LYS A 43 -5.99 -9.92 1.05
N LYS A 44 -7.26 -10.19 0.76
CA LYS A 44 -8.28 -10.25 1.79
C LYS A 44 -8.35 -11.64 2.40
N SER A 45 -7.52 -11.87 3.40
CA SER A 45 -7.48 -13.14 4.09
C SER A 45 -7.67 -12.92 5.58
N ASP A 46 -7.85 -14.00 6.33
CA ASP A 46 -8.01 -13.89 7.78
C ASP A 46 -6.87 -13.06 8.37
N GLU A 47 -5.84 -12.81 7.57
CA GLU A 47 -4.68 -12.02 7.98
C GLU A 47 -5.00 -10.53 7.90
N ILE A 48 -5.37 -10.06 6.70
CA ILE A 48 -5.71 -8.65 6.52
C ILE A 48 -6.93 -8.29 7.33
N ASN A 49 -7.95 -9.15 7.27
CA ASN A 49 -9.19 -8.92 7.99
C ASN A 49 -8.96 -8.35 9.38
N THR A 50 -8.23 -9.09 10.22
CA THR A 50 -7.96 -8.65 11.58
C THR A 50 -7.00 -7.46 11.61
N PHE A 51 -5.75 -7.69 11.25
CA PHE A 51 -4.74 -6.64 11.26
C PHE A 51 -5.27 -5.32 10.73
N ILE A 52 -5.96 -5.36 9.58
CA ILE A 52 -6.50 -4.14 9.00
C ILE A 52 -7.40 -3.44 10.01
N GLU A 53 -8.30 -4.21 10.63
CA GLU A 53 -9.21 -3.65 11.62
C GLU A 53 -8.41 -2.91 12.69
N GLU A 54 -7.38 -3.57 13.20
CA GLU A 54 -6.54 -2.97 14.22
C GLU A 54 -5.69 -1.85 13.62
N ILE A 55 -4.58 -2.22 12.98
CA ILE A 55 -3.65 -1.29 12.36
C ILE A 55 -4.26 0.07 12.01
N LEU A 56 -5.32 0.06 11.20
CA LEU A 56 -5.96 1.28 10.74
C LEU A 56 -6.80 1.98 11.81
N LEU A 57 -7.87 1.33 12.23
CA LEU A 57 -8.77 1.93 13.20
C LEU A 57 -8.08 2.19 14.54
N THR A 58 -7.15 1.31 14.91
CA THR A 58 -6.42 1.48 16.16
C THR A 58 -5.61 2.77 16.14
N ASP A 59 -4.62 2.79 15.26
CA ASP A 59 -3.73 3.94 15.16
C ASP A 59 -4.27 5.09 14.30
N TYR A 60 -4.82 4.77 13.12
CA TYR A 60 -5.32 5.83 12.23
C TYR A 60 -6.56 6.52 12.76
N LYS A 61 -7.32 5.85 13.60
CA LYS A 61 -8.51 6.48 14.15
C LYS A 61 -8.20 7.20 15.46
N LYS A 62 -7.56 6.48 16.38
CA LYS A 62 -7.19 7.05 17.67
C LYS A 62 -6.25 8.26 17.49
N ASN A 63 -5.27 8.12 16.61
CA ASN A 63 -4.32 9.21 16.36
C ASN A 63 -3.28 8.82 15.31
N VAL A 64 -3.46 9.35 14.10
CA VAL A 64 -2.54 9.09 13.00
C VAL A 64 -3.01 9.79 11.73
N ASN A 65 -4.26 9.57 11.36
CA ASN A 65 -4.81 10.18 10.15
C ASN A 65 -6.25 9.77 9.90
N PRO A 66 -7.09 10.71 9.44
CA PRO A 66 -8.49 10.43 9.14
C PRO A 66 -8.67 9.80 7.76
N THR A 67 -7.61 9.79 6.97
CA THR A 67 -7.65 9.22 5.63
C THR A 67 -7.57 7.68 5.71
N VAL A 68 -6.42 7.10 5.34
CA VAL A 68 -6.21 5.65 5.37
C VAL A 68 -7.54 4.90 5.22
N ASN A 69 -8.30 5.29 4.20
CA ASN A 69 -9.61 4.69 3.94
C ASN A 69 -9.49 3.39 3.16
N VAL A 70 -10.27 2.39 3.58
CA VAL A 70 -10.28 1.10 2.93
C VAL A 70 -11.45 0.98 1.96
N GLU A 71 -11.29 0.14 0.95
CA GLU A 71 -12.32 -0.07 -0.05
C GLU A 71 -12.40 -1.54 -0.48
N ASP A 72 -13.52 -2.18 -0.20
CA ASP A 72 -13.71 -3.57 -0.56
C ASP A 72 -14.23 -3.69 -1.99
N ARG A 73 -13.43 -4.27 -2.87
CA ARG A 73 -13.82 -4.43 -4.27
C ARG A 73 -14.23 -5.87 -4.55
N ALA A 74 -13.54 -6.53 -5.49
CA ALA A 74 -13.85 -7.90 -5.85
C ALA A 74 -13.72 -8.83 -4.64
N GLY A 75 -12.55 -8.79 -4.00
CA GLY A 75 -12.32 -9.63 -2.84
C GLY A 75 -11.30 -9.03 -1.89
N TYR A 76 -10.25 -8.43 -2.44
CA TYR A 76 -9.20 -7.83 -1.63
C TYR A 76 -9.63 -6.46 -1.13
N TRP A 77 -8.95 -5.95 -0.11
CA TRP A 77 -9.25 -4.65 0.44
C TRP A 77 -8.42 -3.58 -0.25
N TRP A 78 -9.02 -2.42 -0.47
CA TRP A 78 -8.33 -1.32 -1.11
C TRP A 78 -7.98 -0.24 -0.10
N ILE A 79 -6.72 -0.21 0.32
CA ILE A 79 -6.27 0.77 1.30
C ILE A 79 -5.64 1.97 0.61
N LYS A 80 -6.35 3.08 0.62
CA LYS A 80 -5.90 4.32 -0.01
C LYS A 80 -5.84 5.44 1.01
N ALA A 81 -4.85 6.30 0.88
CA ALA A 81 -4.69 7.41 1.80
C ALA A 81 -4.19 8.66 1.09
N ASN A 82 -4.42 9.82 1.69
CA ASN A 82 -4.00 11.09 1.10
C ASN A 82 -2.73 11.63 1.77
N GLY A 83 -1.77 12.04 0.96
CA GLY A 83 -0.53 12.57 1.49
C GLY A 83 0.49 11.51 1.83
N LYS A 84 0.19 10.71 2.85
CA LYS A 84 1.10 9.65 3.28
C LYS A 84 0.47 8.84 4.42
N ILE A 85 0.87 7.58 4.52
CA ILE A 85 0.35 6.68 5.55
C ILE A 85 1.52 5.95 6.20
N GLU A 86 1.32 5.46 7.42
CA GLU A 86 2.38 4.73 8.12
C GLU A 86 1.82 3.65 9.03
N VAL A 87 2.25 2.42 8.78
CA VAL A 87 1.82 1.26 9.56
C VAL A 87 2.78 0.94 10.69
N ASP A 88 2.24 0.65 11.86
CA ASP A 88 3.03 0.30 13.03
C ASP A 88 3.38 -1.18 13.00
N CYS A 89 4.51 -1.53 13.60
CA CYS A 89 4.94 -2.92 13.64
C CYS A 89 4.81 -3.47 15.06
N ASP A 90 3.75 -4.21 15.27
CA ASP A 90 3.46 -4.80 16.57
C ASP A 90 2.00 -5.19 16.64
N GLU A 91 1.15 -4.37 16.01
CA GLU A 91 -0.27 -4.65 15.97
C GLU A 91 -0.56 -5.81 15.03
N ILE A 92 -0.40 -5.58 13.74
CA ILE A 92 -0.62 -6.62 12.75
C ILE A 92 0.29 -7.82 13.04
N SER A 93 1.59 -7.57 13.04
CA SER A 93 2.57 -8.63 13.30
C SER A 93 2.16 -9.50 14.48
N GLU A 94 1.53 -8.89 15.49
CA GLU A 94 1.09 -9.64 16.66
C GLU A 94 0.10 -10.72 16.28
N LEU A 95 -0.88 -10.35 15.47
CA LEU A 95 -1.91 -11.28 15.02
C LEU A 95 -1.52 -11.96 13.71
N LEU A 96 -0.55 -11.38 13.02
CA LEU A 96 -0.08 -11.92 11.76
C LEU A 96 1.19 -12.75 11.95
N GLY A 97 1.51 -13.03 13.21
CA GLY A 97 2.69 -13.80 13.52
C GLY A 97 3.62 -13.09 14.47
N ARG A 98 3.19 -12.97 15.74
CA ARG A 98 3.97 -12.29 16.77
C ARG A 98 5.47 -12.42 16.53
N GLN A 99 6.20 -11.40 16.92
CA GLN A 99 7.65 -11.38 16.75
C GLN A 99 8.03 -11.36 15.27
N PHE A 100 7.07 -10.99 14.44
CA PHE A 100 7.26 -10.92 13.00
C PHE A 100 8.23 -9.79 12.64
N ASN A 101 8.24 -9.43 11.36
CA ASN A 101 9.11 -8.36 10.88
C ASN A 101 8.32 -7.09 10.61
N VAL A 102 8.94 -6.13 9.95
CA VAL A 102 8.30 -4.87 9.62
C VAL A 102 8.10 -4.73 8.11
N TYR A 103 9.12 -5.08 7.34
CA TYR A 103 9.04 -4.99 5.90
C TYR A 103 8.10 -6.05 5.32
N ASP A 104 7.56 -6.92 6.18
CA ASP A 104 6.65 -7.96 5.75
C ASP A 104 5.58 -7.38 4.82
N PHE A 105 5.08 -6.20 5.18
CA PHE A 105 4.07 -5.52 4.37
C PHE A 105 4.76 -4.76 3.23
N LEU A 106 4.08 -4.68 2.08
CA LEU A 106 4.63 -3.99 0.92
C LEU A 106 5.89 -4.68 0.40
N VAL A 107 6.12 -5.91 0.84
CA VAL A 107 7.30 -6.67 0.42
C VAL A 107 7.13 -7.17 -1.01
N ASP A 108 5.95 -7.72 -1.31
CA ASP A 108 5.66 -8.23 -2.64
C ASP A 108 4.25 -8.83 -2.69
N VAL A 109 3.26 -8.02 -2.30
CA VAL A 109 1.87 -8.46 -2.30
C VAL A 109 1.15 -7.99 -3.55
N SER A 110 -0.17 -8.09 -3.55
CA SER A 110 -0.98 -7.67 -4.70
C SER A 110 -0.50 -6.34 -5.27
N SER A 111 -0.13 -5.42 -4.38
CA SER A 111 0.36 -4.11 -4.79
C SER A 111 0.48 -3.17 -3.59
N THR A 112 1.44 -2.24 -3.66
CA THR A 112 1.65 -1.29 -2.58
C THR A 112 2.37 -0.05 -3.08
N ILE A 113 1.60 0.90 -3.61
CA ILE A 113 2.16 2.15 -4.12
C ILE A 113 2.53 3.10 -3.00
N GLY A 114 3.82 3.35 -2.87
CA GLY A 114 4.33 4.24 -1.84
C GLY A 114 5.66 3.78 -1.30
N ARG A 115 6.54 4.71 -1.01
CA ARG A 115 7.87 4.38 -0.47
C ARG A 115 7.76 4.04 1.02
N ALA A 116 8.16 2.81 1.37
CA ALA A 116 8.09 2.37 2.76
C ALA A 116 9.46 2.36 3.42
N TYR A 117 9.55 3.05 4.55
CA TYR A 117 10.78 3.09 5.32
C TYR A 117 10.46 2.81 6.79
N THR A 118 11.17 1.85 7.38
CA THR A 118 10.91 1.48 8.77
C THR A 118 11.93 2.10 9.72
N LEU A 119 11.48 2.37 10.94
CA LEU A 119 12.31 2.94 11.97
C LEU A 119 11.90 2.41 13.33
N GLY A 120 12.80 1.71 14.00
CA GLY A 120 12.48 1.16 15.30
C GLY A 120 11.31 0.20 15.23
N ASN A 121 10.15 0.66 15.69
CA ASN A 121 8.95 -0.15 15.66
C ASN A 121 7.78 0.66 15.11
N LYS A 122 7.71 0.70 13.79
CA LYS A 122 6.66 1.43 13.07
C LYS A 122 7.19 1.86 11.70
N PHE A 123 6.59 1.33 10.64
CA PHE A 123 7.03 1.67 9.29
C PHE A 123 6.05 2.64 8.64
N THR A 124 6.60 3.64 7.95
CA THR A 124 5.78 4.63 7.28
C THR A 124 5.91 4.54 5.78
N ILE A 125 4.78 4.57 5.07
CA ILE A 125 4.79 4.52 3.62
C ILE A 125 4.28 5.81 3.03
N THR A 126 5.16 6.46 2.30
CA THR A 126 4.88 7.73 1.65
C THR A 126 4.57 7.51 0.17
N SER A 127 3.84 8.46 -0.42
CA SER A 127 3.49 8.39 -1.83
C SER A 127 3.53 9.78 -2.42
N GLU A 128 4.19 10.68 -1.71
CA GLU A 128 4.30 12.06 -2.14
C GLU A 128 5.76 12.50 -2.22
N LEU A 129 6.52 12.21 -1.17
CA LEU A 129 7.94 12.58 -1.12
C LEU A 129 8.12 14.08 -1.16
N MET A 130 7.06 14.81 -0.86
CA MET A 130 7.10 16.27 -0.86
C MET A 130 7.24 16.83 -2.26
N GLY A 131 6.98 15.97 -3.25
CA GLY A 131 7.07 16.39 -4.63
C GLY A 131 8.51 16.44 -5.13
N LEU A 132 8.90 15.41 -5.90
CA LEU A 132 10.25 15.34 -6.43
C LEU A 132 10.58 16.57 -7.28
N ASP A 133 9.54 17.14 -7.90
CA ASP A 133 9.71 18.32 -8.74
C ASP A 133 9.02 19.53 -8.13
N ARG A 134 9.57 20.03 -7.03
CA ARG A 134 9.00 21.19 -6.35
C ARG A 134 9.50 22.48 -6.97
N LYS A 135 10.75 22.45 -7.43
CA LYS A 135 11.35 23.62 -8.06
C LYS A 135 11.52 23.42 -9.57
N LEU A 136 11.46 22.16 -10.00
CA LEU A 136 11.60 21.83 -11.42
C LEU A 136 10.27 21.47 -12.05
N GLU A 137 9.20 21.80 -11.35
CA GLU A 137 7.84 21.51 -11.81
C GLU A 137 7.67 21.88 -13.29
N ASP A 138 8.39 22.92 -13.71
CA ASP A 138 8.32 23.37 -15.10
C ASP A 138 9.70 23.76 -15.61
N TYR A 139 10.04 23.29 -16.81
CA TYR A 139 11.33 23.58 -17.41
C TYR A 139 11.29 23.33 -18.92
N HIS A 140 11.34 24.42 -19.69
CA HIS A 140 11.31 24.32 -21.14
C HIS A 140 12.27 25.33 -21.77
N ALA A 141 12.38 25.29 -23.09
CA ALA A 141 13.26 26.20 -23.81
C ALA A 141 13.03 26.11 -25.32
N MET A 1 -59.95 7.56 13.65
CA MET A 1 -60.00 6.50 12.60
C MET A 1 -58.85 6.65 11.61
N SER A 2 -58.50 7.89 11.29
CA SER A 2 -57.41 8.17 10.37
C SER A 2 -57.14 9.66 10.27
N VAL A 3 -56.22 10.14 11.11
CA VAL A 3 -55.87 11.56 11.12
C VAL A 3 -55.01 11.92 9.92
N ASN A 4 -55.10 13.17 9.48
CA ASN A 4 -54.32 13.64 8.34
C ASN A 4 -53.19 14.55 8.78
N SER A 5 -52.08 14.50 8.05
CA SER A 5 -50.91 15.32 8.37
C SER A 5 -50.39 16.02 7.12
N ASN A 6 -49.42 16.91 7.31
CA ASN A 6 -48.83 17.65 6.20
C ASN A 6 -48.02 16.72 5.30
N ALA A 7 -48.59 16.35 4.16
CA ALA A 7 -47.92 15.46 3.22
C ALA A 7 -46.60 16.07 2.74
N TYR A 8 -45.61 15.21 2.55
CA TYR A 8 -44.30 15.65 2.10
C TYR A 8 -44.05 15.30 0.65
N ASP A 9 -45.14 15.08 -0.09
CA ASP A 9 -45.03 14.74 -1.50
C ASP A 9 -44.22 15.77 -2.28
N ALA A 10 -44.04 16.92 -1.66
CA ALA A 10 -43.28 18.01 -2.26
C ALA A 10 -41.79 17.74 -2.10
N GLY A 11 -41.45 16.82 -1.19
CA GLY A 11 -40.06 16.51 -0.95
C GLY A 11 -39.79 15.01 -0.93
N ILE A 12 -40.83 14.19 -0.96
CA ILE A 12 -40.65 12.74 -0.94
C ILE A 12 -39.87 12.26 -2.14
N MET A 13 -39.85 13.08 -3.16
CA MET A 13 -39.11 12.77 -4.37
C MET A 13 -37.65 13.19 -4.20
N GLY A 14 -37.31 13.58 -2.98
CA GLY A 14 -35.95 14.00 -2.68
C GLY A 14 -35.44 13.43 -1.38
N LEU A 15 -36.29 13.46 -0.35
CA LEU A 15 -35.92 12.94 0.96
C LEU A 15 -35.74 11.42 0.91
N LYS A 16 -36.85 10.70 0.97
CA LYS A 16 -36.81 9.24 0.92
C LYS A 16 -37.00 8.73 -0.51
N GLY A 17 -36.94 9.64 -1.46
CA GLY A 17 -37.10 9.28 -2.86
C GLY A 17 -35.82 9.48 -3.65
N LYS A 18 -34.89 10.24 -3.09
CA LYS A 18 -33.61 10.50 -3.73
C LYS A 18 -32.47 10.19 -2.78
N ASP A 19 -32.13 8.93 -2.66
CA ASP A 19 -31.05 8.48 -1.78
C ASP A 19 -30.25 7.34 -2.40
N PHE A 20 -30.45 7.12 -3.70
CA PHE A 20 -29.74 6.05 -4.40
C PHE A 20 -28.39 6.53 -4.92
N ALA A 21 -28.02 7.75 -4.53
CA ALA A 21 -26.75 8.33 -4.93
C ALA A 21 -25.59 7.38 -4.65
N ASP A 22 -24.37 7.84 -4.93
CA ASP A 22 -23.20 7.03 -4.73
C ASP A 22 -23.22 5.82 -5.67
N GLN A 23 -24.11 5.89 -6.65
CA GLN A 23 -24.27 4.83 -7.63
C GLN A 23 -24.46 5.41 -9.03
N PHE A 24 -24.26 6.71 -9.15
CA PHE A 24 -24.42 7.40 -10.43
C PHE A 24 -23.09 7.41 -11.19
N PHE A 25 -22.05 7.94 -10.55
CA PHE A 25 -20.73 8.01 -11.16
C PHE A 25 -19.70 7.27 -10.32
N ALA A 26 -19.22 6.15 -10.86
CA ALA A 26 -18.23 5.34 -10.18
C ALA A 26 -16.84 5.77 -10.58
N ASP A 27 -16.04 4.81 -11.01
CA ASP A 27 -14.68 5.07 -11.44
C ASP A 27 -13.91 3.77 -11.70
N GLU A 28 -14.62 2.72 -12.04
CA GLU A 28 -14.01 1.42 -12.31
C GLU A 28 -13.31 1.42 -13.68
N ASN A 29 -13.84 2.22 -14.60
CA ASN A 29 -13.27 2.31 -15.95
C ASN A 29 -12.78 3.72 -16.25
N GLN A 30 -12.65 4.52 -15.20
CA GLN A 30 -12.20 5.90 -15.34
C GLN A 30 -10.67 5.97 -15.33
N VAL A 31 -10.11 6.87 -16.12
CA VAL A 31 -8.67 7.04 -16.21
C VAL A 31 -8.17 8.02 -15.16
N VAL A 32 -6.98 7.76 -14.62
CA VAL A 32 -6.38 8.63 -13.62
C VAL A 32 -5.20 9.36 -14.22
N HIS A 33 -5.10 10.65 -13.97
CA HIS A 33 -3.99 11.42 -14.51
C HIS A 33 -3.05 11.86 -13.40
N GLU A 34 -1.82 11.34 -13.48
CA GLU A 34 -0.77 11.65 -12.51
C GLU A 34 -1.33 11.88 -11.11
N SER A 35 -1.69 10.79 -10.44
CA SER A 35 -2.24 10.86 -9.09
C SER A 35 -1.12 10.82 -8.05
N ASP A 36 -1.33 11.49 -6.92
CA ASP A 36 -0.35 11.53 -5.85
C ASP A 36 -0.85 10.78 -4.61
N THR A 37 -1.99 10.10 -4.73
CA THR A 37 -2.56 9.37 -3.62
C THR A 37 -1.69 8.18 -3.24
N VAL A 38 -1.77 7.77 -1.98
CA VAL A 38 -1.00 6.64 -1.47
C VAL A 38 -1.90 5.41 -1.37
N VAL A 39 -1.64 4.40 -2.21
CA VAL A 39 -2.44 3.19 -2.22
C VAL A 39 -1.61 1.93 -2.11
N LEU A 40 -2.23 0.89 -1.56
CA LEU A 40 -1.59 -0.39 -1.40
C LEU A 40 -2.65 -1.47 -1.20
N VAL A 41 -2.54 -2.54 -1.97
CA VAL A 41 -3.51 -3.62 -1.89
C VAL A 41 -2.90 -4.90 -1.33
N LEU A 42 -3.63 -5.51 -0.39
CA LEU A 42 -3.19 -6.74 0.25
C LEU A 42 -4.29 -7.79 0.12
N LYS A 43 -3.90 -9.04 -0.13
CA LYS A 43 -4.86 -10.13 -0.26
C LYS A 43 -5.80 -10.15 0.93
N LYS A 44 -7.11 -10.18 0.67
CA LYS A 44 -8.09 -10.21 1.75
C LYS A 44 -8.15 -11.59 2.39
N SER A 45 -7.33 -11.78 3.40
CA SER A 45 -7.27 -13.04 4.12
C SER A 45 -7.45 -12.77 5.60
N ASP A 46 -7.61 -13.83 6.39
CA ASP A 46 -7.75 -13.68 7.84
C ASP A 46 -6.65 -12.76 8.38
N GLU A 47 -5.61 -12.57 7.57
CA GLU A 47 -4.48 -11.72 7.92
C GLU A 47 -4.89 -10.26 7.87
N ILE A 48 -5.25 -9.79 6.67
CA ILE A 48 -5.67 -8.41 6.49
C ILE A 48 -6.91 -8.13 7.31
N ASN A 49 -7.86 -9.06 7.27
CA ASN A 49 -9.11 -8.91 8.00
C ASN A 49 -8.89 -8.31 9.40
N THR A 50 -8.08 -8.99 10.21
CA THR A 50 -7.81 -8.52 11.57
C THR A 50 -6.83 -7.36 11.58
N PHE A 51 -5.62 -7.58 11.11
CA PHE A 51 -4.59 -6.55 11.09
C PHE A 51 -5.15 -5.21 10.59
N ILE A 52 -5.88 -5.24 9.48
CA ILE A 52 -6.46 -4.02 8.94
C ILE A 52 -7.37 -3.37 9.96
N GLU A 53 -8.24 -4.17 10.56
CA GLU A 53 -9.15 -3.66 11.57
C GLU A 53 -8.37 -2.92 12.65
N GLU A 54 -7.33 -3.56 13.15
CA GLU A 54 -6.50 -2.96 14.17
C GLU A 54 -5.68 -1.80 13.58
N ILE A 55 -4.57 -2.14 12.94
CA ILE A 55 -3.66 -1.16 12.33
C ILE A 55 -4.31 0.18 12.00
N LEU A 56 -5.36 0.16 11.19
CA LEU A 56 -6.03 1.38 10.74
C LEU A 56 -6.89 2.02 11.82
N LEU A 57 -7.95 1.36 12.25
CA LEU A 57 -8.85 1.92 13.23
C LEU A 57 -8.17 2.16 14.58
N THR A 58 -7.19 1.34 14.89
CA THR A 58 -6.45 1.48 16.13
C THR A 58 -5.72 2.82 16.16
N ASP A 59 -4.74 2.93 15.28
CA ASP A 59 -3.92 4.14 15.22
C ASP A 59 -4.53 5.27 14.40
N TYR A 60 -5.07 4.96 13.22
CA TYR A 60 -5.64 6.00 12.36
C TYR A 60 -6.92 6.61 12.91
N LYS A 61 -7.61 5.89 13.79
CA LYS A 61 -8.84 6.43 14.36
C LYS A 61 -8.56 7.13 15.69
N LYS A 62 -7.81 6.48 16.56
CA LYS A 62 -7.48 7.06 17.85
C LYS A 62 -6.76 8.39 17.68
N ASN A 63 -5.74 8.40 16.82
CA ASN A 63 -4.98 9.61 16.57
C ASN A 63 -3.86 9.36 15.56
N VAL A 64 -4.12 9.73 14.32
CA VAL A 64 -3.15 9.56 13.25
C VAL A 64 -3.63 10.24 11.97
N ASN A 65 -4.87 9.96 11.58
CA ASN A 65 -5.42 10.55 10.37
C ASN A 65 -6.83 10.04 10.07
N PRO A 66 -7.70 10.91 9.54
CA PRO A 66 -9.06 10.55 9.19
C PRO A 66 -9.13 9.95 7.79
N THR A 67 -7.99 9.91 7.10
CA THR A 67 -7.92 9.36 5.76
C THR A 67 -7.79 7.83 5.81
N VAL A 68 -6.60 7.30 5.46
CA VAL A 68 -6.36 5.85 5.49
C VAL A 68 -7.64 5.05 5.29
N ASN A 69 -8.40 5.43 4.27
CA ASN A 69 -9.68 4.80 3.97
C ASN A 69 -9.49 3.50 3.18
N VAL A 70 -10.28 2.49 3.54
CA VAL A 70 -10.23 1.20 2.88
C VAL A 70 -11.34 1.08 1.83
N GLU A 71 -11.09 0.26 0.82
CA GLU A 71 -12.06 0.05 -0.25
C GLU A 71 -12.09 -1.40 -0.70
N ASP A 72 -13.22 -2.06 -0.50
CA ASP A 72 -13.37 -3.45 -0.90
C ASP A 72 -13.80 -3.55 -2.36
N ARG A 73 -12.93 -4.11 -3.20
CA ARG A 73 -13.22 -4.27 -4.62
C ARG A 73 -13.78 -5.65 -4.91
N ALA A 74 -13.00 -6.47 -5.63
CA ALA A 74 -13.43 -7.82 -5.98
C ALA A 74 -13.36 -8.75 -4.76
N GLY A 75 -12.34 -8.56 -3.94
CA GLY A 75 -12.16 -9.38 -2.76
C GLY A 75 -11.17 -8.80 -1.79
N TYR A 76 -10.09 -8.22 -2.33
CA TYR A 76 -9.05 -7.61 -1.50
C TYR A 76 -9.47 -6.22 -1.04
N TRP A 77 -8.81 -5.72 -0.02
CA TRP A 77 -9.11 -4.39 0.50
C TRP A 77 -8.20 -3.35 -0.13
N TRP A 78 -8.75 -2.18 -0.40
CA TRP A 78 -7.99 -1.10 -0.99
C TRP A 78 -7.72 -0.01 0.04
N ILE A 79 -6.47 0.11 0.47
CA ILE A 79 -6.11 1.12 1.46
C ILE A 79 -5.52 2.35 0.79
N LYS A 80 -6.25 3.45 0.89
CA LYS A 80 -5.85 4.71 0.28
C LYS A 80 -5.75 5.80 1.34
N ALA A 81 -4.73 6.64 1.21
CA ALA A 81 -4.52 7.72 2.16
C ALA A 81 -3.99 8.96 1.45
N ASN A 82 -4.52 10.13 1.82
CA ASN A 82 -4.10 11.37 1.20
C ASN A 82 -2.75 11.84 1.72
N GLY A 83 -1.73 11.73 0.89
CA GLY A 83 -0.40 12.15 1.28
C GLY A 83 0.52 10.99 1.62
N LYS A 84 0.16 10.22 2.64
CA LYS A 84 0.97 9.08 3.06
C LYS A 84 0.37 8.38 4.28
N ILE A 85 0.81 7.15 4.50
CA ILE A 85 0.33 6.36 5.64
C ILE A 85 1.53 5.67 6.29
N GLU A 86 1.37 5.25 7.54
CA GLU A 86 2.46 4.58 8.24
C GLU A 86 1.93 3.47 9.14
N VAL A 87 2.35 2.23 8.84
CA VAL A 87 1.93 1.07 9.60
C VAL A 87 2.94 0.72 10.69
N ASP A 88 2.44 0.56 11.91
CA ASP A 88 3.27 0.20 13.05
C ASP A 88 3.60 -1.29 13.01
N CYS A 89 4.75 -1.66 13.58
CA CYS A 89 5.16 -3.06 13.59
C CYS A 89 4.98 -3.62 14.99
N ASP A 90 3.90 -4.36 15.18
CA ASP A 90 3.57 -4.97 16.47
C ASP A 90 2.08 -5.30 16.47
N GLU A 91 1.29 -4.45 15.84
CA GLU A 91 -0.15 -4.67 15.77
C GLU A 91 -0.45 -5.84 14.84
N ILE A 92 -0.29 -5.62 13.54
CA ILE A 92 -0.53 -6.69 12.57
C ILE A 92 0.34 -7.88 12.89
N SER A 93 1.65 -7.68 12.93
CA SER A 93 2.61 -8.74 13.22
C SER A 93 2.16 -9.58 14.42
N GLU A 94 1.55 -8.94 15.41
CA GLU A 94 1.08 -9.66 16.60
C GLU A 94 0.10 -10.75 16.19
N LEU A 95 -0.85 -10.37 15.35
CA LEU A 95 -1.87 -11.30 14.87
C LEU A 95 -1.43 -12.00 13.59
N LEU A 96 -0.41 -11.45 12.94
CA LEU A 96 0.11 -12.02 11.71
C LEU A 96 1.37 -12.83 11.97
N GLY A 97 1.62 -13.11 13.24
CA GLY A 97 2.80 -13.87 13.63
C GLY A 97 3.72 -13.08 14.53
N ARG A 98 3.25 -12.81 15.76
CA ARG A 98 4.02 -12.06 16.74
C ARG A 98 5.52 -12.31 16.62
N GLN A 99 6.30 -11.29 16.98
CA GLN A 99 7.75 -11.38 16.91
C GLN A 99 8.25 -11.49 15.48
N PHE A 100 7.38 -11.11 14.55
CA PHE A 100 7.71 -11.15 13.13
C PHE A 100 8.63 -9.99 12.74
N ASN A 101 8.76 -9.77 11.44
CA ASN A 101 9.60 -8.69 10.92
C ASN A 101 8.79 -7.43 10.69
N VAL A 102 9.39 -6.44 10.03
CA VAL A 102 8.72 -5.19 9.74
C VAL A 102 8.45 -5.02 8.24
N TYR A 103 9.36 -5.54 7.42
CA TYR A 103 9.20 -5.46 5.97
C TYR A 103 8.23 -6.52 5.46
N ASP A 104 7.63 -7.29 6.36
CA ASP A 104 6.69 -8.33 5.98
C ASP A 104 5.51 -7.75 5.21
N PHE A 105 5.05 -6.57 5.64
CA PHE A 105 3.93 -5.91 4.98
C PHE A 105 4.28 -5.55 3.54
N LEU A 106 5.48 -5.03 3.33
CA LEU A 106 5.93 -4.64 1.99
C LEU A 106 6.97 -5.62 1.46
N VAL A 107 6.92 -6.86 1.94
CA VAL A 107 7.85 -7.89 1.50
C VAL A 107 7.51 -8.37 0.09
N ASP A 108 6.26 -8.21 -0.30
CA ASP A 108 5.79 -8.61 -1.61
C ASP A 108 4.36 -8.13 -1.85
N VAL A 109 3.38 -8.93 -1.42
CA VAL A 109 1.98 -8.57 -1.57
C VAL A 109 1.63 -8.29 -3.03
N SER A 110 0.33 -8.35 -3.34
CA SER A 110 -0.14 -8.11 -4.70
C SER A 110 0.34 -6.76 -5.22
N SER A 111 0.16 -5.72 -4.40
CA SER A 111 0.59 -4.37 -4.78
C SER A 111 0.61 -3.44 -3.57
N THR A 112 1.48 -2.45 -3.62
CA THR A 112 1.62 -1.49 -2.53
C THR A 112 2.21 -0.17 -3.02
N ILE A 113 1.42 0.62 -3.74
CA ILE A 113 1.89 1.89 -4.27
C ILE A 113 2.27 2.84 -3.14
N GLY A 114 3.58 3.02 -2.99
CA GLY A 114 4.10 3.90 -1.95
C GLY A 114 5.43 3.43 -1.42
N ARG A 115 6.34 4.37 -1.18
CA ARG A 115 7.66 4.03 -0.67
C ARG A 115 7.60 3.70 0.82
N ALA A 116 8.12 2.54 1.19
CA ALA A 116 8.12 2.11 2.59
C ALA A 116 9.48 2.25 3.23
N TYR A 117 9.53 2.96 4.36
CA TYR A 117 10.77 3.15 5.10
C TYR A 117 10.53 2.78 6.56
N THR A 118 11.29 1.81 7.05
CA THR A 118 11.13 1.36 8.43
C THR A 118 12.15 1.99 9.36
N LEU A 119 11.85 1.95 10.65
CA LEU A 119 12.72 2.50 11.68
C LEU A 119 12.21 2.07 13.05
N GLY A 120 13.11 1.62 13.90
CA GLY A 120 12.71 1.16 15.22
C GLY A 120 11.58 0.16 15.15
N ASN A 121 10.41 0.58 15.61
CA ASN A 121 9.23 -0.28 15.57
C ASN A 121 8.04 0.51 15.05
N LYS A 122 7.95 0.58 13.73
CA LYS A 122 6.89 1.30 13.03
C LYS A 122 7.38 1.73 11.66
N PHE A 123 6.75 1.24 10.60
CA PHE A 123 7.15 1.62 9.25
C PHE A 123 6.17 2.60 8.64
N THR A 124 6.71 3.60 7.97
CA THR A 124 5.89 4.63 7.34
C THR A 124 5.99 4.56 5.82
N ILE A 125 4.84 4.46 5.16
CA ILE A 125 4.82 4.39 3.71
C ILE A 125 4.22 5.66 3.11
N THR A 126 5.05 6.34 2.37
CA THR A 126 4.67 7.58 1.68
C THR A 126 4.71 7.38 0.18
N SER A 127 3.93 8.17 -0.55
CA SER A 127 3.89 8.07 -2.00
C SER A 127 3.63 9.45 -2.60
N GLU A 128 4.00 10.46 -1.84
CA GLU A 128 3.80 11.84 -2.25
C GLU A 128 5.12 12.59 -2.31
N LEU A 129 6.10 11.99 -2.98
CA LEU A 129 7.42 12.60 -3.12
C LEU A 129 7.83 12.72 -4.59
N MET A 130 6.85 12.60 -5.47
CA MET A 130 7.08 12.67 -6.91
C MET A 130 7.94 11.52 -7.40
N GLY A 131 8.03 10.48 -6.58
CA GLY A 131 8.82 9.32 -6.94
C GLY A 131 7.98 8.18 -7.45
N LEU A 132 7.29 8.42 -8.58
CA LEU A 132 6.44 7.40 -9.17
C LEU A 132 7.19 6.60 -10.23
N ASP A 133 8.42 6.19 -9.90
CA ASP A 133 9.24 5.42 -10.81
C ASP A 133 9.50 6.20 -12.11
N ARG A 134 9.49 7.52 -12.01
CA ARG A 134 9.72 8.38 -13.17
C ARG A 134 11.22 8.55 -13.43
N LYS A 135 11.94 8.94 -12.38
CA LYS A 135 13.38 9.14 -12.49
C LYS A 135 14.14 7.89 -12.06
N LEU A 136 13.45 6.99 -11.35
CA LEU A 136 14.07 5.76 -10.87
C LEU A 136 14.26 4.77 -12.04
N GLU A 137 14.29 3.48 -11.73
CA GLU A 137 14.46 2.44 -12.74
C GLU A 137 15.90 2.42 -13.26
N ASP A 138 16.36 3.55 -13.77
CA ASP A 138 17.72 3.67 -14.29
C ASP A 138 18.49 4.74 -13.53
N TYR A 139 19.64 5.14 -14.08
CA TYR A 139 20.46 6.16 -13.44
C TYR A 139 20.94 5.70 -12.07
N HIS A 140 22.24 5.50 -11.94
CA HIS A 140 22.82 5.06 -10.67
C HIS A 140 23.45 6.23 -9.92
N ALA A 141 23.53 6.10 -8.60
CA ALA A 141 24.11 7.15 -7.76
C ALA A 141 24.67 6.57 -6.47
N MET A 1 36.55 -25.73 -23.79
CA MET A 1 37.91 -25.17 -24.02
C MET A 1 38.08 -23.80 -23.35
N SER A 2 37.35 -22.82 -23.84
CA SER A 2 37.41 -21.47 -23.29
C SER A 2 36.20 -20.64 -23.72
N VAL A 3 35.35 -20.31 -22.76
CA VAL A 3 34.15 -19.53 -23.04
C VAL A 3 34.51 -18.18 -23.65
N ASN A 4 33.48 -17.41 -24.00
CA ASN A 4 33.69 -16.10 -24.60
C ASN A 4 33.25 -14.98 -23.65
N SER A 5 34.09 -13.96 -23.50
CA SER A 5 33.78 -12.84 -22.63
C SER A 5 32.80 -11.88 -23.30
N ASN A 6 32.58 -10.73 -22.66
CA ASN A 6 31.67 -9.72 -23.21
C ASN A 6 30.26 -10.29 -23.34
N ALA A 7 29.85 -11.10 -22.37
CA ALA A 7 28.52 -11.70 -22.38
C ALA A 7 27.43 -10.64 -22.31
N TYR A 8 26.19 -11.08 -22.20
CA TYR A 8 25.06 -10.17 -22.11
C TYR A 8 24.20 -10.46 -20.89
N ASP A 9 24.78 -11.13 -19.91
CA ASP A 9 24.06 -11.47 -18.69
C ASP A 9 23.46 -10.23 -18.04
N ALA A 10 23.98 -9.09 -18.42
CA ALA A 10 23.49 -7.81 -17.91
C ALA A 10 22.16 -7.44 -18.56
N GLY A 11 21.89 -8.04 -19.72
CA GLY A 11 20.66 -7.77 -20.42
C GLY A 11 19.85 -9.02 -20.73
N ILE A 12 20.45 -10.20 -20.53
CA ILE A 12 19.73 -11.45 -20.81
C ILE A 12 18.49 -11.58 -19.96
N MET A 13 18.48 -10.87 -18.87
CA MET A 13 17.34 -10.88 -17.97
C MET A 13 16.33 -9.82 -18.41
N GLY A 14 16.59 -9.24 -19.58
CA GLY A 14 15.71 -8.22 -20.11
C GLY A 14 15.42 -8.42 -21.59
N LEU A 15 16.47 -8.62 -22.38
CA LEU A 15 16.33 -8.82 -23.82
C LEU A 15 15.49 -10.07 -24.11
N LYS A 16 16.13 -11.24 -24.06
CA LYS A 16 15.44 -12.50 -24.32
C LYS A 16 14.88 -13.09 -23.03
N GLY A 17 14.92 -12.31 -21.97
CA GLY A 17 14.39 -12.76 -20.69
C GLY A 17 13.17 -11.97 -20.27
N LYS A 18 13.08 -10.74 -20.75
CA LYS A 18 11.96 -9.87 -20.44
C LYS A 18 11.37 -9.29 -21.70
N ASP A 19 10.53 -10.09 -22.36
CA ASP A 19 9.90 -9.68 -23.61
C ASP A 19 8.38 -9.61 -23.46
N PHE A 20 7.83 -10.41 -22.54
CA PHE A 20 6.39 -10.43 -22.31
C PHE A 20 5.99 -9.47 -21.21
N ALA A 21 6.89 -8.56 -20.86
CA ALA A 21 6.64 -7.58 -19.83
C ALA A 21 5.81 -6.41 -20.33
N ASP A 22 5.59 -6.41 -21.64
CA ASP A 22 4.81 -5.37 -22.29
C ASP A 22 3.33 -5.70 -22.30
N GLN A 23 2.95 -6.71 -21.55
CA GLN A 23 1.55 -7.14 -21.46
C GLN A 23 1.16 -7.49 -20.03
N PHE A 24 2.01 -7.10 -19.08
CA PHE A 24 1.77 -7.36 -17.67
C PHE A 24 0.96 -6.22 -17.07
N PHE A 25 1.46 -4.99 -17.23
CA PHE A 25 0.79 -3.81 -16.71
C PHE A 25 0.47 -2.85 -17.84
N ALA A 26 -0.82 -2.71 -18.16
CA ALA A 26 -1.25 -1.82 -19.22
C ALA A 26 -1.55 -0.43 -18.72
N ASP A 27 -1.60 -0.30 -17.41
CA ASP A 27 -1.89 0.98 -16.79
C ASP A 27 -0.68 1.90 -16.76
N GLU A 28 0.38 1.48 -17.45
CA GLU A 28 1.60 2.27 -17.51
C GLU A 28 1.54 3.24 -18.69
N ASN A 29 0.64 2.96 -19.63
CA ASN A 29 0.49 3.80 -20.81
C ASN A 29 -0.62 4.84 -20.61
N GLN A 30 -1.02 5.02 -19.36
CA GLN A 30 -2.07 5.98 -19.02
C GLN A 30 -1.49 7.21 -18.35
N VAL A 31 -2.04 8.38 -18.68
CA VAL A 31 -1.58 9.64 -18.12
C VAL A 31 -2.21 9.88 -16.75
N VAL A 32 -1.37 10.26 -15.79
CA VAL A 32 -1.84 10.54 -14.43
C VAL A 32 -1.75 12.03 -14.16
N HIS A 33 -2.80 12.60 -13.58
CA HIS A 33 -2.80 14.02 -13.28
C HIS A 33 -2.73 14.25 -11.78
N GLU A 34 -1.62 14.86 -11.36
CA GLU A 34 -1.38 15.17 -9.95
C GLU A 34 -1.99 14.13 -9.01
N SER A 35 -1.50 12.90 -9.10
CA SER A 35 -2.00 11.81 -8.27
C SER A 35 -0.89 11.26 -7.38
N ASP A 36 -1.00 11.52 -6.07
CA ASP A 36 -0.02 11.04 -5.11
C ASP A 36 -0.69 10.34 -3.94
N THR A 37 -1.76 9.61 -4.24
CA THR A 37 -2.50 8.88 -3.21
C THR A 37 -1.69 7.71 -2.69
N VAL A 38 -1.76 7.49 -1.38
CA VAL A 38 -1.03 6.40 -0.74
C VAL A 38 -1.88 5.12 -0.78
N VAL A 39 -1.58 4.26 -1.74
CA VAL A 39 -2.33 3.02 -1.91
C VAL A 39 -1.53 1.79 -1.47
N LEU A 40 -2.25 0.81 -0.92
CA LEU A 40 -1.65 -0.43 -0.46
C LEU A 40 -2.66 -1.57 -0.58
N VAL A 41 -2.40 -2.48 -1.51
CA VAL A 41 -3.31 -3.60 -1.72
C VAL A 41 -2.71 -4.92 -1.25
N LEU A 42 -3.48 -5.63 -0.42
CA LEU A 42 -3.07 -6.92 0.11
C LEU A 42 -4.14 -7.95 -0.17
N LYS A 43 -3.73 -9.17 -0.53
CA LYS A 43 -4.67 -10.25 -0.83
C LYS A 43 -5.70 -10.43 0.29
N LYS A 44 -6.98 -10.39 -0.09
CA LYS A 44 -8.06 -10.56 0.88
C LYS A 44 -7.94 -11.89 1.61
N SER A 45 -7.20 -11.88 2.70
CA SER A 45 -7.00 -13.08 3.50
C SER A 45 -7.38 -12.82 4.94
N ASP A 46 -7.45 -13.88 5.73
CA ASP A 46 -7.75 -13.73 7.16
C ASP A 46 -6.62 -12.98 7.85
N GLU A 47 -5.72 -12.42 7.06
CA GLU A 47 -4.58 -11.66 7.55
C GLU A 47 -4.88 -10.17 7.50
N ILE A 48 -5.19 -9.66 6.31
CA ILE A 48 -5.52 -8.24 6.16
C ILE A 48 -6.75 -7.91 6.99
N ASN A 49 -7.74 -8.80 6.90
CA ASN A 49 -8.99 -8.61 7.62
C ASN A 49 -8.78 -8.07 9.04
N THR A 50 -8.06 -8.82 9.86
CA THR A 50 -7.81 -8.41 11.23
C THR A 50 -6.94 -7.16 11.33
N PHE A 51 -5.64 -7.30 11.07
CA PHE A 51 -4.72 -6.17 11.17
C PHE A 51 -5.32 -4.90 10.59
N ILE A 52 -5.71 -4.93 9.32
CA ILE A 52 -6.29 -3.74 8.70
C ILE A 52 -7.28 -3.08 9.66
N GLU A 53 -8.13 -3.89 10.27
CA GLU A 53 -9.09 -3.38 11.24
C GLU A 53 -8.35 -2.66 12.35
N GLU A 54 -7.38 -3.36 12.95
CA GLU A 54 -6.59 -2.80 14.02
C GLU A 54 -5.70 -1.66 13.50
N ILE A 55 -4.46 -1.97 13.15
CA ILE A 55 -3.47 -1.00 12.64
C ILE A 55 -4.12 0.30 12.12
N LEU A 56 -4.99 0.18 11.14
CA LEU A 56 -5.64 1.34 10.55
C LEU A 56 -6.50 2.11 11.55
N LEU A 57 -7.68 1.58 11.85
CA LEU A 57 -8.59 2.25 12.75
C LEU A 57 -8.04 2.37 14.17
N THR A 58 -7.01 1.60 14.48
CA THR A 58 -6.39 1.67 15.80
C THR A 58 -5.76 3.03 16.01
N ASP A 59 -4.64 3.24 15.35
CA ASP A 59 -3.89 4.49 15.47
C ASP A 59 -4.44 5.60 14.58
N TYR A 60 -4.97 5.25 13.41
CA TYR A 60 -5.48 6.26 12.49
C TYR A 60 -6.78 6.88 12.98
N LYS A 61 -7.60 6.12 13.69
CA LYS A 61 -8.85 6.65 14.20
C LYS A 61 -8.65 7.37 15.52
N LYS A 62 -7.91 6.74 16.43
CA LYS A 62 -7.64 7.34 17.73
C LYS A 62 -6.96 8.69 17.58
N ASN A 63 -5.91 8.74 16.76
CA ASN A 63 -5.18 9.98 16.53
C ASN A 63 -4.02 9.77 15.55
N VAL A 64 -4.23 10.16 14.31
CA VAL A 64 -3.22 10.02 13.28
C VAL A 64 -3.69 10.63 11.96
N ASN A 65 -4.87 10.21 11.52
CA ASN A 65 -5.42 10.71 10.26
C ASN A 65 -6.81 10.16 9.99
N PRO A 66 -7.72 11.01 9.49
CA PRO A 66 -9.09 10.60 9.16
C PRO A 66 -9.19 9.93 7.79
N THR A 67 -8.05 9.76 7.14
CA THR A 67 -7.99 9.13 5.83
C THR A 67 -7.77 7.61 5.97
N VAL A 68 -6.61 7.12 5.51
CA VAL A 68 -6.27 5.70 5.60
C VAL A 68 -7.50 4.80 5.61
N ASN A 69 -8.45 5.11 4.73
CA ASN A 69 -9.68 4.35 4.63
C ASN A 69 -9.52 3.17 3.68
N VAL A 70 -10.08 2.02 4.07
CA VAL A 70 -9.99 0.82 3.25
C VAL A 70 -11.24 0.63 2.39
N GLU A 71 -11.05 -0.02 1.26
CA GLU A 71 -12.14 -0.29 0.34
C GLU A 71 -11.97 -1.65 -0.33
N ASP A 72 -12.91 -2.55 -0.08
CA ASP A 72 -12.86 -3.89 -0.66
C ASP A 72 -13.38 -3.86 -2.10
N ARG A 73 -12.56 -4.34 -3.03
CA ARG A 73 -12.95 -4.35 -4.44
C ARG A 73 -13.16 -5.78 -4.96
N ALA A 74 -12.36 -6.18 -5.93
CA ALA A 74 -12.48 -7.52 -6.51
C ALA A 74 -12.24 -8.61 -5.49
N GLY A 75 -10.97 -8.94 -5.23
CA GLY A 75 -10.66 -9.98 -4.27
C GLY A 75 -9.57 -9.58 -3.30
N TYR A 76 -9.31 -8.28 -3.19
CA TYR A 76 -8.29 -7.77 -2.27
C TYR A 76 -8.74 -6.46 -1.64
N TRP A 77 -8.19 -6.15 -0.48
CA TRP A 77 -8.52 -4.91 0.21
C TRP A 77 -7.81 -3.74 -0.46
N TRP A 78 -8.58 -2.73 -0.84
CA TRP A 78 -8.02 -1.54 -1.47
C TRP A 78 -7.81 -0.46 -0.43
N ILE A 79 -6.56 -0.22 -0.06
CA ILE A 79 -6.23 0.77 0.95
C ILE A 79 -5.85 2.08 0.29
N LYS A 80 -6.56 3.14 0.62
CA LYS A 80 -6.30 4.45 0.06
C LYS A 80 -6.16 5.50 1.16
N ALA A 81 -5.15 6.36 1.02
CA ALA A 81 -4.91 7.41 2.00
C ALA A 81 -4.45 8.69 1.31
N ASN A 82 -4.71 9.83 1.94
CA ASN A 82 -4.31 11.11 1.36
C ASN A 82 -3.08 11.70 2.08
N GLY A 83 -2.09 12.08 1.29
CA GLY A 83 -0.88 12.66 1.87
C GLY A 83 0.19 11.63 2.18
N LYS A 84 -0.08 10.78 3.15
CA LYS A 84 0.88 9.75 3.57
C LYS A 84 0.32 8.93 4.72
N ILE A 85 0.83 7.71 4.87
CA ILE A 85 0.38 6.82 5.93
C ILE A 85 1.58 6.02 6.44
N GLU A 86 1.50 5.56 7.69
CA GLU A 86 2.58 4.79 8.27
C GLU A 86 2.04 3.66 9.14
N VAL A 87 2.47 2.44 8.83
CA VAL A 87 2.02 1.25 9.55
C VAL A 87 3.01 0.87 10.67
N ASP A 88 2.46 0.67 11.86
CA ASP A 88 3.27 0.29 13.02
C ASP A 88 3.63 -1.18 12.92
N CYS A 89 4.76 -1.55 13.51
CA CYS A 89 5.21 -2.94 13.49
C CYS A 89 5.08 -3.54 14.88
N ASP A 90 4.01 -4.31 15.06
CA ASP A 90 3.71 -4.96 16.33
C ASP A 90 2.24 -5.33 16.37
N GLU A 91 1.42 -4.48 15.79
CA GLU A 91 -0.02 -4.72 15.74
C GLU A 91 -0.32 -5.87 14.78
N ILE A 92 -0.13 -5.62 13.48
CA ILE A 92 -0.37 -6.63 12.47
C ILE A 92 0.50 -7.85 12.72
N SER A 93 1.80 -7.64 12.87
CA SER A 93 2.74 -8.72 13.11
C SER A 93 2.30 -9.60 14.28
N GLU A 94 1.66 -9.00 15.28
CA GLU A 94 1.20 -9.74 16.44
C GLU A 94 0.16 -10.78 16.05
N LEU A 95 -0.80 -10.37 15.22
CA LEU A 95 -1.87 -11.25 14.78
C LEU A 95 -1.50 -11.99 13.49
N LEU A 96 -0.54 -11.45 12.76
CA LEU A 96 -0.11 -12.05 11.50
C LEU A 96 1.15 -12.90 11.70
N GLY A 97 1.51 -13.10 12.96
CA GLY A 97 2.68 -13.90 13.27
C GLY A 97 3.60 -13.21 14.25
N ARG A 98 3.15 -13.07 15.49
CA ARG A 98 3.93 -12.41 16.53
C ARG A 98 5.42 -12.77 16.43
N GLN A 99 6.25 -11.92 17.01
CA GLN A 99 7.69 -12.13 16.97
C GLN A 99 8.21 -12.08 15.54
N PHE A 100 7.40 -11.51 14.66
CA PHE A 100 7.76 -11.38 13.25
C PHE A 100 8.77 -10.27 13.05
N ASN A 101 9.01 -9.90 11.80
CA ASN A 101 9.97 -8.84 11.47
C ASN A 101 9.35 -7.81 10.53
N VAL A 102 9.83 -6.57 10.64
CA VAL A 102 9.34 -5.48 9.80
C VAL A 102 9.67 -5.73 8.33
N TYR A 103 9.05 -4.96 7.44
CA TYR A 103 9.26 -5.11 6.00
C TYR A 103 8.61 -6.39 5.48
N ASP A 104 7.85 -7.06 6.35
CA ASP A 104 7.16 -8.29 5.96
C ASP A 104 5.89 -7.96 5.19
N PHE A 105 5.28 -6.81 5.50
CA PHE A 105 4.06 -6.38 4.84
C PHE A 105 4.37 -5.74 3.48
N LEU A 106 5.64 -5.66 3.13
CA LEU A 106 6.05 -5.07 1.85
C LEU A 106 7.28 -5.78 1.30
N VAL A 107 7.42 -7.05 1.62
CA VAL A 107 8.55 -7.85 1.16
C VAL A 107 8.27 -8.46 -0.22
N ASP A 108 7.00 -8.79 -0.47
CA ASP A 108 6.61 -9.39 -1.74
C ASP A 108 5.10 -9.55 -1.81
N VAL A 109 4.38 -8.58 -1.24
CA VAL A 109 2.93 -8.61 -1.23
C VAL A 109 2.36 -8.40 -2.63
N SER A 110 1.05 -8.65 -2.77
CA SER A 110 0.37 -8.50 -4.05
C SER A 110 0.71 -7.15 -4.69
N SER A 111 0.65 -6.09 -3.91
CA SER A 111 0.95 -4.76 -4.42
C SER A 111 0.86 -3.71 -3.31
N THR A 112 1.39 -2.51 -3.57
CA THR A 112 1.36 -1.45 -2.58
C THR A 112 2.08 -0.20 -3.09
N ILE A 113 1.30 0.80 -3.51
CA ILE A 113 1.87 2.04 -4.01
C ILE A 113 2.26 2.96 -2.87
N GLY A 114 3.56 3.24 -2.80
CA GLY A 114 4.09 4.11 -1.77
C GLY A 114 5.44 3.64 -1.27
N ARG A 115 6.33 4.58 -0.99
CA ARG A 115 7.66 4.25 -0.51
C ARG A 115 7.61 3.87 0.97
N ALA A 116 8.02 2.63 1.28
CA ALA A 116 8.02 2.16 2.66
C ALA A 116 9.42 2.06 3.23
N TYR A 117 9.62 2.71 4.38
CA TYR A 117 10.90 2.70 5.06
C TYR A 117 10.69 2.40 6.54
N THR A 118 11.38 1.37 7.04
CA THR A 118 11.23 0.98 8.43
C THR A 118 12.25 1.69 9.33
N LEU A 119 11.85 1.89 10.58
CA LEU A 119 12.70 2.54 11.57
C LEU A 119 12.27 2.10 12.97
N GLY A 120 13.15 1.40 13.67
CA GLY A 120 12.82 0.93 15.01
C GLY A 120 11.62 0.01 14.98
N ASN A 121 10.48 0.51 15.45
CA ASN A 121 9.26 -0.28 15.46
C ASN A 121 8.10 0.57 14.97
N LYS A 122 7.97 0.65 13.65
CA LYS A 122 6.90 1.42 13.00
C LYS A 122 7.35 1.85 11.61
N PHE A 123 6.92 1.12 10.58
CA PHE A 123 7.29 1.45 9.21
C PHE A 123 6.27 2.39 8.59
N THR A 124 6.77 3.45 7.94
CA THR A 124 5.90 4.43 7.31
C THR A 124 5.94 4.32 5.80
N ILE A 125 4.78 4.48 5.15
CA ILE A 125 4.72 4.42 3.70
C ILE A 125 4.25 5.75 3.13
N THR A 126 5.12 6.34 2.35
CA THR A 126 4.86 7.61 1.70
C THR A 126 4.42 7.40 0.25
N SER A 127 3.70 8.36 -0.30
CA SER A 127 3.23 8.26 -1.68
C SER A 127 3.19 9.65 -2.31
N GLU A 128 3.93 10.57 -1.71
CA GLU A 128 3.99 11.94 -2.16
C GLU A 128 5.41 12.35 -2.51
N LEU A 129 5.68 12.49 -3.80
CA LEU A 129 7.00 12.89 -4.28
C LEU A 129 6.95 13.22 -5.77
N MET A 130 6.92 14.51 -6.07
CA MET A 130 6.87 14.97 -7.46
C MET A 130 7.77 16.19 -7.66
N GLY A 131 8.66 16.42 -6.71
CA GLY A 131 9.57 17.55 -6.79
C GLY A 131 10.84 17.21 -7.56
N LEU A 132 11.49 16.12 -7.15
CA LEU A 132 12.73 15.69 -7.81
C LEU A 132 13.82 16.74 -7.65
N ASP A 133 14.89 16.37 -6.96
CA ASP A 133 16.01 17.28 -6.75
C ASP A 133 17.34 16.58 -6.95
N ARG A 134 17.38 15.65 -7.91
CA ARG A 134 18.60 14.90 -8.21
C ARG A 134 19.77 15.86 -8.47
N LYS A 135 19.50 16.87 -9.30
CA LYS A 135 20.52 17.85 -9.64
C LYS A 135 20.10 19.24 -9.14
N LEU A 136 19.36 19.25 -8.03
CA LEU A 136 18.88 20.50 -7.45
C LEU A 136 19.00 20.46 -5.92
N GLU A 137 18.23 21.32 -5.24
CA GLU A 137 18.24 21.38 -3.79
C GLU A 137 19.53 22.02 -3.27
N ASP A 138 20.65 21.42 -3.64
CA ASP A 138 21.96 21.91 -3.21
C ASP A 138 22.90 22.10 -4.40
N TYR A 139 23.68 23.16 -4.38
CA TYR A 139 24.62 23.44 -5.46
C TYR A 139 25.77 24.30 -4.95
N HIS A 140 26.57 23.74 -4.06
CA HIS A 140 27.72 24.46 -3.50
C HIS A 140 28.99 23.61 -3.60
N ALA A 141 30.13 24.29 -3.75
CA ALA A 141 31.40 23.60 -3.86
C ALA A 141 32.56 24.55 -3.56
N MET A 1 26.92 -13.47 -11.42
CA MET A 1 28.14 -12.63 -11.44
C MET A 1 29.39 -13.48 -11.26
N SER A 2 29.33 -14.72 -11.73
CA SER A 2 30.47 -15.64 -11.62
C SER A 2 30.55 -16.54 -12.86
N VAL A 3 31.37 -17.58 -12.77
CA VAL A 3 31.54 -18.51 -13.87
C VAL A 3 30.22 -19.15 -14.26
N ASN A 4 30.24 -19.96 -15.32
CA ASN A 4 29.04 -20.63 -15.80
C ASN A 4 28.63 -21.76 -14.86
N SER A 5 27.37 -21.77 -14.46
CA SER A 5 26.85 -22.80 -13.57
C SER A 5 26.19 -23.92 -14.35
N ASN A 6 26.93 -25.01 -14.55
CA ASN A 6 26.41 -26.17 -15.28
C ASN A 6 26.74 -27.46 -14.55
N ALA A 7 25.72 -28.07 -13.94
CA ALA A 7 25.91 -29.32 -13.22
C ALA A 7 24.72 -30.25 -13.41
N TYR A 8 24.80 -31.41 -12.78
CA TYR A 8 23.73 -32.40 -12.85
C TYR A 8 22.46 -31.90 -12.18
N ASP A 9 21.34 -32.03 -12.88
CA ASP A 9 20.03 -31.62 -12.35
C ASP A 9 20.08 -30.30 -11.62
N ALA A 10 20.63 -30.37 -10.41
CA ALA A 10 20.78 -29.21 -9.55
C ALA A 10 21.63 -28.13 -10.20
N GLY A 11 22.24 -28.45 -11.34
CA GLY A 11 23.07 -27.49 -12.01
C GLY A 11 22.49 -27.04 -13.34
N ILE A 12 21.57 -27.83 -13.90
CA ILE A 12 20.97 -27.47 -15.19
C ILE A 12 19.52 -27.02 -15.06
N MET A 13 19.35 -25.88 -14.43
CA MET A 13 18.02 -25.31 -14.24
C MET A 13 18.05 -23.80 -14.44
N GLY A 14 19.13 -23.32 -15.02
CA GLY A 14 19.29 -21.89 -15.26
C GLY A 14 19.64 -21.60 -16.71
N LEU A 15 20.53 -22.41 -17.28
CA LEU A 15 20.96 -22.23 -18.66
C LEU A 15 19.77 -22.38 -19.61
N LYS A 16 19.33 -23.62 -19.82
CA LYS A 16 18.19 -23.88 -20.70
C LYS A 16 16.92 -24.08 -19.90
N GLY A 17 16.99 -23.80 -18.61
CA GLY A 17 15.83 -23.93 -17.74
C GLY A 17 15.32 -22.59 -17.27
N LYS A 18 16.21 -21.60 -17.26
CA LYS A 18 15.86 -20.25 -16.85
C LYS A 18 16.28 -19.25 -17.92
N ASP A 19 15.46 -19.13 -18.94
CA ASP A 19 15.74 -18.22 -20.04
C ASP A 19 14.63 -17.19 -20.22
N PHE A 20 13.40 -17.61 -19.99
CA PHE A 20 12.25 -16.72 -20.12
C PHE A 20 12.02 -15.92 -18.85
N ALA A 21 13.01 -15.91 -17.97
CA ALA A 21 12.91 -15.19 -16.71
C ALA A 21 12.62 -13.71 -16.96
N ASP A 22 12.63 -12.92 -15.89
CA ASP A 22 12.35 -11.49 -16.00
C ASP A 22 10.94 -11.25 -16.53
N GLN A 23 10.14 -12.30 -16.52
CA GLN A 23 8.77 -12.24 -16.98
C GLN A 23 7.85 -13.11 -16.13
N PHE A 24 8.39 -13.60 -15.02
CA PHE A 24 7.63 -14.43 -14.10
C PHE A 24 6.89 -13.57 -13.09
N PHE A 25 7.62 -12.69 -12.42
CA PHE A 25 7.05 -11.79 -11.44
C PHE A 25 7.29 -10.34 -11.83
N ALA A 26 6.22 -9.65 -12.21
CA ALA A 26 6.33 -8.24 -12.62
C ALA A 26 6.13 -7.31 -11.44
N ASP A 27 5.68 -7.87 -10.35
CA ASP A 27 5.42 -7.07 -9.17
C ASP A 27 6.71 -6.73 -8.42
N GLU A 28 7.84 -7.04 -9.03
CA GLU A 28 9.14 -6.74 -8.42
C GLU A 28 9.56 -5.32 -8.75
N ASN A 29 8.96 -4.74 -9.79
CA ASN A 29 9.27 -3.37 -10.19
C ASN A 29 8.15 -2.80 -11.05
N GLN A 30 7.28 -2.03 -10.42
CA GLN A 30 6.15 -1.42 -11.11
C GLN A 30 6.38 0.08 -11.28
N VAL A 31 5.71 0.67 -12.27
CA VAL A 31 5.83 2.10 -12.53
C VAL A 31 4.60 2.86 -12.03
N VAL A 32 4.82 4.05 -11.50
CA VAL A 32 3.74 4.88 -11.00
C VAL A 32 3.55 6.08 -11.92
N HIS A 33 2.31 6.38 -12.25
CA HIS A 33 2.05 7.51 -13.12
C HIS A 33 1.36 8.64 -12.36
N GLU A 34 2.08 9.76 -12.25
CA GLU A 34 1.58 10.96 -11.57
C GLU A 34 0.54 10.64 -10.49
N SER A 35 0.95 9.87 -9.49
CA SER A 35 0.06 9.49 -8.40
C SER A 35 0.59 9.97 -7.06
N ASP A 36 -0.11 10.93 -6.46
CA ASP A 36 0.28 11.49 -5.18
C ASP A 36 -0.41 10.76 -4.03
N THR A 37 -1.50 10.07 -4.33
CA THR A 37 -2.25 9.34 -3.31
C THR A 37 -1.49 8.10 -2.86
N VAL A 38 -1.63 7.77 -1.58
CA VAL A 38 -0.97 6.61 -1.00
C VAL A 38 -1.85 5.38 -1.14
N VAL A 39 -1.53 4.52 -2.11
CA VAL A 39 -2.32 3.33 -2.35
C VAL A 39 -1.51 2.06 -2.10
N LEU A 40 -2.22 0.99 -1.76
CA LEU A 40 -1.58 -0.30 -1.51
C LEU A 40 -2.63 -1.37 -1.31
N VAL A 41 -2.51 -2.46 -2.05
CA VAL A 41 -3.46 -3.56 -1.95
C VAL A 41 -2.82 -4.80 -1.35
N LEU A 42 -3.53 -5.42 -0.41
CA LEU A 42 -3.07 -6.63 0.26
C LEU A 42 -4.13 -7.72 0.14
N LYS A 43 -3.70 -8.95 -0.08
CA LYS A 43 -4.63 -10.07 -0.22
C LYS A 43 -5.60 -10.09 0.95
N LYS A 44 -6.90 -10.17 0.66
CA LYS A 44 -7.90 -10.18 1.70
C LYS A 44 -7.95 -11.56 2.37
N SER A 45 -7.15 -11.69 3.41
CA SER A 45 -7.07 -12.91 4.18
C SER A 45 -7.30 -12.61 5.64
N ASP A 46 -7.45 -13.65 6.46
CA ASP A 46 -7.62 -13.45 7.90
C ASP A 46 -6.53 -12.53 8.42
N GLU A 47 -5.49 -12.32 7.62
CA GLU A 47 -4.37 -11.46 7.97
C GLU A 47 -4.80 -10.00 7.93
N ILE A 48 -5.21 -9.54 6.74
CA ILE A 48 -5.65 -8.15 6.59
C ILE A 48 -6.92 -7.92 7.40
N ASN A 49 -7.83 -8.89 7.34
CA ASN A 49 -9.09 -8.80 8.07
C ASN A 49 -8.90 -8.21 9.47
N THR A 50 -8.06 -8.85 10.27
CA THR A 50 -7.80 -8.40 11.63
C THR A 50 -6.85 -7.22 11.67
N PHE A 51 -5.62 -7.42 11.20
CA PHE A 51 -4.61 -6.36 11.21
C PHE A 51 -5.18 -5.04 10.72
N ILE A 52 -5.96 -5.08 9.64
CA ILE A 52 -6.56 -3.86 9.12
C ILE A 52 -7.51 -3.26 10.16
N GLU A 53 -8.36 -4.12 10.71
CA GLU A 53 -9.31 -3.68 11.73
C GLU A 53 -8.58 -2.95 12.86
N GLU A 54 -7.40 -3.44 13.20
CA GLU A 54 -6.60 -2.84 14.25
C GLU A 54 -5.79 -1.67 13.70
N ILE A 55 -4.73 -1.98 12.96
CA ILE A 55 -3.86 -0.96 12.37
C ILE A 55 -4.60 0.33 11.99
N LEU A 56 -5.66 0.17 11.21
CA LEU A 56 -6.44 1.31 10.71
C LEU A 56 -7.38 1.92 11.75
N LEU A 57 -8.05 1.09 12.55
CA LEU A 57 -8.97 1.62 13.54
C LEU A 57 -8.22 2.05 14.78
N THR A 58 -7.34 1.18 15.25
CA THR A 58 -6.53 1.45 16.42
C THR A 58 -5.80 2.78 16.30
N ASP A 59 -4.84 2.82 15.39
CA ASP A 59 -4.03 4.02 15.21
C ASP A 59 -4.55 4.99 14.16
N TYR A 60 -5.18 4.51 13.09
CA TYR A 60 -5.66 5.43 12.06
C TYR A 60 -7.00 6.05 12.39
N LYS A 61 -7.58 5.65 13.50
CA LYS A 61 -8.85 6.20 13.94
C LYS A 61 -8.71 6.95 15.25
N LYS A 62 -7.96 6.38 16.19
CA LYS A 62 -7.75 7.01 17.49
C LYS A 62 -7.12 8.39 17.34
N ASN A 63 -6.02 8.46 16.60
CA ASN A 63 -5.32 9.73 16.40
C ASN A 63 -4.10 9.58 15.51
N VAL A 64 -4.32 9.73 14.22
CA VAL A 64 -3.27 9.63 13.21
C VAL A 64 -3.69 10.31 11.93
N ASN A 65 -4.86 9.92 11.43
CA ASN A 65 -5.40 10.50 10.19
C ASN A 65 -6.65 9.76 9.73
N PRO A 66 -7.72 10.49 9.37
CA PRO A 66 -8.96 9.88 8.90
C PRO A 66 -8.86 9.45 7.43
N THR A 67 -7.88 10.00 6.73
CA THR A 67 -7.69 9.68 5.31
C THR A 67 -7.61 8.17 5.09
N VAL A 68 -6.77 7.49 5.86
CA VAL A 68 -6.61 6.03 5.75
C VAL A 68 -7.97 5.34 5.62
N ASN A 69 -8.47 5.22 4.40
CA ASN A 69 -9.75 4.57 4.16
C ASN A 69 -9.60 3.31 3.32
N VAL A 70 -10.34 2.26 3.69
CA VAL A 70 -10.30 1.01 2.98
C VAL A 70 -11.52 0.83 2.07
N GLU A 71 -11.34 0.05 1.02
CA GLU A 71 -12.40 -0.24 0.08
C GLU A 71 -12.32 -1.68 -0.40
N ASP A 72 -13.44 -2.38 -0.33
CA ASP A 72 -13.50 -3.78 -0.75
C ASP A 72 -13.67 -3.88 -2.26
N ARG A 73 -12.65 -4.44 -2.92
CA ARG A 73 -12.68 -4.60 -4.37
C ARG A 73 -13.30 -5.96 -4.75
N ALA A 74 -12.82 -6.55 -5.84
CA ALA A 74 -13.33 -7.84 -6.30
C ALA A 74 -13.16 -8.92 -5.24
N GLY A 75 -12.23 -8.70 -4.32
CA GLY A 75 -12.00 -9.67 -3.26
C GLY A 75 -10.99 -9.19 -2.24
N TYR A 76 -9.98 -8.45 -2.70
CA TYR A 76 -8.95 -7.93 -1.81
C TYR A 76 -9.35 -6.56 -1.26
N TRP A 77 -8.73 -6.18 -0.15
CA TRP A 77 -9.00 -4.88 0.45
C TRP A 77 -8.19 -3.79 -0.22
N TRP A 78 -8.79 -2.63 -0.36
CA TRP A 78 -8.12 -1.49 -0.98
C TRP A 78 -7.87 -0.39 0.04
N ILE A 79 -6.62 -0.18 0.41
CA ILE A 79 -6.28 0.85 1.37
C ILE A 79 -5.76 2.10 0.66
N LYS A 80 -6.49 3.21 0.84
CA LYS A 80 -6.11 4.47 0.19
C LYS A 80 -5.99 5.60 1.20
N ALA A 81 -4.95 6.40 1.06
CA ALA A 81 -4.71 7.53 1.94
C ALA A 81 -4.13 8.71 1.18
N ASN A 82 -4.27 9.91 1.74
CA ASN A 82 -3.75 11.11 1.09
C ASN A 82 -2.54 11.67 1.84
N GLY A 83 -1.51 12.05 1.10
CA GLY A 83 -0.32 12.60 1.70
C GLY A 83 0.69 11.53 2.09
N LYS A 84 0.36 10.74 3.10
CA LYS A 84 1.26 9.69 3.57
C LYS A 84 0.66 8.93 4.75
N ILE A 85 1.18 7.74 5.01
CA ILE A 85 0.71 6.92 6.12
C ILE A 85 1.85 6.01 6.60
N GLU A 86 1.77 5.56 7.84
CA GLU A 86 2.82 4.70 8.39
C GLU A 86 2.24 3.61 9.28
N VAL A 87 2.59 2.36 8.96
CA VAL A 87 2.11 1.21 9.72
C VAL A 87 3.10 0.80 10.79
N ASP A 88 2.62 0.68 12.02
CA ASP A 88 3.45 0.27 13.15
C ASP A 88 3.69 -1.23 13.10
N CYS A 89 4.81 -1.67 13.66
CA CYS A 89 5.14 -3.08 13.68
C CYS A 89 4.98 -3.63 15.09
N ASP A 90 3.86 -4.27 15.31
CA ASP A 90 3.53 -4.84 16.61
C ASP A 90 2.05 -5.18 16.64
N GLU A 91 1.25 -4.34 16.00
CA GLU A 91 -0.19 -4.56 15.95
C GLU A 91 -0.49 -5.72 14.99
N ILE A 92 -0.34 -5.46 13.70
CA ILE A 92 -0.57 -6.51 12.71
C ILE A 92 0.29 -7.72 13.01
N SER A 93 1.61 -7.52 13.03
CA SER A 93 2.56 -8.59 13.30
C SER A 93 2.12 -9.46 14.48
N GLU A 94 1.53 -8.83 15.50
CA GLU A 94 1.07 -9.58 16.67
C GLU A 94 0.10 -10.67 16.26
N LEU A 95 -0.88 -10.29 15.46
CA LEU A 95 -1.90 -11.23 14.99
C LEU A 95 -1.48 -11.88 13.67
N LEU A 96 -0.55 -11.26 12.98
CA LEU A 96 -0.05 -11.78 11.72
C LEU A 96 1.15 -12.69 11.93
N GLY A 97 1.40 -13.01 13.20
CA GLY A 97 2.52 -13.86 13.55
C GLY A 97 3.60 -13.09 14.26
N ARG A 98 3.35 -12.76 15.53
CA ARG A 98 4.30 -12.00 16.34
C ARG A 98 5.74 -12.44 16.05
N GLN A 99 6.67 -11.60 16.46
CA GLN A 99 8.10 -11.85 16.25
C GLN A 99 8.35 -12.27 14.80
N PHE A 100 8.78 -11.30 14.00
CA PHE A 100 9.06 -11.54 12.59
C PHE A 100 9.98 -10.46 12.03
N ASN A 101 9.89 -10.20 10.72
CA ASN A 101 10.73 -9.18 10.10
C ASN A 101 9.90 -8.13 9.38
N VAL A 102 10.11 -6.87 9.75
CA VAL A 102 9.39 -5.76 9.12
C VAL A 102 9.56 -5.80 7.61
N TYR A 103 8.74 -5.04 6.90
CA TYR A 103 8.77 -5.02 5.44
C TYR A 103 8.00 -6.21 4.89
N ASP A 104 7.50 -7.06 5.78
CA ASP A 104 6.72 -8.22 5.39
C ASP A 104 5.49 -7.76 4.63
N PHE A 105 5.00 -6.58 4.98
CA PHE A 105 3.82 -6.02 4.32
C PHE A 105 4.20 -5.46 2.95
N LEU A 106 5.44 -4.99 2.83
CA LEU A 106 5.94 -4.42 1.57
C LEU A 106 6.95 -5.35 0.91
N VAL A 107 6.91 -6.63 1.27
CA VAL A 107 7.83 -7.61 0.70
C VAL A 107 7.28 -8.20 -0.60
N ASP A 108 5.97 -8.40 -0.64
CA ASP A 108 5.31 -8.97 -1.83
C ASP A 108 3.88 -9.35 -1.53
N VAL A 109 2.96 -8.40 -1.69
CA VAL A 109 1.54 -8.65 -1.43
C VAL A 109 0.66 -7.87 -2.40
N SER A 110 0.46 -8.43 -3.59
CA SER A 110 -0.36 -7.79 -4.62
C SER A 110 0.28 -6.52 -5.13
N SER A 111 0.42 -5.53 -4.25
CA SER A 111 1.02 -4.26 -4.61
C SER A 111 0.97 -3.26 -3.44
N THR A 112 1.76 -2.21 -3.52
CA THR A 112 1.80 -1.20 -2.48
C THR A 112 2.38 0.12 -2.99
N ILE A 113 1.53 0.93 -3.63
CA ILE A 113 1.97 2.21 -4.18
C ILE A 113 2.37 3.17 -3.07
N GLY A 114 3.66 3.42 -2.98
CA GLY A 114 4.18 4.32 -1.98
C GLY A 114 5.57 3.89 -1.53
N ARG A 115 6.40 4.86 -1.17
CA ARG A 115 7.75 4.56 -0.72
C ARG A 115 7.73 4.04 0.71
N ALA A 116 8.22 2.82 0.91
CA ALA A 116 8.25 2.21 2.23
C ALA A 116 9.66 2.14 2.80
N TYR A 117 9.81 2.68 4.00
CA TYR A 117 11.08 2.66 4.70
C TYR A 117 10.86 2.31 6.17
N THR A 118 11.44 1.20 6.60
CA THR A 118 11.26 0.74 7.97
C THR A 118 12.36 1.28 8.88
N LEU A 119 11.93 1.77 10.06
CA LEU A 119 12.86 2.31 11.04
C LEU A 119 12.52 1.75 12.43
N GLY A 120 13.43 0.99 13.00
CA GLY A 120 13.19 0.40 14.31
C GLY A 120 11.97 -0.48 14.31
N ASN A 121 10.90 0.01 14.91
CA ASN A 121 9.65 -0.73 14.98
C ASN A 121 8.48 0.18 14.60
N LYS A 122 8.27 0.31 13.30
CA LYS A 122 7.19 1.14 12.74
C LYS A 122 7.60 1.62 11.35
N PHE A 123 7.17 0.92 10.31
CA PHE A 123 7.52 1.31 8.94
C PHE A 123 6.51 2.29 8.38
N THR A 124 7.02 3.43 7.90
CA THR A 124 6.16 4.47 7.34
C THR A 124 6.21 4.45 5.82
N ILE A 125 5.05 4.58 5.19
CA ILE A 125 4.99 4.59 3.73
C ILE A 125 4.48 5.92 3.21
N THR A 126 5.34 6.57 2.45
CA THR A 126 5.04 7.85 1.84
C THR A 126 4.60 7.66 0.39
N SER A 127 3.86 8.62 -0.14
CA SER A 127 3.37 8.55 -1.50
C SER A 127 3.46 9.94 -2.14
N GLU A 128 4.18 10.83 -1.47
CA GLU A 128 4.34 12.19 -1.91
C GLU A 128 5.81 12.54 -2.08
N LEU A 129 6.52 12.69 -0.96
CA LEU A 129 7.94 13.03 -0.98
C LEU A 129 8.18 14.40 -1.60
N MET A 130 7.12 15.19 -1.70
CA MET A 130 7.22 16.53 -2.27
C MET A 130 7.45 17.58 -1.19
N GLY A 131 7.85 17.12 -0.02
CA GLY A 131 8.11 18.02 1.09
C GLY A 131 9.55 17.97 1.56
N LEU A 132 10.47 17.89 0.61
CA LEU A 132 11.90 17.83 0.93
C LEU A 132 12.36 19.14 1.56
N ASP A 133 13.64 19.17 1.95
CA ASP A 133 14.22 20.35 2.58
C ASP A 133 15.27 20.99 1.67
N ARG A 134 15.13 20.78 0.36
CA ARG A 134 16.07 21.33 -0.59
C ARG A 134 16.11 22.85 -0.50
N LYS A 135 14.94 23.47 -0.62
CA LYS A 135 14.84 24.93 -0.54
C LYS A 135 14.32 25.36 0.84
N LEU A 136 13.53 24.49 1.46
CA LEU A 136 12.97 24.78 2.77
C LEU A 136 14.08 25.03 3.80
N GLU A 137 13.73 24.95 5.07
CA GLU A 137 14.69 25.17 6.16
C GLU A 137 15.10 26.63 6.25
N ASP A 138 15.60 27.17 5.14
CA ASP A 138 16.03 28.57 5.10
C ASP A 138 15.51 29.25 3.84
N TYR A 139 14.71 30.30 4.02
CA TYR A 139 14.17 31.04 2.88
C TYR A 139 13.69 32.43 3.32
N HIS A 140 14.56 33.42 3.20
CA HIS A 140 14.23 34.78 3.57
C HIS A 140 14.48 35.75 2.42
N ALA A 141 14.04 36.99 2.59
CA ALA A 141 14.22 38.00 1.55
C ALA A 141 14.22 39.40 2.16
N MET A 1 27.75 3.60 -11.68
CA MET A 1 27.11 2.57 -12.54
C MET A 1 25.84 3.12 -13.19
N SER A 2 25.88 3.29 -14.50
CA SER A 2 24.73 3.80 -15.23
C SER A 2 23.54 2.87 -15.11
N VAL A 3 22.40 3.28 -15.65
CA VAL A 3 21.19 2.48 -15.60
C VAL A 3 20.48 2.47 -16.95
N ASN A 4 20.19 3.65 -17.47
CA ASN A 4 19.51 3.78 -18.76
C ASN A 4 20.51 4.13 -19.86
N SER A 5 20.41 3.43 -20.99
CA SER A 5 21.29 3.67 -22.11
C SER A 5 20.98 5.01 -22.78
N ASN A 6 19.73 5.17 -23.19
CA ASN A 6 19.30 6.41 -23.84
C ASN A 6 20.09 6.66 -25.12
N ALA A 7 19.55 6.21 -26.24
CA ALA A 7 20.20 6.38 -27.53
C ALA A 7 20.11 7.80 -28.01
N TYR A 8 20.95 8.13 -28.98
CA TYR A 8 20.98 9.45 -29.54
C TYR A 8 19.77 9.65 -30.43
N ASP A 9 19.53 10.90 -30.79
CA ASP A 9 18.41 11.26 -31.64
C ASP A 9 18.35 10.42 -32.92
N ALA A 10 19.40 9.66 -33.16
CA ALA A 10 19.45 8.78 -34.31
C ALA A 10 18.77 7.47 -33.99
N GLY A 11 18.59 7.22 -32.69
CA GLY A 11 17.95 6.01 -32.25
C GLY A 11 16.81 6.26 -31.27
N ILE A 12 16.71 7.48 -30.74
CA ILE A 12 15.64 7.80 -29.79
C ILE A 12 14.27 7.50 -30.36
N MET A 13 14.20 7.53 -31.68
CA MET A 13 12.96 7.24 -32.37
C MET A 13 12.80 5.73 -32.53
N GLY A 14 13.69 4.98 -31.89
CA GLY A 14 13.65 3.54 -31.96
C GLY A 14 13.85 2.89 -30.60
N LEU A 15 14.73 3.47 -29.79
CA LEU A 15 15.01 2.94 -28.46
C LEU A 15 13.81 3.11 -27.53
N LYS A 16 13.57 4.35 -27.09
CA LYS A 16 12.46 4.63 -26.19
C LYS A 16 11.28 5.26 -26.94
N GLY A 17 11.37 5.26 -28.26
CA GLY A 17 10.32 5.82 -29.09
C GLY A 17 9.63 4.77 -29.91
N LYS A 18 10.35 3.68 -30.19
CA LYS A 18 9.81 2.59 -30.96
C LYS A 18 10.06 1.27 -30.25
N ASP A 19 9.16 0.95 -29.35
CA ASP A 19 9.24 -0.28 -28.58
C ASP A 19 7.94 -1.08 -28.65
N PHE A 20 6.98 -0.60 -29.42
CA PHE A 20 5.70 -1.27 -29.56
C PHE A 20 4.98 -1.41 -28.24
N ALA A 21 5.39 -0.61 -27.27
CA ALA A 21 4.78 -0.64 -25.94
C ALA A 21 3.30 -0.29 -26.01
N ASP A 22 2.66 -0.25 -24.85
CA ASP A 22 1.23 0.05 -24.78
C ASP A 22 0.40 -1.03 -25.46
N GLN A 23 1.06 -2.14 -25.79
CA GLN A 23 0.40 -3.26 -26.45
C GLN A 23 0.99 -4.59 -25.98
N PHE A 24 1.80 -4.52 -24.93
CA PHE A 24 2.43 -5.72 -24.36
C PHE A 24 1.64 -6.21 -23.15
N PHE A 25 1.46 -5.32 -22.18
CA PHE A 25 0.73 -5.65 -20.97
C PHE A 25 -0.47 -4.73 -20.80
N ALA A 26 -1.66 -5.27 -20.97
CA ALA A 26 -2.89 -4.49 -20.84
C ALA A 26 -3.42 -4.52 -19.41
N ASP A 27 -4.53 -5.21 -19.22
CA ASP A 27 -5.15 -5.30 -17.91
C ASP A 27 -4.18 -5.85 -16.87
N GLU A 28 -3.17 -6.53 -17.35
CA GLU A 28 -2.16 -7.11 -16.49
C GLU A 28 -1.36 -6.02 -15.77
N ASN A 29 -1.41 -4.80 -16.33
CA ASN A 29 -0.71 -3.67 -15.74
C ASN A 29 -0.97 -2.41 -16.55
N GLN A 30 -1.78 -1.53 -15.99
CA GLN A 30 -2.12 -0.27 -16.66
C GLN A 30 -1.13 0.83 -16.29
N VAL A 31 -1.15 1.92 -17.04
CA VAL A 31 -0.26 3.04 -16.79
C VAL A 31 -0.86 4.01 -15.78
N VAL A 32 -0.01 4.61 -14.96
CA VAL A 32 -0.44 5.56 -13.95
C VAL A 32 0.01 6.96 -14.33
N HIS A 33 -0.88 7.93 -14.21
CA HIS A 33 -0.53 9.29 -14.56
C HIS A 33 -0.47 10.16 -13.32
N GLU A 34 0.74 10.64 -13.04
CA GLU A 34 1.02 11.51 -11.90
C GLU A 34 0.07 11.23 -10.72
N SER A 35 0.01 9.98 -10.30
CA SER A 35 -0.85 9.58 -9.19
C SER A 35 -0.33 10.12 -7.86
N ASP A 36 -1.19 10.77 -7.11
CA ASP A 36 -0.83 11.33 -5.82
C ASP A 36 -1.43 10.52 -4.68
N THR A 37 -2.55 9.86 -4.96
CA THR A 37 -3.23 9.04 -3.96
C THR A 37 -2.39 7.83 -3.58
N VAL A 38 -2.39 7.49 -2.30
CA VAL A 38 -1.64 6.34 -1.80
C VAL A 38 -2.55 5.13 -1.69
N VAL A 39 -2.12 3.98 -2.22
CA VAL A 39 -2.95 2.79 -2.16
C VAL A 39 -2.19 1.57 -1.64
N LEU A 40 -2.88 0.78 -0.82
CA LEU A 40 -2.32 -0.43 -0.23
C LEU A 40 -3.24 -1.62 -0.47
N VAL A 41 -2.85 -2.48 -1.40
CA VAL A 41 -3.64 -3.65 -1.72
C VAL A 41 -2.94 -4.92 -1.30
N LEU A 42 -3.65 -5.73 -0.52
CA LEU A 42 -3.12 -7.00 -0.03
C LEU A 42 -4.08 -8.13 -0.38
N LYS A 43 -3.54 -9.29 -0.76
CA LYS A 43 -4.36 -10.44 -1.12
C LYS A 43 -5.38 -10.75 -0.03
N LYS A 44 -6.67 -10.68 -0.38
CA LYS A 44 -7.75 -10.94 0.57
C LYS A 44 -7.50 -12.21 1.38
N SER A 45 -6.88 -12.05 2.53
CA SER A 45 -6.60 -13.17 3.41
C SER A 45 -7.15 -12.89 4.79
N ASP A 46 -7.18 -13.91 5.64
CA ASP A 46 -7.63 -13.73 7.00
C ASP A 46 -6.65 -12.82 7.75
N GLU A 47 -5.65 -12.33 7.03
CA GLU A 47 -4.62 -11.46 7.56
C GLU A 47 -5.04 -9.99 7.45
N ILE A 48 -5.28 -9.52 6.22
CA ILE A 48 -5.70 -8.13 6.02
C ILE A 48 -6.93 -7.85 6.85
N ASN A 49 -7.87 -8.78 6.82
CA ASN A 49 -9.11 -8.63 7.55
C ASN A 49 -8.87 -8.05 8.95
N THR A 50 -8.11 -8.79 9.76
CA THR A 50 -7.81 -8.37 11.12
C THR A 50 -6.91 -7.14 11.18
N PHE A 51 -5.62 -7.32 10.90
CA PHE A 51 -4.65 -6.22 10.95
C PHE A 51 -5.25 -4.93 10.40
N ILE A 52 -5.63 -4.93 9.12
CA ILE A 52 -6.21 -3.74 8.51
C ILE A 52 -7.20 -3.10 9.48
N GLU A 53 -8.08 -3.93 10.06
CA GLU A 53 -9.03 -3.44 11.02
C GLU A 53 -8.30 -2.73 12.16
N GLU A 54 -7.35 -3.43 12.76
CA GLU A 54 -6.56 -2.88 13.85
C GLU A 54 -5.67 -1.74 13.35
N ILE A 55 -4.41 -2.04 13.00
CA ILE A 55 -3.44 -1.06 12.52
C ILE A 55 -4.08 0.24 12.02
N LEU A 56 -4.91 0.14 10.99
CA LEU A 56 -5.55 1.31 10.42
C LEU A 56 -6.45 2.05 11.42
N LEU A 57 -7.62 1.49 11.69
CA LEU A 57 -8.56 2.13 12.59
C LEU A 57 -8.03 2.24 14.02
N THR A 58 -6.99 1.49 14.34
CA THR A 58 -6.41 1.55 15.67
C THR A 58 -5.84 2.93 15.94
N ASP A 59 -4.70 3.21 15.33
CA ASP A 59 -4.05 4.49 15.51
C ASP A 59 -4.56 5.57 14.56
N TYR A 60 -4.99 5.18 13.36
CA TYR A 60 -5.47 6.16 12.40
C TYR A 60 -6.83 6.70 12.77
N LYS A 61 -7.65 5.89 13.45
CA LYS A 61 -8.98 6.35 13.84
C LYS A 61 -8.91 7.09 15.18
N LYS A 62 -8.19 6.51 16.14
CA LYS A 62 -8.05 7.13 17.45
C LYS A 62 -7.52 8.55 17.32
N ASN A 63 -6.42 8.70 16.59
CA ASN A 63 -5.80 10.00 16.39
C ASN A 63 -4.55 9.89 15.52
N VAL A 64 -4.69 10.21 14.25
CA VAL A 64 -3.58 10.14 13.32
C VAL A 64 -3.99 10.62 11.93
N ASN A 65 -5.02 10.00 11.37
CA ASN A 65 -5.49 10.37 10.03
C ASN A 65 -6.67 9.49 9.59
N PRO A 66 -7.75 10.13 9.11
CA PRO A 66 -8.93 9.42 8.63
C PRO A 66 -8.81 9.02 7.16
N THR A 67 -7.87 9.66 6.46
CA THR A 67 -7.65 9.39 5.04
C THR A 67 -7.38 7.91 4.78
N VAL A 68 -6.62 7.29 5.69
CA VAL A 68 -6.30 5.87 5.57
C VAL A 68 -7.55 5.00 5.71
N ASN A 69 -8.45 5.15 4.75
CA ASN A 69 -9.70 4.39 4.75
C ASN A 69 -9.62 3.20 3.80
N VAL A 70 -10.24 2.10 4.19
CA VAL A 70 -10.24 0.90 3.37
C VAL A 70 -11.49 0.80 2.51
N GLU A 71 -11.31 0.18 1.36
CA GLU A 71 -12.41 -0.01 0.41
C GLU A 71 -12.28 -1.36 -0.28
N ASP A 72 -13.34 -2.15 -0.21
CA ASP A 72 -13.36 -3.47 -0.84
C ASP A 72 -13.74 -3.35 -2.31
N ARG A 73 -12.82 -3.70 -3.20
CA ARG A 73 -13.07 -3.61 -4.63
C ARG A 73 -13.52 -4.96 -5.21
N ALA A 74 -12.71 -5.56 -6.08
CA ALA A 74 -13.06 -6.84 -6.68
C ALA A 74 -13.01 -7.97 -5.67
N GLY A 75 -11.81 -8.48 -5.39
CA GLY A 75 -11.66 -9.56 -4.44
C GLY A 75 -10.73 -9.22 -3.29
N TYR A 76 -9.81 -8.29 -3.52
CA TYR A 76 -8.86 -7.88 -2.49
C TYR A 76 -9.27 -6.56 -1.86
N TRP A 77 -8.71 -6.26 -0.69
CA TRP A 77 -9.02 -5.01 -0.01
C TRP A 77 -8.29 -3.85 -0.67
N TRP A 78 -9.05 -2.87 -1.10
CA TRP A 78 -8.48 -1.69 -1.75
C TRP A 78 -8.33 -0.57 -0.71
N ILE A 79 -7.10 -0.30 -0.33
CA ILE A 79 -6.82 0.71 0.67
C ILE A 79 -6.44 2.04 0.01
N LYS A 80 -6.97 3.14 0.54
CA LYS A 80 -6.69 4.46 -0.02
C LYS A 80 -6.23 5.43 1.06
N ALA A 81 -5.20 6.20 0.75
CA ALA A 81 -4.67 7.18 1.69
C ALA A 81 -4.22 8.44 0.95
N ASN A 82 -4.15 9.54 1.69
CA ASN A 82 -3.73 10.81 1.10
C ASN A 82 -2.29 11.15 1.53
N GLY A 83 -1.49 11.59 0.56
CA GLY A 83 -0.11 11.93 0.85
C GLY A 83 0.73 10.72 1.23
N LYS A 84 0.43 10.13 2.39
CA LYS A 84 1.16 8.96 2.86
C LYS A 84 0.65 8.50 4.22
N ILE A 85 1.17 7.36 4.68
CA ILE A 85 0.79 6.79 5.97
C ILE A 85 1.94 5.96 6.51
N GLU A 86 1.92 5.66 7.81
CA GLU A 86 3.00 4.89 8.40
C GLU A 86 2.45 3.71 9.22
N VAL A 87 2.87 2.50 8.84
CA VAL A 87 2.43 1.28 9.51
C VAL A 87 3.41 0.85 10.60
N ASP A 88 2.89 0.68 11.81
CA ASP A 88 3.71 0.25 12.94
C ASP A 88 3.99 -1.24 12.84
N CYS A 89 5.11 -1.67 13.40
CA CYS A 89 5.48 -3.08 13.37
C CYS A 89 5.33 -3.66 14.77
N ASP A 90 4.23 -4.36 14.97
CA ASP A 90 3.92 -4.98 16.26
C ASP A 90 2.44 -5.29 16.32
N GLU A 91 1.64 -4.45 15.68
CA GLU A 91 0.20 -4.65 15.66
C GLU A 91 -0.16 -5.79 14.71
N ILE A 92 -0.01 -5.56 13.42
CA ILE A 92 -0.30 -6.58 12.41
C ILE A 92 0.55 -7.82 12.66
N SER A 93 1.87 -7.62 12.78
CA SER A 93 2.78 -8.72 13.01
C SER A 93 2.35 -9.57 14.20
N GLU A 94 1.80 -8.94 15.23
CA GLU A 94 1.35 -9.66 16.41
C GLU A 94 0.29 -10.69 16.05
N LEU A 95 -0.65 -10.28 15.22
CA LEU A 95 -1.74 -11.17 14.81
C LEU A 95 -1.38 -11.94 13.54
N LEU A 96 -0.42 -11.42 12.78
CA LEU A 96 0.00 -12.07 11.54
C LEU A 96 1.27 -12.90 11.76
N GLY A 97 1.61 -13.10 13.03
CA GLY A 97 2.80 -13.88 13.34
C GLY A 97 3.73 -13.16 14.29
N ARG A 98 3.27 -12.95 15.53
CA ARG A 98 4.06 -12.26 16.54
C ARG A 98 5.54 -12.63 16.47
N GLN A 99 6.38 -11.72 16.90
CA GLN A 99 7.83 -11.93 16.89
C GLN A 99 8.36 -12.04 15.47
N PHE A 100 7.57 -11.57 14.52
CA PHE A 100 7.95 -11.62 13.11
C PHE A 100 9.05 -10.59 12.82
N ASN A 101 9.28 -10.34 11.53
CA ASN A 101 10.30 -9.38 11.11
C ASN A 101 9.68 -8.27 10.26
N VAL A 102 10.15 -7.04 10.47
CA VAL A 102 9.65 -5.89 9.74
C VAL A 102 9.80 -6.10 8.23
N TYR A 103 9.09 -5.28 7.44
CA TYR A 103 9.12 -5.38 5.98
C TYR A 103 8.44 -6.65 5.50
N ASP A 104 7.76 -7.34 6.40
CA ASP A 104 7.05 -8.57 6.05
C ASP A 104 5.67 -8.23 5.51
N PHE A 105 5.08 -7.15 6.00
CA PHE A 105 3.76 -6.72 5.57
C PHE A 105 3.80 -6.26 4.10
N LEU A 106 4.93 -5.68 3.71
CA LEU A 106 5.10 -5.21 2.35
C LEU A 106 6.34 -5.83 1.71
N VAL A 107 6.64 -7.07 2.09
CA VAL A 107 7.80 -7.78 1.56
C VAL A 107 7.69 -8.00 0.06
N ASP A 108 6.48 -8.33 -0.41
CA ASP A 108 6.25 -8.57 -1.82
C ASP A 108 4.76 -8.80 -2.09
N VAL A 109 4.00 -7.72 -2.20
CA VAL A 109 2.57 -7.81 -2.45
C VAL A 109 2.17 -6.94 -3.64
N SER A 110 0.95 -7.17 -4.15
CA SER A 110 0.44 -6.42 -5.29
C SER A 110 0.76 -4.93 -5.16
N SER A 111 0.50 -4.38 -3.98
CA SER A 111 0.76 -2.96 -3.74
C SER A 111 0.56 -2.63 -2.27
N THR A 112 1.30 -1.61 -1.79
CA THR A 112 1.20 -1.20 -0.39
C THR A 112 1.63 0.24 -0.22
N ILE A 113 0.65 1.14 -0.13
CA ILE A 113 0.90 2.56 0.05
C ILE A 113 1.73 3.13 -1.07
N GLY A 114 3.00 2.85 -1.02
CA GLY A 114 3.93 3.32 -2.03
C GLY A 114 5.38 3.06 -1.65
N ARG A 115 6.05 4.10 -1.15
CA ARG A 115 7.44 3.96 -0.73
C ARG A 115 7.51 3.64 0.76
N ALA A 116 8.27 2.60 1.11
CA ALA A 116 8.37 2.20 2.52
C ALA A 116 9.81 2.21 3.03
N TYR A 117 9.98 2.73 4.23
CA TYR A 117 11.28 2.79 4.88
C TYR A 117 11.13 2.40 6.35
N THR A 118 11.76 1.29 6.73
CA THR A 118 11.66 0.80 8.10
C THR A 118 12.69 1.45 9.01
N LEU A 119 12.34 1.55 10.29
CA LEU A 119 13.23 2.14 11.29
C LEU A 119 12.79 1.68 12.69
N GLY A 120 13.67 0.95 13.36
CA GLY A 120 13.34 0.46 14.69
C GLY A 120 12.11 -0.43 14.67
N ASN A 121 11.02 0.07 15.25
CA ASN A 121 9.77 -0.67 15.27
C ASN A 121 8.63 0.24 14.85
N LYS A 122 8.45 0.36 13.54
CA LYS A 122 7.40 1.20 12.96
C LYS A 122 7.83 1.68 11.57
N PHE A 123 7.41 0.97 10.53
CA PHE A 123 7.78 1.35 9.18
C PHE A 123 6.78 2.35 8.61
N THR A 124 7.29 3.49 8.18
CA THR A 124 6.47 4.55 7.61
C THR A 124 6.51 4.50 6.09
N ILE A 125 5.34 4.43 5.46
CA ILE A 125 5.28 4.39 4.01
C ILE A 125 4.90 5.74 3.43
N THR A 126 5.82 6.27 2.68
CA THR A 126 5.67 7.55 2.02
C THR A 126 5.22 7.37 0.57
N SER A 127 4.57 8.39 0.02
CA SER A 127 4.09 8.35 -1.35
C SER A 127 4.38 9.67 -2.03
N GLU A 128 5.24 10.45 -1.40
CA GLU A 128 5.61 11.76 -1.90
C GLU A 128 7.11 11.87 -2.14
N LEU A 129 7.89 11.77 -1.06
CA LEU A 129 9.34 11.85 -1.15
C LEU A 129 9.78 13.23 -1.65
N MET A 130 8.89 14.19 -1.56
CA MET A 130 9.17 15.56 -1.99
C MET A 130 9.72 16.40 -0.85
N GLY A 131 10.13 15.73 0.22
CA GLY A 131 10.68 16.43 1.37
C GLY A 131 12.20 16.46 1.37
N LEU A 132 12.81 15.56 0.61
CA LEU A 132 14.26 15.49 0.53
C LEU A 132 14.81 16.60 -0.36
N ASP A 133 15.65 17.46 0.22
CA ASP A 133 16.25 18.56 -0.52
C ASP A 133 17.77 18.53 -0.39
N ARG A 134 18.33 17.33 -0.29
CA ARG A 134 19.77 17.16 -0.18
C ARG A 134 20.47 17.49 -1.49
N LYS A 135 19.99 16.90 -2.58
CA LYS A 135 20.57 17.14 -3.89
C LYS A 135 19.61 17.92 -4.80
N LEU A 136 18.34 17.99 -4.40
CA LEU A 136 17.33 18.71 -5.17
C LEU A 136 17.30 20.19 -4.81
N GLU A 137 18.21 20.60 -3.94
CA GLU A 137 18.30 21.98 -3.51
C GLU A 137 18.23 22.94 -4.70
N ASP A 138 18.59 22.45 -5.89
CA ASP A 138 18.57 23.26 -7.09
C ASP A 138 18.29 22.43 -8.34
N TYR A 139 17.73 21.24 -8.14
CA TYR A 139 17.41 20.34 -9.24
C TYR A 139 16.65 21.07 -10.35
N HIS A 140 17.13 20.96 -11.57
CA HIS A 140 16.50 21.60 -12.71
C HIS A 140 15.25 20.84 -13.14
N ALA A 141 14.39 21.50 -13.91
CA ALA A 141 13.16 20.89 -14.38
C ALA A 141 12.26 20.48 -13.21
N MET A 1 -23.60 -36.94 -34.17
CA MET A 1 -24.54 -36.67 -35.29
C MET A 1 -25.66 -35.73 -34.86
N SER A 2 -26.57 -35.44 -35.78
CA SER A 2 -27.69 -34.55 -35.48
C SER A 2 -28.89 -34.88 -36.38
N VAL A 3 -30.08 -34.79 -35.82
CA VAL A 3 -31.31 -35.06 -36.57
C VAL A 3 -31.63 -33.93 -37.53
N ASN A 4 -31.44 -32.70 -37.08
CA ASN A 4 -31.71 -31.53 -37.90
C ASN A 4 -30.40 -30.95 -38.46
N SER A 5 -30.39 -30.70 -39.77
CA SER A 5 -29.21 -30.15 -40.43
C SER A 5 -29.42 -28.66 -40.73
N ASN A 6 -29.58 -27.87 -39.68
CA ASN A 6 -29.78 -26.43 -39.83
C ASN A 6 -28.55 -25.66 -39.37
N ALA A 7 -28.33 -24.51 -39.98
CA ALA A 7 -27.18 -23.67 -39.63
C ALA A 7 -27.57 -22.20 -39.57
N TYR A 8 -26.82 -21.42 -38.81
CA TYR A 8 -27.08 -19.99 -38.66
C TYR A 8 -26.14 -19.16 -39.52
N ASP A 9 -25.60 -19.78 -40.55
CA ASP A 9 -24.68 -19.09 -41.46
C ASP A 9 -25.29 -17.81 -42.00
N ALA A 10 -26.60 -17.74 -41.92
CA ALA A 10 -27.34 -16.56 -42.38
C ALA A 10 -27.20 -15.42 -41.39
N GLY A 11 -26.77 -15.75 -40.18
CA GLY A 11 -26.62 -14.73 -39.16
C GLY A 11 -25.28 -14.80 -38.43
N ILE A 12 -24.52 -15.88 -38.66
CA ILE A 12 -23.22 -16.03 -37.99
C ILE A 12 -22.28 -14.90 -38.33
N MET A 13 -22.56 -14.23 -39.42
CA MET A 13 -21.76 -13.11 -39.85
C MET A 13 -22.22 -11.84 -39.13
N GLY A 14 -23.08 -12.02 -38.15
CA GLY A 14 -23.59 -10.89 -37.39
C GLY A 14 -23.65 -11.17 -35.91
N LEU A 15 -24.29 -12.27 -35.53
CA LEU A 15 -24.40 -12.65 -34.13
C LEU A 15 -23.02 -12.83 -33.50
N LYS A 16 -22.42 -13.99 -33.74
CA LYS A 16 -21.09 -14.29 -33.20
C LYS A 16 -20.00 -13.92 -34.20
N GLY A 17 -20.38 -13.21 -35.25
CA GLY A 17 -19.44 -12.78 -36.25
C GLY A 17 -19.26 -11.28 -36.27
N LYS A 18 -20.24 -10.56 -35.74
CA LYS A 18 -20.20 -9.11 -35.69
C LYS A 18 -20.46 -8.62 -34.27
N ASP A 19 -19.43 -8.68 -33.44
CA ASP A 19 -19.53 -8.25 -32.06
C ASP A 19 -18.43 -7.25 -31.70
N PHE A 20 -17.32 -7.29 -32.43
CA PHE A 20 -16.19 -6.40 -32.19
C PHE A 20 -15.84 -6.35 -30.73
N ALA A 21 -15.20 -7.41 -30.28
CA ALA A 21 -14.78 -7.53 -28.89
C ALA A 21 -13.50 -6.77 -28.63
N ASP A 22 -12.90 -6.29 -29.69
CA ASP A 22 -11.67 -5.51 -29.61
C ASP A 22 -11.96 -4.02 -29.50
N GLN A 23 -13.23 -3.71 -29.27
CA GLN A 23 -13.67 -2.33 -29.13
C GLN A 23 -14.67 -2.18 -27.99
N PHE A 24 -14.78 -3.22 -27.17
CA PHE A 24 -15.69 -3.20 -26.03
C PHE A 24 -14.96 -2.79 -24.75
N PHE A 25 -13.87 -3.49 -24.46
CA PHE A 25 -13.07 -3.20 -23.28
C PHE A 25 -11.64 -2.84 -23.67
N ALA A 26 -11.29 -1.57 -23.49
CA ALA A 26 -9.96 -1.10 -23.83
C ALA A 26 -9.03 -1.20 -22.62
N ASP A 27 -8.55 -0.06 -22.15
CA ASP A 27 -7.65 0.00 -21.01
C ASP A 27 -6.29 -0.61 -21.34
N GLU A 28 -6.04 -0.79 -22.63
CA GLU A 28 -4.77 -1.36 -23.09
C GLU A 28 -3.64 -0.37 -22.88
N ASN A 29 -3.97 0.92 -22.93
CA ASN A 29 -2.99 1.98 -22.74
C ASN A 29 -3.67 3.29 -22.36
N GLN A 30 -3.69 3.56 -21.07
CA GLN A 30 -4.33 4.77 -20.56
C GLN A 30 -3.28 5.73 -20.01
N VAL A 31 -3.70 6.98 -19.77
CA VAL A 31 -2.80 7.99 -19.24
C VAL A 31 -3.05 8.22 -17.74
N VAL A 32 -2.01 8.64 -17.04
CA VAL A 32 -2.11 8.91 -15.62
C VAL A 32 -2.00 10.41 -15.37
N HIS A 33 -2.87 10.94 -14.52
CA HIS A 33 -2.85 12.36 -14.24
C HIS A 33 -2.37 12.61 -12.81
N GLU A 34 -1.22 13.26 -12.72
CA GLU A 34 -0.60 13.61 -11.44
C GLU A 34 -0.97 12.64 -10.33
N SER A 35 -0.43 11.44 -10.40
CA SER A 35 -0.70 10.41 -9.39
C SER A 35 0.25 10.55 -8.21
N ASP A 36 -0.32 10.58 -7.00
CA ASP A 36 0.48 10.71 -5.78
C ASP A 36 -0.29 10.20 -4.58
N THR A 37 -1.20 9.25 -4.80
CA THR A 37 -2.01 8.69 -3.73
C THR A 37 -1.30 7.49 -3.11
N VAL A 38 -1.52 7.28 -1.82
CA VAL A 38 -0.91 6.17 -1.09
C VAL A 38 -1.85 4.96 -1.09
N VAL A 39 -1.55 3.98 -1.93
CA VAL A 39 -2.37 2.79 -2.03
C VAL A 39 -1.63 1.56 -1.50
N LEU A 40 -2.41 0.61 -0.97
CA LEU A 40 -1.86 -0.63 -0.43
C LEU A 40 -2.90 -1.73 -0.46
N VAL A 41 -2.74 -2.66 -1.40
CA VAL A 41 -3.69 -3.76 -1.55
C VAL A 41 -3.05 -5.11 -1.21
N LEU A 42 -3.71 -5.84 -0.32
CA LEU A 42 -3.26 -7.17 0.08
C LEU A 42 -4.41 -8.16 -0.06
N LYS A 43 -4.11 -9.40 -0.40
CA LYS A 43 -5.15 -10.43 -0.55
C LYS A 43 -6.07 -10.41 0.66
N LYS A 44 -7.38 -10.41 0.42
CA LYS A 44 -8.34 -10.39 1.52
C LYS A 44 -8.31 -11.71 2.28
N SER A 45 -7.47 -11.75 3.29
CA SER A 45 -7.33 -12.93 4.13
C SER A 45 -7.51 -12.53 5.59
N ASP A 46 -7.60 -13.52 6.47
CA ASP A 46 -7.73 -13.23 7.90
C ASP A 46 -6.61 -12.25 8.32
N GLU A 47 -5.61 -12.12 7.44
CA GLU A 47 -4.48 -11.23 7.67
C GLU A 47 -4.94 -9.77 7.67
N ILE A 48 -5.31 -9.25 6.49
CA ILE A 48 -5.79 -7.87 6.40
C ILE A 48 -7.01 -7.70 7.27
N ASN A 49 -7.91 -8.68 7.21
CA ASN A 49 -9.15 -8.64 7.98
C ASN A 49 -8.91 -8.08 9.39
N THR A 50 -8.03 -8.74 10.14
CA THR A 50 -7.72 -8.32 11.50
C THR A 50 -6.75 -7.15 11.53
N PHE A 51 -5.54 -7.35 11.02
CA PHE A 51 -4.53 -6.29 11.00
C PHE A 51 -5.13 -4.95 10.60
N ILE A 52 -5.90 -4.94 9.52
CA ILE A 52 -6.52 -3.69 9.06
C ILE A 52 -7.45 -3.15 10.14
N GLU A 53 -8.29 -4.02 10.68
CA GLU A 53 -9.24 -3.62 11.72
C GLU A 53 -8.51 -2.92 12.87
N GLU A 54 -7.36 -3.45 13.24
CA GLU A 54 -6.58 -2.88 14.33
C GLU A 54 -5.74 -1.69 13.83
N ILE A 55 -4.77 -1.98 12.99
CA ILE A 55 -3.89 -0.95 12.43
C ILE A 55 -4.60 0.38 12.15
N LEU A 56 -5.62 0.32 11.29
CA LEU A 56 -6.35 1.51 10.87
C LEU A 56 -7.31 2.05 11.93
N LEU A 57 -7.94 1.19 12.70
CA LEU A 57 -8.89 1.66 13.69
C LEU A 57 -8.16 2.10 14.95
N THR A 58 -7.23 1.27 15.39
CA THR A 58 -6.44 1.56 16.57
C THR A 58 -5.80 2.93 16.48
N ASP A 59 -4.82 3.05 15.61
CA ASP A 59 -4.09 4.31 15.47
C ASP A 59 -4.65 5.25 14.41
N TYR A 60 -5.23 4.74 13.32
CA TYR A 60 -5.73 5.63 12.29
C TYR A 60 -7.09 6.21 12.62
N LYS A 61 -7.68 5.75 13.71
CA LYS A 61 -8.96 6.26 14.14
C LYS A 61 -8.84 7.02 15.46
N LYS A 62 -8.05 6.48 16.39
CA LYS A 62 -7.87 7.13 17.68
C LYS A 62 -7.34 8.54 17.54
N ASN A 63 -6.27 8.70 16.77
CA ASN A 63 -5.67 10.01 16.56
C ASN A 63 -4.44 9.93 15.66
N VAL A 64 -4.68 10.02 14.37
CA VAL A 64 -3.62 9.99 13.38
C VAL A 64 -4.07 10.67 12.10
N ASN A 65 -5.20 10.24 11.56
CA ASN A 65 -5.73 10.83 10.32
C ASN A 65 -6.89 10.01 9.76
N PRO A 66 -7.83 10.70 9.07
CA PRO A 66 -9.00 10.06 8.47
C PRO A 66 -8.74 9.59 7.03
N THR A 67 -7.74 10.18 6.38
CA THR A 67 -7.40 9.83 5.01
C THR A 67 -7.36 8.32 4.81
N VAL A 68 -6.40 7.67 5.47
CA VAL A 68 -6.24 6.21 5.39
C VAL A 68 -7.60 5.51 5.46
N ASN A 69 -8.23 5.34 4.31
CA ASN A 69 -9.55 4.70 4.23
C ASN A 69 -9.48 3.39 3.44
N VAL A 70 -10.23 2.40 3.88
CA VAL A 70 -10.27 1.11 3.22
C VAL A 70 -11.46 1.02 2.27
N GLU A 71 -11.29 0.25 1.21
CA GLU A 71 -12.35 0.08 0.22
C GLU A 71 -12.38 -1.34 -0.33
N ASP A 72 -13.46 -2.05 -0.07
CA ASP A 72 -13.63 -3.40 -0.57
C ASP A 72 -14.32 -3.38 -1.93
N ARG A 73 -13.62 -3.79 -2.98
CA ARG A 73 -14.17 -3.79 -4.32
C ARG A 73 -14.63 -5.18 -4.75
N ALA A 74 -13.68 -6.00 -5.20
CA ALA A 74 -13.99 -7.35 -5.64
C ALA A 74 -13.84 -8.36 -4.51
N GLY A 75 -12.59 -8.65 -4.15
CA GLY A 75 -12.34 -9.60 -3.08
C GLY A 75 -11.33 -9.08 -2.07
N TYR A 76 -10.27 -8.45 -2.57
CA TYR A 76 -9.23 -7.90 -1.70
C TYR A 76 -9.64 -6.53 -1.18
N TRP A 77 -8.94 -6.07 -0.14
CA TRP A 77 -9.22 -4.76 0.45
C TRP A 77 -8.40 -3.68 -0.26
N TRP A 78 -9.04 -2.57 -0.56
CA TRP A 78 -8.37 -1.46 -1.22
C TRP A 78 -8.07 -0.35 -0.23
N ILE A 79 -6.79 -0.20 0.13
CA ILE A 79 -6.40 0.81 1.08
C ILE A 79 -5.91 2.07 0.35
N LYS A 80 -6.56 3.19 0.61
CA LYS A 80 -6.21 4.45 -0.04
C LYS A 80 -5.95 5.56 0.97
N ALA A 81 -4.89 6.32 0.73
CA ALA A 81 -4.53 7.42 1.61
C ALA A 81 -3.97 8.59 0.81
N ASN A 82 -4.00 9.78 1.38
CA ASN A 82 -3.50 10.97 0.71
C ASN A 82 -2.24 11.50 1.39
N GLY A 83 -1.28 11.92 0.58
CA GLY A 83 -0.03 12.45 1.12
C GLY A 83 0.93 11.37 1.56
N LYS A 84 0.58 10.67 2.64
CA LYS A 84 1.43 9.61 3.17
C LYS A 84 0.80 8.94 4.39
N ILE A 85 1.23 7.72 4.68
CA ILE A 85 0.72 6.97 5.82
C ILE A 85 1.84 6.11 6.41
N GLU A 86 1.78 5.82 7.69
CA GLU A 86 2.80 5.02 8.34
C GLU A 86 2.19 3.96 9.25
N VAL A 87 2.53 2.70 8.98
CA VAL A 87 2.02 1.58 9.76
C VAL A 87 2.99 1.18 10.87
N ASP A 88 2.43 0.92 12.05
CA ASP A 88 3.21 0.51 13.21
C ASP A 88 3.60 -0.97 13.07
N CYS A 89 4.72 -1.35 13.67
CA CYS A 89 5.18 -2.72 13.61
C CYS A 89 5.03 -3.37 14.98
N ASP A 90 3.97 -4.17 15.11
CA ASP A 90 3.67 -4.86 16.36
C ASP A 90 2.21 -5.26 16.35
N GLU A 91 1.37 -4.40 15.79
CA GLU A 91 -0.07 -4.68 15.72
C GLU A 91 -0.34 -5.79 14.71
N ILE A 92 -0.20 -5.46 13.42
CA ILE A 92 -0.41 -6.46 12.37
C ILE A 92 0.51 -7.64 12.58
N SER A 93 1.81 -7.39 12.63
CA SER A 93 2.81 -8.43 12.81
C SER A 93 2.41 -9.39 13.93
N GLU A 94 1.77 -8.88 14.98
CA GLU A 94 1.34 -9.71 16.09
C GLU A 94 0.35 -10.76 15.61
N LEU A 95 -0.63 -10.32 14.83
CA LEU A 95 -1.65 -11.21 14.29
C LEU A 95 -1.23 -11.80 12.95
N LEU A 96 -0.21 -11.23 12.34
CA LEU A 96 0.30 -11.68 11.06
C LEU A 96 1.57 -12.49 11.21
N GLY A 97 1.89 -12.82 12.46
CA GLY A 97 3.09 -13.59 12.72
C GLY A 97 3.83 -13.12 13.96
N ARG A 98 3.21 -13.32 15.12
CA ARG A 98 3.80 -12.91 16.40
C ARG A 98 5.32 -13.03 16.37
N GLN A 99 5.99 -12.00 16.89
CA GLN A 99 7.45 -11.97 16.93
C GLN A 99 8.04 -11.81 15.53
N PHE A 100 7.21 -11.37 14.61
CA PHE A 100 7.66 -11.16 13.23
C PHE A 100 8.59 -9.96 13.14
N ASN A 101 8.92 -9.55 11.92
CA ASN A 101 9.81 -8.41 11.71
C ASN A 101 9.24 -7.46 10.66
N VAL A 102 9.59 -6.19 10.77
CA VAL A 102 9.12 -5.17 9.84
C VAL A 102 9.53 -5.52 8.41
N TYR A 103 8.84 -4.91 7.43
CA TYR A 103 9.12 -5.16 6.01
C TYR A 103 8.48 -6.46 5.55
N ASP A 104 7.64 -7.04 6.39
CA ASP A 104 6.95 -8.29 6.07
C ASP A 104 5.58 -8.01 5.45
N PHE A 105 5.03 -6.83 5.73
CA PHE A 105 3.72 -6.46 5.20
C PHE A 105 3.84 -5.98 3.75
N LEU A 106 4.91 -5.26 3.45
CA LEU A 106 5.12 -4.74 2.10
C LEU A 106 6.22 -5.53 1.39
N VAL A 107 6.34 -6.80 1.74
CA VAL A 107 7.34 -7.68 1.13
C VAL A 107 6.85 -8.21 -0.22
N ASP A 108 5.60 -8.64 -0.26
CA ASP A 108 5.01 -9.18 -1.47
C ASP A 108 3.57 -9.61 -1.24
N VAL A 109 2.64 -8.68 -1.41
CA VAL A 109 1.22 -8.96 -1.21
C VAL A 109 0.37 -8.25 -2.25
N SER A 110 0.27 -8.83 -3.44
CA SER A 110 -0.51 -8.24 -4.53
C SER A 110 0.13 -6.96 -5.04
N SER A 111 0.21 -5.96 -4.17
CA SER A 111 0.80 -4.68 -4.53
C SER A 111 0.64 -3.66 -3.41
N THR A 112 1.45 -2.62 -3.44
CA THR A 112 1.39 -1.58 -2.42
C THR A 112 2.11 -0.31 -2.86
N ILE A 113 1.37 0.63 -3.43
CA ILE A 113 1.95 1.88 -3.90
C ILE A 113 2.35 2.77 -2.73
N GLY A 114 3.64 3.08 -2.68
CA GLY A 114 4.18 3.92 -1.63
C GLY A 114 5.52 3.42 -1.14
N ARG A 115 6.46 4.35 -0.93
CA ARG A 115 7.79 4.00 -0.46
C ARG A 115 7.77 3.69 1.04
N ALA A 116 8.13 2.47 1.40
CA ALA A 116 8.14 2.07 2.81
C ALA A 116 9.54 2.07 3.40
N TYR A 117 9.69 2.79 4.51
CA TYR A 117 10.97 2.87 5.20
C TYR A 117 10.75 2.56 6.68
N THR A 118 11.43 1.53 7.18
CA THR A 118 11.28 1.14 8.57
C THR A 118 12.36 1.73 9.46
N LEU A 119 12.01 1.90 10.73
CA LEU A 119 12.92 2.44 11.73
C LEU A 119 12.40 2.13 13.13
N GLY A 120 13.21 1.47 13.94
CA GLY A 120 12.78 1.10 15.27
C GLY A 120 11.59 0.16 15.23
N ASN A 121 10.44 0.68 15.63
CA ASN A 121 9.22 -0.10 15.62
C ASN A 121 8.06 0.75 15.12
N LYS A 122 7.94 0.82 13.80
CA LYS A 122 6.90 1.59 13.13
C LYS A 122 7.37 2.00 11.74
N PHE A 123 6.92 1.28 10.72
CA PHE A 123 7.33 1.60 9.35
C PHE A 123 6.38 2.61 8.72
N THR A 124 6.96 3.58 8.02
CA THR A 124 6.19 4.64 7.37
C THR A 124 6.23 4.50 5.86
N ILE A 125 5.05 4.52 5.23
CA ILE A 125 4.97 4.41 3.78
C ILE A 125 4.54 5.73 3.17
N THR A 126 5.43 6.27 2.37
CA THR A 126 5.21 7.53 1.67
C THR A 126 4.71 7.28 0.25
N SER A 127 4.03 8.26 -0.32
CA SER A 127 3.50 8.16 -1.67
C SER A 127 3.70 9.48 -2.40
N GLU A 128 4.58 10.30 -1.86
CA GLU A 128 4.87 11.60 -2.41
C GLU A 128 6.35 11.73 -2.77
N LEU A 129 6.68 12.79 -3.51
CA LEU A 129 8.05 13.02 -3.93
C LEU A 129 8.55 11.91 -4.83
N MET A 130 8.66 12.22 -6.10
CA MET A 130 9.12 11.25 -7.10
C MET A 130 10.62 11.39 -7.36
N GLY A 131 11.30 12.10 -6.47
CA GLY A 131 12.72 12.30 -6.61
C GLY A 131 13.08 13.70 -7.10
N LEU A 132 12.28 14.68 -6.68
CA LEU A 132 12.51 16.07 -7.07
C LEU A 132 13.83 16.58 -6.52
N ASP A 133 14.76 16.91 -7.40
CA ASP A 133 16.07 17.42 -6.99
C ASP A 133 16.65 18.36 -8.04
N ARG A 134 16.41 19.65 -7.86
CA ARG A 134 16.91 20.65 -8.80
C ARG A 134 18.32 21.10 -8.40
N LYS A 135 18.46 21.55 -7.16
CA LYS A 135 19.76 22.01 -6.66
C LYS A 135 20.34 21.01 -5.67
N LEU A 136 19.83 19.78 -5.69
CA LEU A 136 20.30 18.73 -4.79
C LEU A 136 20.48 17.41 -5.53
N GLU A 137 20.42 17.47 -6.85
CA GLU A 137 20.57 16.28 -7.68
C GLU A 137 21.79 15.47 -7.27
N ASP A 138 22.82 16.15 -6.77
CA ASP A 138 24.05 15.49 -6.34
C ASP A 138 24.34 15.81 -4.88
N TYR A 139 24.19 14.80 -4.01
CA TYR A 139 24.44 14.98 -2.58
C TYR A 139 24.51 13.64 -1.88
N HIS A 140 25.09 13.63 -0.69
CA HIS A 140 25.22 12.40 0.11
C HIS A 140 24.70 12.62 1.52
N ALA A 141 24.73 11.55 2.31
CA ALA A 141 24.26 11.62 3.70
C ALA A 141 24.98 10.59 4.58
N MET A 1 -41.16 13.90 18.36
CA MET A 1 -41.06 12.51 18.87
C MET A 1 -39.75 11.85 18.42
N SER A 2 -39.21 11.00 19.29
CA SER A 2 -37.96 10.30 18.99
C SER A 2 -38.20 9.13 18.06
N VAL A 3 -39.41 8.58 18.08
CA VAL A 3 -39.77 7.45 17.23
C VAL A 3 -38.99 6.20 17.63
N ASN A 4 -39.69 5.07 17.70
CA ASN A 4 -39.07 3.81 18.07
C ASN A 4 -39.35 2.74 17.03
N SER A 5 -38.39 1.85 16.82
CA SER A 5 -38.53 0.78 15.84
C SER A 5 -37.62 -0.40 16.18
N ASN A 6 -38.18 -1.41 16.83
CA ASN A 6 -37.42 -2.59 17.22
C ASN A 6 -37.02 -3.41 15.99
N ALA A 7 -35.79 -3.21 15.52
CA ALA A 7 -35.30 -3.93 14.36
C ALA A 7 -34.88 -5.35 14.72
N TYR A 8 -34.52 -6.14 13.72
CA TYR A 8 -34.11 -7.52 13.93
C TYR A 8 -32.76 -7.79 13.31
N ASP A 9 -31.94 -6.76 13.23
CA ASP A 9 -30.60 -6.91 12.66
C ASP A 9 -29.82 -8.01 13.36
N ALA A 10 -30.22 -8.29 14.58
CA ALA A 10 -29.61 -9.34 15.37
C ALA A 10 -30.15 -10.68 14.91
N GLY A 11 -31.41 -10.65 14.49
CA GLY A 11 -32.06 -11.85 14.01
C GLY A 11 -31.54 -12.24 12.65
N ILE A 12 -31.34 -11.25 11.77
CA ILE A 12 -30.82 -11.53 10.44
C ILE A 12 -29.38 -11.08 10.28
N MET A 13 -28.77 -10.70 11.39
CA MET A 13 -27.41 -10.25 11.43
C MET A 13 -27.15 -9.06 10.54
N GLY A 14 -27.36 -9.27 9.28
CA GLY A 14 -27.16 -8.22 8.30
C GLY A 14 -27.74 -8.57 6.94
N LEU A 15 -28.74 -9.44 6.93
CA LEU A 15 -29.39 -9.85 5.68
C LEU A 15 -30.44 -8.83 5.25
N LYS A 16 -31.63 -8.93 5.84
CA LYS A 16 -32.72 -8.01 5.51
C LYS A 16 -32.73 -6.81 6.45
N GLY A 17 -31.69 -6.71 7.27
CA GLY A 17 -31.57 -5.61 8.20
C GLY A 17 -30.40 -4.71 7.88
N LYS A 18 -29.43 -5.24 7.13
CA LYS A 18 -28.26 -4.49 6.75
C LYS A 18 -28.04 -4.58 5.24
N ASP A 19 -28.78 -3.76 4.51
CA ASP A 19 -28.70 -3.73 3.05
C ASP A 19 -28.67 -2.31 2.51
N PHE A 20 -28.53 -1.33 3.41
CA PHE A 20 -28.48 0.07 3.01
C PHE A 20 -27.07 0.48 2.60
N ALA A 21 -26.17 -0.49 2.62
CA ALA A 21 -24.79 -0.23 2.24
C ALA A 21 -24.70 0.36 0.85
N ASP A 22 -23.48 0.45 0.32
CA ASP A 22 -23.27 1.02 -1.00
C ASP A 22 -23.71 2.48 -1.03
N GLN A 23 -23.91 3.04 0.16
CA GLN A 23 -24.33 4.43 0.30
C GLN A 23 -23.49 5.14 1.36
N PHE A 24 -22.44 4.48 1.80
CA PHE A 24 -21.55 5.05 2.80
C PHE A 24 -20.41 5.83 2.14
N PHE A 25 -19.71 5.18 1.22
CA PHE A 25 -18.62 5.82 0.50
C PHE A 25 -18.87 5.81 -1.00
N ALA A 26 -19.10 6.99 -1.57
CA ALA A 26 -19.35 7.12 -2.99
C ALA A 26 -18.05 7.33 -3.76
N ASP A 27 -17.96 8.46 -4.42
CA ASP A 27 -16.78 8.81 -5.20
C ASP A 27 -16.56 7.83 -6.35
N GLU A 28 -17.61 7.09 -6.68
CA GLU A 28 -17.55 6.11 -7.76
C GLU A 28 -17.83 6.76 -9.10
N ASN A 29 -18.49 7.92 -9.07
CA ASN A 29 -18.83 8.64 -10.30
C ASN A 29 -17.76 9.67 -10.65
N GLN A 30 -16.61 9.55 -10.01
CA GLN A 30 -15.51 10.47 -10.25
C GLN A 30 -14.26 9.72 -10.72
N VAL A 31 -13.43 10.40 -11.51
CA VAL A 31 -12.22 9.78 -12.03
C VAL A 31 -10.98 10.51 -11.51
N VAL A 32 -9.97 9.72 -11.13
CA VAL A 32 -8.72 10.27 -10.62
C VAL A 32 -7.61 10.05 -11.64
N HIS A 33 -6.80 11.06 -11.88
CA HIS A 33 -5.72 10.93 -12.84
C HIS A 33 -4.37 10.92 -12.12
N GLU A 34 -3.69 9.78 -12.24
CA GLU A 34 -2.37 9.59 -11.63
C GLU A 34 -2.15 10.46 -10.39
N SER A 35 -3.00 10.24 -9.38
CA SER A 35 -2.90 11.00 -8.14
C SER A 35 -1.83 10.42 -7.22
N ASP A 36 -1.20 11.29 -6.44
CA ASP A 36 -0.16 10.86 -5.51
C ASP A 36 -0.77 10.37 -4.21
N THR A 37 -1.62 9.36 -4.32
CA THR A 37 -2.30 8.79 -3.15
C THR A 37 -1.52 7.60 -2.59
N VAL A 38 -1.61 7.42 -1.27
CA VAL A 38 -0.93 6.32 -0.61
C VAL A 38 -1.81 5.08 -0.66
N VAL A 39 -1.54 4.19 -1.61
CA VAL A 39 -2.34 2.99 -1.78
C VAL A 39 -1.55 1.73 -1.42
N LEU A 40 -2.28 0.72 -0.97
CA LEU A 40 -1.70 -0.57 -0.61
C LEU A 40 -2.76 -1.65 -0.67
N VAL A 41 -2.56 -2.65 -1.51
CA VAL A 41 -3.54 -3.72 -1.63
C VAL A 41 -2.98 -5.05 -1.14
N LEU A 42 -3.72 -5.68 -0.22
CA LEU A 42 -3.33 -6.96 0.34
C LEU A 42 -4.49 -7.94 0.19
N LYS A 43 -4.17 -9.20 -0.13
CA LYS A 43 -5.20 -10.22 -0.30
C LYS A 43 -6.16 -10.20 0.90
N LYS A 44 -7.46 -10.23 0.61
CA LYS A 44 -8.45 -10.20 1.68
C LYS A 44 -8.60 -11.57 2.33
N SER A 45 -7.77 -11.80 3.32
CA SER A 45 -7.79 -13.05 4.07
C SER A 45 -7.92 -12.74 5.55
N ASP A 46 -8.14 -13.75 6.38
CA ASP A 46 -8.22 -13.53 7.82
C ASP A 46 -7.00 -12.73 8.29
N GLU A 47 -6.00 -12.64 7.41
CA GLU A 47 -4.77 -11.90 7.66
C GLU A 47 -5.05 -10.40 7.67
N ILE A 48 -5.31 -9.83 6.49
CA ILE A 48 -5.59 -8.41 6.38
C ILE A 48 -6.81 -8.06 7.22
N ASN A 49 -7.84 -8.88 7.11
CA ASN A 49 -9.09 -8.68 7.83
C ASN A 49 -8.84 -8.16 9.26
N THR A 50 -8.01 -8.88 10.01
CA THR A 50 -7.72 -8.50 11.38
C THR A 50 -6.83 -7.27 11.46
N PHE A 51 -5.55 -7.44 11.17
CA PHE A 51 -4.60 -6.33 11.24
C PHE A 51 -5.18 -5.05 10.68
N ILE A 52 -5.85 -5.13 9.53
CA ILE A 52 -6.45 -3.93 8.94
C ILE A 52 -7.39 -3.26 9.94
N GLU A 53 -8.26 -4.06 10.56
CA GLU A 53 -9.19 -3.52 11.54
C GLU A 53 -8.41 -2.71 12.57
N GLU A 54 -7.37 -3.33 13.11
CA GLU A 54 -6.52 -2.68 14.09
C GLU A 54 -5.73 -1.54 13.44
N ILE A 55 -4.55 -1.86 12.90
CA ILE A 55 -3.68 -0.89 12.26
C ILE A 55 -4.37 0.42 11.83
N LEU A 56 -5.35 0.29 10.93
CA LEU A 56 -6.06 1.44 10.39
C LEU A 56 -6.90 2.16 11.43
N LEU A 57 -7.97 1.53 11.89
CA LEU A 57 -8.87 2.15 12.84
C LEU A 57 -8.21 2.41 14.19
N THR A 58 -7.15 1.68 14.48
CA THR A 58 -6.42 1.86 15.73
C THR A 58 -5.85 3.25 15.82
N ASP A 59 -4.84 3.50 14.99
CA ASP A 59 -4.17 4.79 15.00
C ASP A 59 -4.84 5.83 14.09
N TYR A 60 -5.36 5.41 12.95
CA TYR A 60 -5.96 6.37 12.02
C TYR A 60 -7.34 6.82 12.45
N LYS A 61 -7.95 6.14 13.42
CA LYS A 61 -9.25 6.56 13.90
C LYS A 61 -9.11 7.24 15.25
N LYS A 62 -8.26 6.70 16.11
CA LYS A 62 -8.03 7.27 17.42
C LYS A 62 -7.32 8.62 17.32
N ASN A 63 -6.23 8.68 16.57
CA ASN A 63 -5.49 9.93 16.40
C ASN A 63 -4.31 9.79 15.44
N VAL A 64 -4.59 9.97 14.17
CA VAL A 64 -3.58 9.91 13.12
C VAL A 64 -4.08 10.58 11.85
N ASN A 65 -5.24 10.13 11.36
CA ASN A 65 -5.82 10.70 10.14
C ASN A 65 -7.00 9.85 9.64
N PRO A 66 -8.02 10.50 9.08
CA PRO A 66 -9.21 9.83 8.56
C PRO A 66 -9.03 9.36 7.12
N THR A 67 -8.09 9.98 6.42
CA THR A 67 -7.82 9.63 5.02
C THR A 67 -7.62 8.13 4.86
N VAL A 68 -6.77 7.54 5.70
CA VAL A 68 -6.49 6.10 5.66
C VAL A 68 -7.79 5.31 5.73
N ASN A 69 -8.45 5.16 4.58
CA ASN A 69 -9.71 4.43 4.51
C ASN A 69 -9.58 3.19 3.64
N VAL A 70 -10.26 2.12 4.05
CA VAL A 70 -10.22 0.87 3.32
C VAL A 70 -11.43 0.73 2.39
N GLU A 71 -11.24 -0.04 1.33
CA GLU A 71 -12.29 -0.27 0.35
C GLU A 71 -12.26 -1.72 -0.14
N ASP A 72 -13.37 -2.42 0.00
CA ASP A 72 -13.45 -3.81 -0.43
C ASP A 72 -13.62 -3.90 -1.94
N ARG A 73 -12.61 -4.45 -2.61
CA ARG A 73 -12.65 -4.60 -4.06
C ARG A 73 -13.25 -5.95 -4.44
N ALA A 74 -12.83 -6.50 -5.59
CA ALA A 74 -13.34 -7.78 -6.05
C ALA A 74 -13.07 -8.88 -5.03
N GLY A 75 -11.82 -8.96 -4.58
CA GLY A 75 -11.46 -9.98 -3.61
C GLY A 75 -10.32 -9.54 -2.69
N TYR A 76 -10.04 -8.24 -2.66
CA TYR A 76 -8.97 -7.72 -1.81
C TYR A 76 -9.35 -6.37 -1.21
N TRP A 77 -8.66 -5.99 -0.15
CA TRP A 77 -8.92 -4.72 0.51
C TRP A 77 -8.15 -3.59 -0.16
N TRP A 78 -8.77 -2.43 -0.23
CA TRP A 78 -8.16 -1.25 -0.84
C TRP A 78 -7.96 -0.15 0.19
N ILE A 79 -6.72 0.05 0.61
CA ILE A 79 -6.42 1.10 1.59
C ILE A 79 -5.92 2.36 0.89
N LYS A 80 -6.73 3.41 0.94
CA LYS A 80 -6.39 4.67 0.29
C LYS A 80 -6.14 5.76 1.31
N ALA A 81 -5.07 6.52 1.09
CA ALA A 81 -4.71 7.60 1.98
C ALA A 81 -4.12 8.78 1.22
N ASN A 82 -4.16 9.96 1.82
CA ASN A 82 -3.62 11.15 1.18
C ASN A 82 -2.29 11.56 1.78
N GLY A 83 -1.42 12.15 0.96
CA GLY A 83 -0.13 12.59 1.42
C GLY A 83 0.79 11.43 1.78
N LYS A 84 0.48 10.74 2.87
CA LYS A 84 1.30 9.62 3.32
C LYS A 84 0.73 9.02 4.62
N ILE A 85 1.10 7.78 4.89
CA ILE A 85 0.65 7.09 6.10
C ILE A 85 1.77 6.21 6.64
N GLU A 86 1.68 5.85 7.91
CA GLU A 86 2.72 5.02 8.52
C GLU A 86 2.11 3.95 9.43
N VAL A 87 2.51 2.71 9.19
CA VAL A 87 2.03 1.57 9.96
C VAL A 87 2.97 1.23 11.11
N ASP A 88 2.40 0.77 12.21
CA ASP A 88 3.16 0.39 13.39
C ASP A 88 3.56 -1.08 13.29
N CYS A 89 4.67 -1.44 13.92
CA CYS A 89 5.13 -2.82 13.90
C CYS A 89 4.97 -3.43 15.28
N ASP A 90 3.92 -4.23 15.43
CA ASP A 90 3.59 -4.89 16.68
C ASP A 90 2.14 -5.31 16.66
N GLU A 91 1.31 -4.51 16.00
CA GLU A 91 -0.11 -4.82 15.90
C GLU A 91 -0.33 -5.91 14.85
N ILE A 92 -0.12 -5.57 13.59
CA ILE A 92 -0.28 -6.54 12.51
C ILE A 92 0.70 -7.68 12.69
N SER A 93 1.98 -7.36 12.76
CA SER A 93 3.02 -8.37 12.91
C SER A 93 2.65 -9.39 13.98
N GLU A 94 1.93 -8.95 15.00
CA GLU A 94 1.50 -9.84 16.07
C GLU A 94 0.57 -10.92 15.53
N LEU A 95 -0.56 -10.48 14.99
CA LEU A 95 -1.55 -11.39 14.43
C LEU A 95 -1.11 -11.96 13.08
N LEU A 96 -0.13 -11.32 12.46
CA LEU A 96 0.36 -11.75 11.16
C LEU A 96 1.68 -12.50 11.29
N GLY A 97 2.07 -12.79 12.54
CA GLY A 97 3.31 -13.50 12.77
C GLY A 97 4.04 -13.02 14.01
N ARG A 98 3.43 -13.24 15.17
CA ARG A 98 4.00 -12.81 16.45
C ARG A 98 5.53 -12.90 16.42
N GLN A 99 6.18 -11.85 16.92
CA GLN A 99 7.64 -11.80 16.96
C GLN A 99 8.24 -11.67 15.56
N PHE A 100 7.41 -11.27 14.62
CA PHE A 100 7.85 -11.10 13.23
C PHE A 100 8.84 -9.96 13.13
N ASN A 101 9.25 -9.64 11.90
CA ASN A 101 10.20 -8.56 11.67
C ASN A 101 9.48 -7.21 11.57
N VAL A 102 9.17 -6.78 10.35
CA VAL A 102 8.48 -5.51 10.15
C VAL A 102 8.26 -5.23 8.66
N TYR A 103 9.21 -5.64 7.84
CA TYR A 103 9.11 -5.44 6.40
C TYR A 103 8.07 -6.38 5.79
N ASP A 104 7.49 -7.26 6.61
CA ASP A 104 6.49 -8.21 6.16
C ASP A 104 5.46 -7.50 5.26
N PHE A 105 5.09 -6.29 5.65
CA PHE A 105 4.12 -5.52 4.86
C PHE A 105 4.79 -4.96 3.61
N LEU A 106 4.06 -4.92 2.52
CA LEU A 106 4.58 -4.42 1.25
C LEU A 106 5.76 -5.26 0.76
N VAL A 107 5.87 -6.47 1.28
CA VAL A 107 6.95 -7.37 0.89
C VAL A 107 6.61 -8.11 -0.41
N ASP A 108 5.37 -8.56 -0.50
CA ASP A 108 4.91 -9.28 -1.70
C ASP A 108 3.45 -9.68 -1.54
N VAL A 109 2.60 -8.72 -1.20
CA VAL A 109 1.18 -8.97 -1.01
C VAL A 109 0.35 -8.27 -2.08
N SER A 110 0.18 -8.92 -3.22
CA SER A 110 -0.60 -8.37 -4.33
C SER A 110 0.08 -7.13 -4.91
N SER A 111 0.18 -6.08 -4.11
CA SER A 111 0.80 -4.83 -4.55
C SER A 111 0.53 -3.71 -3.55
N THR A 112 1.17 -2.56 -3.76
CA THR A 112 0.99 -1.41 -2.87
C THR A 112 1.85 -0.23 -3.30
N ILE A 113 1.19 0.89 -3.60
CA ILE A 113 1.89 2.10 -4.01
C ILE A 113 2.31 2.93 -2.82
N GLY A 114 3.61 3.18 -2.74
CA GLY A 114 4.15 3.97 -1.65
C GLY A 114 5.50 3.45 -1.20
N ARG A 115 6.41 4.36 -0.87
CA ARG A 115 7.74 3.97 -0.41
C ARG A 115 7.69 3.51 1.04
N ALA A 116 8.09 2.26 1.27
CA ALA A 116 8.08 1.70 2.62
C ALA A 116 9.47 1.60 3.21
N TYR A 117 9.64 2.22 4.38
CA TYR A 117 10.90 2.19 5.10
C TYR A 117 10.64 1.98 6.59
N THR A 118 11.16 0.90 7.14
CA THR A 118 10.95 0.58 8.54
C THR A 118 12.08 1.10 9.42
N LEU A 119 11.70 1.69 10.55
CA LEU A 119 12.65 2.23 11.50
C LEU A 119 12.26 1.82 12.92
N GLY A 120 13.14 1.08 13.58
CA GLY A 120 12.83 0.64 14.93
C GLY A 120 11.59 -0.22 14.98
N ASN A 121 10.51 0.36 15.50
CA ASN A 121 9.24 -0.34 15.59
C ASN A 121 8.11 0.57 15.13
N LYS A 122 7.93 0.62 13.81
CA LYS A 122 6.88 1.43 13.17
C LYS A 122 7.33 1.82 11.77
N PHE A 123 6.87 1.07 10.76
CA PHE A 123 7.24 1.37 9.39
C PHE A 123 6.29 2.36 8.76
N THR A 124 6.85 3.44 8.22
CA THR A 124 6.05 4.48 7.59
C THR A 124 6.10 4.35 6.07
N ILE A 125 4.95 4.52 5.41
CA ILE A 125 4.90 4.43 3.96
C ILE A 125 4.42 5.73 3.35
N THR A 126 5.30 6.32 2.56
CA THR A 126 5.03 7.56 1.86
C THR A 126 4.59 7.29 0.43
N SER A 127 3.86 8.21 -0.16
CA SER A 127 3.39 8.09 -1.53
C SER A 127 3.42 9.45 -2.21
N GLU A 128 4.20 10.35 -1.63
CA GLU A 128 4.33 11.70 -2.12
C GLU A 128 5.79 12.03 -2.45
N LEU A 129 6.07 13.31 -2.64
CA LEU A 129 7.42 13.77 -2.96
C LEU A 129 7.83 13.32 -4.35
N MET A 130 7.92 14.29 -5.25
CA MET A 130 8.31 14.02 -6.63
C MET A 130 9.72 14.53 -6.92
N GLY A 131 10.47 14.79 -5.86
CA GLY A 131 11.82 15.28 -6.00
C GLY A 131 12.70 14.34 -6.80
N LEU A 132 12.94 13.14 -6.25
CA LEU A 132 13.76 12.15 -6.93
C LEU A 132 13.07 11.63 -8.19
N ASP A 133 13.65 11.93 -9.34
CA ASP A 133 13.09 11.49 -10.61
C ASP A 133 13.62 10.11 -11.00
N ARG A 134 13.38 9.13 -10.14
CA ARG A 134 13.83 7.76 -10.38
C ARG A 134 13.27 7.25 -11.70
N LYS A 135 11.96 7.42 -11.89
CA LYS A 135 11.30 6.97 -13.12
C LYS A 135 10.57 8.12 -13.80
N LEU A 136 10.92 9.35 -13.43
CA LEU A 136 10.30 10.54 -14.03
C LEU A 136 11.33 11.37 -14.78
N GLU A 137 12.50 10.79 -15.00
CA GLU A 137 13.58 11.46 -15.71
C GLU A 137 13.12 11.96 -17.07
N ASP A 138 12.15 11.28 -17.65
CA ASP A 138 11.62 11.66 -18.96
C ASP A 138 10.10 11.68 -18.96
N TYR A 139 9.53 12.81 -19.31
CA TYR A 139 8.08 12.96 -19.35
C TYR A 139 7.67 14.03 -20.37
N HIS A 140 6.38 14.35 -20.40
CA HIS A 140 5.86 15.35 -21.32
C HIS A 140 4.82 16.24 -20.63
N ALA A 141 4.51 17.38 -21.25
CA ALA A 141 3.55 18.31 -20.70
C ALA A 141 3.28 19.46 -21.67
N MET A 1 -19.45 -30.83 4.58
CA MET A 1 -20.08 -31.98 5.30
C MET A 1 -19.06 -32.71 6.16
N SER A 2 -18.18 -33.46 5.51
CA SER A 2 -17.15 -34.22 6.22
C SER A 2 -15.77 -33.63 5.97
N VAL A 3 -15.53 -33.22 4.73
CA VAL A 3 -14.25 -32.64 4.35
C VAL A 3 -13.14 -33.68 4.38
N ASN A 4 -12.79 -34.14 5.58
CA ASN A 4 -11.74 -35.13 5.74
C ASN A 4 -12.23 -36.51 5.33
N SER A 5 -11.30 -37.34 4.87
CA SER A 5 -11.64 -38.70 4.43
C SER A 5 -12.64 -38.66 3.27
N ASN A 6 -12.43 -37.73 2.36
CA ASN A 6 -13.30 -37.59 1.19
C ASN A 6 -12.65 -36.74 0.11
N ALA A 7 -11.35 -36.98 -0.11
CA ALA A 7 -10.61 -36.24 -1.12
C ALA A 7 -10.61 -34.75 -0.82
N TYR A 8 -10.06 -33.96 -1.74
CA TYR A 8 -10.01 -32.52 -1.57
C TYR A 8 -10.86 -31.81 -2.62
N ASP A 9 -11.84 -32.53 -3.15
CA ASP A 9 -12.73 -31.98 -4.17
C ASP A 9 -13.36 -30.68 -3.69
N ALA A 10 -13.36 -30.49 -2.40
CA ALA A 10 -13.90 -29.29 -1.78
C ALA A 10 -12.97 -28.11 -1.98
N GLY A 11 -11.73 -28.40 -2.36
CA GLY A 11 -10.76 -27.36 -2.57
C GLY A 11 -9.97 -27.51 -3.86
N ILE A 12 -10.09 -28.67 -4.51
CA ILE A 12 -9.36 -28.91 -5.76
C ILE A 12 -9.71 -27.88 -6.83
N MET A 13 -10.86 -27.25 -6.64
CA MET A 13 -11.30 -26.22 -7.56
C MET A 13 -10.63 -24.90 -7.21
N GLY A 14 -9.69 -24.96 -6.27
CA GLY A 14 -8.98 -23.76 -5.85
C GLY A 14 -7.68 -24.07 -5.13
N LEU A 15 -7.12 -25.25 -5.40
CA LEU A 15 -5.87 -25.66 -4.77
C LEU A 15 -4.91 -26.24 -5.80
N LYS A 16 -5.08 -27.52 -6.14
CA LYS A 16 -4.22 -28.16 -7.12
C LYS A 16 -4.81 -28.04 -8.52
N GLY A 17 -5.87 -27.25 -8.62
CA GLY A 17 -6.53 -27.03 -9.90
C GLY A 17 -6.50 -25.57 -10.29
N LYS A 18 -6.41 -24.71 -9.28
CA LYS A 18 -6.34 -23.28 -9.50
C LYS A 18 -5.16 -22.69 -8.78
N ASP A 19 -4.03 -22.74 -9.45
CA ASP A 19 -2.78 -22.24 -8.91
C ASP A 19 -1.97 -21.48 -9.95
N PHE A 20 -2.61 -21.17 -11.07
CA PHE A 20 -1.94 -20.44 -12.16
C PHE A 20 -1.99 -18.94 -11.95
N ALA A 21 -2.33 -18.52 -10.73
CA ALA A 21 -2.40 -17.10 -10.40
C ALA A 21 -1.06 -16.42 -10.67
N ASP A 22 -0.98 -15.15 -10.31
CA ASP A 22 0.25 -14.39 -10.52
C ASP A 22 0.56 -14.27 -12.01
N GLN A 23 -0.42 -14.61 -12.84
CA GLN A 23 -0.28 -14.56 -14.28
C GLN A 23 -1.60 -14.22 -14.96
N PHE A 24 -2.57 -13.80 -14.16
CA PHE A 24 -3.89 -13.43 -14.67
C PHE A 24 -4.00 -11.92 -14.83
N PHE A 25 -3.69 -11.20 -13.76
CA PHE A 25 -3.74 -9.74 -13.78
C PHE A 25 -2.38 -9.16 -13.44
N ALA A 26 -1.73 -8.56 -14.44
CA ALA A 26 -0.42 -7.96 -14.25
C ALA A 26 -0.54 -6.50 -13.84
N ASP A 27 -0.03 -5.62 -14.68
CA ASP A 27 -0.06 -4.19 -14.43
C ASP A 27 0.80 -3.82 -13.24
N GLU A 28 1.66 -4.74 -12.83
CA GLU A 28 2.55 -4.51 -11.71
C GLU A 28 3.85 -3.85 -12.16
N ASN A 29 4.15 -3.96 -13.45
CA ASN A 29 5.36 -3.37 -14.01
C ASN A 29 5.10 -1.97 -14.56
N GLN A 30 3.96 -1.40 -14.18
CA GLN A 30 3.59 -0.07 -14.63
C GLN A 30 4.28 1.00 -13.80
N VAL A 31 4.77 2.05 -14.46
CA VAL A 31 5.45 3.13 -13.76
C VAL A 31 4.45 4.13 -13.19
N VAL A 32 4.82 4.74 -12.06
CA VAL A 32 3.96 5.72 -11.41
C VAL A 32 4.57 7.10 -11.55
N HIS A 33 3.76 8.09 -11.89
CA HIS A 33 4.27 9.44 -12.06
C HIS A 33 3.77 10.34 -10.95
N GLU A 34 4.71 10.82 -10.14
CA GLU A 34 4.42 11.71 -9.02
C GLU A 34 3.04 11.45 -8.42
N SER A 35 2.87 10.27 -7.84
CA SER A 35 1.59 9.90 -7.23
C SER A 35 1.33 10.74 -5.98
N ASP A 36 0.06 11.04 -5.73
CA ASP A 36 -0.33 11.83 -4.58
C ASP A 36 -1.09 11.00 -3.55
N THR A 37 -1.75 9.94 -4.03
CA THR A 37 -2.52 9.06 -3.15
C THR A 37 -1.66 7.92 -2.63
N VAL A 38 -1.88 7.53 -1.38
CA VAL A 38 -1.14 6.44 -0.75
C VAL A 38 -1.92 5.13 -0.90
N VAL A 39 -1.62 4.39 -1.96
CA VAL A 39 -2.32 3.14 -2.23
C VAL A 39 -1.42 1.93 -2.00
N LEU A 40 -2.03 0.85 -1.52
CA LEU A 40 -1.32 -0.40 -1.27
C LEU A 40 -2.30 -1.56 -1.27
N VAL A 41 -2.00 -2.59 -2.03
CA VAL A 41 -2.86 -3.76 -2.08
C VAL A 41 -2.22 -4.98 -1.46
N LEU A 42 -2.97 -5.62 -0.57
CA LEU A 42 -2.51 -6.81 0.13
C LEU A 42 -3.53 -7.94 -0.02
N LYS A 43 -3.05 -9.16 -0.22
CA LYS A 43 -3.96 -10.31 -0.38
C LYS A 43 -4.99 -10.33 0.74
N LYS A 44 -6.27 -10.41 0.38
CA LYS A 44 -7.32 -10.43 1.37
C LYS A 44 -7.36 -11.76 2.10
N SER A 45 -6.65 -11.82 3.21
CA SER A 45 -6.58 -13.01 4.03
C SER A 45 -6.95 -12.64 5.46
N ASP A 46 -7.13 -13.64 6.31
CA ASP A 46 -7.43 -13.39 7.71
C ASP A 46 -6.44 -12.35 8.27
N GLU A 47 -5.33 -12.17 7.55
CA GLU A 47 -4.29 -11.22 7.93
C GLU A 47 -4.83 -9.79 7.85
N ILE A 48 -4.99 -9.29 6.63
CA ILE A 48 -5.49 -7.94 6.44
C ILE A 48 -6.81 -7.77 7.15
N ASN A 49 -7.58 -8.84 7.23
CA ASN A 49 -8.87 -8.80 7.90
C ASN A 49 -8.75 -8.12 9.26
N THR A 50 -7.94 -8.70 10.14
CA THR A 50 -7.73 -8.14 11.48
C THR A 50 -6.70 -7.02 11.45
N PHE A 51 -5.59 -7.26 10.74
CA PHE A 51 -4.52 -6.28 10.64
C PHE A 51 -5.07 -4.94 10.18
N ILE A 52 -5.87 -4.94 9.12
CA ILE A 52 -6.45 -3.70 8.61
C ILE A 52 -7.36 -3.08 9.67
N GLU A 53 -8.23 -3.91 10.23
CA GLU A 53 -9.16 -3.44 11.26
C GLU A 53 -8.40 -2.68 12.35
N GLU A 54 -7.30 -3.26 12.82
CA GLU A 54 -6.50 -2.65 13.85
C GLU A 54 -5.62 -1.53 13.29
N ILE A 55 -4.61 -1.92 12.53
CA ILE A 55 -3.66 -0.98 11.93
C ILE A 55 -4.26 0.39 11.60
N LEU A 56 -5.29 0.41 10.76
CA LEU A 56 -5.88 1.67 10.34
C LEU A 56 -6.83 2.26 11.39
N LEU A 57 -7.79 1.49 11.91
CA LEU A 57 -8.72 2.04 12.90
C LEU A 57 -7.99 2.44 14.17
N THR A 58 -7.16 1.54 14.68
CA THR A 58 -6.39 1.79 15.89
C THR A 58 -5.62 3.09 15.75
N ASP A 59 -4.60 3.06 14.91
CA ASP A 59 -3.77 4.23 14.67
C ASP A 59 -4.59 5.36 14.04
N TYR A 60 -5.76 5.02 13.49
CA TYR A 60 -6.63 6.02 12.87
C TYR A 60 -6.87 7.18 13.82
N LYS A 61 -7.75 6.97 14.78
CA LYS A 61 -8.07 8.01 15.74
C LYS A 61 -6.89 8.29 16.67
N LYS A 62 -5.97 7.33 16.75
CA LYS A 62 -4.80 7.47 17.60
C LYS A 62 -3.97 8.69 17.20
N ASN A 63 -3.31 8.60 16.03
CA ASN A 63 -2.48 9.69 15.54
C ASN A 63 -2.24 9.58 14.04
N VAL A 64 -3.11 8.88 13.35
CA VAL A 64 -2.99 8.69 11.91
C VAL A 64 -3.87 9.65 11.14
N ASN A 65 -5.16 9.33 11.07
CA ASN A 65 -6.13 10.15 10.34
C ASN A 65 -7.31 9.32 9.89
N PRO A 66 -8.36 9.98 9.37
CA PRO A 66 -9.56 9.30 8.87
C PRO A 66 -9.43 8.94 7.39
N THR A 67 -8.35 9.41 6.77
CA THR A 67 -8.10 9.14 5.34
C THR A 67 -7.88 7.66 5.07
N VAL A 68 -6.62 7.20 5.24
CA VAL A 68 -6.25 5.79 4.99
C VAL A 68 -7.43 4.84 5.25
N ASN A 69 -8.24 4.65 4.21
CA ASN A 69 -9.42 3.79 4.28
C ASN A 69 -9.30 2.59 3.35
N VAL A 70 -9.80 1.44 3.79
CA VAL A 70 -9.75 0.25 2.98
C VAL A 70 -11.05 0.03 2.21
N GLU A 71 -10.92 -0.62 1.06
CA GLU A 71 -12.07 -0.91 0.21
C GLU A 71 -11.88 -2.27 -0.48
N ASP A 72 -12.92 -3.07 -0.49
CA ASP A 72 -12.86 -4.39 -1.13
C ASP A 72 -13.03 -4.25 -2.64
N ARG A 73 -11.98 -4.59 -3.38
CA ARG A 73 -12.01 -4.50 -4.84
C ARG A 73 -12.61 -5.76 -5.45
N ALA A 74 -11.81 -6.82 -5.51
CA ALA A 74 -12.27 -8.08 -6.08
C ALA A 74 -11.89 -9.25 -5.16
N GLY A 75 -10.61 -9.50 -5.04
CA GLY A 75 -10.14 -10.58 -4.19
C GLY A 75 -9.13 -10.12 -3.14
N TYR A 76 -8.89 -8.81 -3.09
CA TYR A 76 -7.95 -8.25 -2.13
C TYR A 76 -8.44 -6.90 -1.61
N TRP A 77 -7.94 -6.51 -0.44
CA TRP A 77 -8.33 -5.23 0.15
C TRP A 77 -7.60 -4.09 -0.53
N TRP A 78 -8.30 -2.97 -0.69
CA TRP A 78 -7.75 -1.78 -1.32
C TRP A 78 -7.64 -0.65 -0.31
N ILE A 79 -6.43 -0.29 0.07
CA ILE A 79 -6.23 0.78 1.04
C ILE A 79 -5.85 2.09 0.36
N LYS A 80 -6.73 3.08 0.49
CA LYS A 80 -6.51 4.40 -0.10
C LYS A 80 -6.29 5.43 0.99
N ALA A 81 -5.28 6.27 0.81
CA ALA A 81 -4.98 7.29 1.80
C ALA A 81 -4.50 8.58 1.14
N ASN A 82 -4.61 9.68 1.87
CA ASN A 82 -4.17 10.98 1.36
C ASN A 82 -2.91 11.43 2.11
N GLY A 83 -2.00 12.07 1.40
CA GLY A 83 -0.78 12.53 2.02
C GLY A 83 0.15 11.37 2.38
N LYS A 84 -0.25 10.58 3.37
CA LYS A 84 0.57 9.45 3.80
C LYS A 84 -0.13 8.64 4.90
N ILE A 85 0.20 7.35 4.97
CA ILE A 85 -0.35 6.45 5.96
C ILE A 85 0.82 5.77 6.68
N GLU A 86 0.60 5.22 7.85
CA GLU A 86 1.71 4.58 8.58
C GLU A 86 1.24 3.39 9.41
N VAL A 87 1.89 2.25 9.17
CA VAL A 87 1.58 1.01 9.87
C VAL A 87 2.49 0.80 11.07
N ASP A 88 1.95 0.18 12.12
CA ASP A 88 2.71 -0.12 13.33
C ASP A 88 3.11 -1.59 13.32
N CYS A 89 4.22 -1.91 13.97
CA CYS A 89 4.69 -3.28 14.03
C CYS A 89 4.42 -3.87 15.41
N ASP A 90 3.34 -4.65 15.49
CA ASP A 90 2.93 -5.29 16.73
C ASP A 90 1.47 -5.65 16.63
N GLU A 91 0.69 -4.78 15.98
CA GLU A 91 -0.73 -5.03 15.80
C GLU A 91 -0.93 -6.17 14.80
N ILE A 92 -0.74 -5.88 13.52
CA ILE A 92 -0.86 -6.92 12.50
C ILE A 92 0.01 -8.11 12.86
N SER A 93 1.29 -7.84 13.05
CA SER A 93 2.26 -8.88 13.39
C SER A 93 1.75 -9.79 14.50
N GLU A 94 1.15 -9.20 15.53
CA GLU A 94 0.63 -9.99 16.64
C GLU A 94 -0.25 -11.11 16.12
N LEU A 95 -1.12 -10.75 15.18
CA LEU A 95 -2.03 -11.72 14.58
C LEU A 95 -1.42 -12.36 13.33
N LEU A 96 -0.41 -11.69 12.77
CA LEU A 96 0.25 -12.17 11.56
C LEU A 96 1.52 -12.93 11.92
N GLY A 97 1.60 -13.37 13.16
CA GLY A 97 2.76 -14.09 13.63
C GLY A 97 3.69 -13.19 14.40
N ARG A 98 3.25 -12.76 15.59
CA ARG A 98 4.03 -11.88 16.46
C ARG A 98 5.53 -12.09 16.27
N GLN A 99 6.28 -11.02 16.44
CA GLN A 99 7.73 -11.06 16.28
C GLN A 99 8.11 -11.61 14.92
N PHE A 100 8.55 -10.72 14.05
CA PHE A 100 8.93 -11.12 12.69
C PHE A 100 9.50 -9.91 11.93
N ASN A 101 9.49 -9.99 10.61
CA ASN A 101 10.01 -8.90 9.78
C ASN A 101 8.99 -7.77 9.65
N VAL A 102 9.46 -6.54 9.86
CA VAL A 102 8.60 -5.37 9.77
C VAL A 102 8.42 -4.94 8.31
N TYR A 103 9.43 -5.23 7.49
CA TYR A 103 9.37 -4.88 6.08
C TYR A 103 8.48 -5.87 5.31
N ASP A 104 7.98 -6.88 6.03
CA ASP A 104 7.12 -7.89 5.41
C ASP A 104 6.06 -7.23 4.54
N PHE A 105 5.58 -6.07 4.97
CA PHE A 105 4.56 -5.34 4.21
C PHE A 105 5.23 -4.56 3.09
N LEU A 106 4.64 -4.63 1.89
CA LEU A 106 5.16 -3.93 0.72
C LEU A 106 6.41 -4.61 0.16
N VAL A 107 6.75 -5.79 0.67
CA VAL A 107 7.92 -6.52 0.20
C VAL A 107 7.58 -7.38 -1.02
N ASP A 108 6.38 -7.95 -1.02
CA ASP A 108 5.93 -8.79 -2.12
C ASP A 108 4.51 -9.28 -1.87
N VAL A 109 3.62 -8.35 -1.52
CA VAL A 109 2.23 -8.68 -1.25
C VAL A 109 1.31 -8.07 -2.28
N SER A 110 1.12 -8.78 -3.40
CA SER A 110 0.26 -8.31 -4.48
C SER A 110 0.84 -7.09 -5.15
N SER A 111 0.91 -5.99 -4.40
CA SER A 111 1.45 -4.72 -4.92
C SER A 111 1.08 -3.57 -4.00
N THR A 112 1.68 -2.41 -4.23
CA THR A 112 1.41 -1.24 -3.41
C THR A 112 2.20 -0.02 -3.89
N ILE A 113 1.52 1.11 -4.00
CA ILE A 113 2.15 2.35 -4.43
C ILE A 113 2.37 3.28 -3.25
N GLY A 114 3.64 3.51 -2.95
CA GLY A 114 4.00 4.38 -1.84
C GLY A 114 5.34 4.00 -1.24
N ARG A 115 6.06 5.00 -0.77
CA ARG A 115 7.37 4.78 -0.16
C ARG A 115 7.22 4.22 1.25
N ALA A 116 7.88 3.10 1.52
CA ALA A 116 7.80 2.47 2.83
C ALA A 116 9.16 2.48 3.54
N TYR A 117 9.17 3.03 4.74
CA TYR A 117 10.38 3.08 5.56
C TYR A 117 10.06 2.73 7.00
N THR A 118 10.67 1.65 7.50
CA THR A 118 10.41 1.21 8.86
C THR A 118 11.47 1.75 9.82
N LEU A 119 11.06 1.90 11.08
CA LEU A 119 11.95 2.40 12.12
C LEU A 119 11.58 1.77 13.46
N GLY A 120 12.49 0.99 14.02
CA GLY A 120 12.23 0.34 15.29
C GLY A 120 10.99 -0.54 15.24
N ASN A 121 9.91 -0.04 15.83
CA ASN A 121 8.65 -0.77 15.84
C ASN A 121 7.53 0.15 15.37
N LYS A 122 7.39 0.23 14.04
CA LYS A 122 6.36 1.05 13.38
C LYS A 122 6.89 1.55 12.03
N PHE A 123 6.29 1.06 10.94
CA PHE A 123 6.71 1.49 9.62
C PHE A 123 5.66 2.37 8.97
N THR A 124 6.07 3.56 8.57
CA THR A 124 5.16 4.51 7.93
C THR A 124 5.35 4.49 6.42
N ILE A 125 4.24 4.62 5.70
CA ILE A 125 4.30 4.62 4.24
C ILE A 125 3.73 5.92 3.67
N THR A 126 4.60 6.64 3.00
CA THR A 126 4.26 7.90 2.36
C THR A 126 4.11 7.70 0.85
N SER A 127 3.34 8.56 0.20
CA SER A 127 3.14 8.48 -1.24
C SER A 127 3.04 9.87 -1.83
N GLU A 128 3.52 10.85 -1.07
CA GLU A 128 3.47 12.24 -1.47
C GLU A 128 4.86 12.86 -1.47
N LEU A 129 5.75 12.33 -0.63
CA LEU A 129 7.11 12.84 -0.54
C LEU A 129 7.11 14.26 0.01
N MET A 130 7.55 14.39 1.25
CA MET A 130 7.62 15.69 1.92
C MET A 130 8.99 16.34 1.76
N GLY A 131 9.76 15.83 0.81
CA GLY A 131 11.09 16.37 0.57
C GLY A 131 11.16 17.19 -0.71
N LEU A 132 10.19 18.06 -0.90
CA LEU A 132 10.15 18.92 -2.09
C LEU A 132 10.87 20.23 -1.84
N ASP A 133 12.13 20.15 -1.42
CA ASP A 133 12.93 21.34 -1.15
C ASP A 133 12.29 22.18 -0.06
N ARG A 134 11.55 21.55 0.84
CA ARG A 134 10.90 22.24 1.94
C ARG A 134 11.92 22.88 2.87
N LYS A 135 12.87 22.07 3.33
CA LYS A 135 13.91 22.55 4.22
C LYS A 135 15.28 22.45 3.55
N LEU A 136 15.29 22.60 2.24
CA LEU A 136 16.54 22.52 1.47
C LEU A 136 16.69 23.74 0.57
N GLU A 137 17.56 23.63 -0.44
CA GLU A 137 17.80 24.72 -1.39
C GLU A 137 18.59 25.85 -0.73
N ASP A 138 18.07 26.37 0.36
CA ASP A 138 18.72 27.47 1.08
C ASP A 138 19.16 27.01 2.47
N TYR A 139 20.47 26.91 2.66
CA TYR A 139 21.02 26.49 3.95
C TYR A 139 22.52 26.78 4.02
N HIS A 140 23.12 26.48 5.16
CA HIS A 140 24.55 26.71 5.36
C HIS A 140 25.22 25.48 5.97
N ALA A 141 26.36 25.10 5.40
CA ALA A 141 27.10 23.95 5.89
C ALA A 141 28.59 24.25 5.98
N MET A 1 -48.99 31.93 14.89
CA MET A 1 -47.53 31.85 14.59
C MET A 1 -47.08 30.40 14.43
N SER A 2 -48.01 29.54 14.03
CA SER A 2 -47.70 28.13 13.82
C SER A 2 -47.14 27.50 15.10
N VAL A 3 -46.62 26.29 14.97
CA VAL A 3 -46.04 25.58 16.11
C VAL A 3 -44.69 24.97 15.74
N ASN A 4 -44.68 24.19 14.67
CA ASN A 4 -43.44 23.55 14.20
C ASN A 4 -42.81 24.34 13.07
N SER A 5 -41.49 24.24 12.95
CA SER A 5 -40.75 24.95 11.91
C SER A 5 -41.25 24.53 10.53
N ASN A 6 -41.78 23.32 10.43
CA ASN A 6 -42.29 22.81 9.17
C ASN A 6 -41.17 22.64 8.15
N ALA A 7 -40.56 21.45 8.13
CA ALA A 7 -39.48 21.18 7.20
C ALA A 7 -39.60 19.77 6.62
N TYR A 8 -40.06 19.69 5.37
CA TYR A 8 -40.23 18.41 4.70
C TYR A 8 -38.89 17.70 4.50
N ASP A 9 -38.65 17.16 3.31
CA ASP A 9 -37.41 16.43 3.03
C ASP A 9 -36.18 17.19 3.50
N ALA A 10 -36.31 18.49 3.58
CA ALA A 10 -35.21 19.34 4.03
C ALA A 10 -34.99 19.18 5.53
N GLY A 11 -36.05 18.80 6.22
CA GLY A 11 -35.96 18.59 7.66
C GLY A 11 -35.69 17.15 8.00
N ILE A 12 -36.09 16.24 7.11
CA ILE A 12 -35.87 14.81 7.33
C ILE A 12 -34.55 14.37 6.69
N MET A 13 -34.18 15.12 5.67
CA MET A 13 -32.95 14.92 4.93
C MET A 13 -32.47 13.47 4.91
N GLY A 14 -33.40 12.57 4.65
CA GLY A 14 -33.06 11.17 4.60
C GLY A 14 -33.92 10.38 3.63
N LEU A 15 -35.04 9.86 4.12
CA LEU A 15 -35.95 9.07 3.29
C LEU A 15 -36.17 9.72 1.93
N LYS A 16 -36.87 10.85 1.92
CA LYS A 16 -37.14 11.57 0.67
C LYS A 16 -36.19 12.73 0.47
N GLY A 17 -35.38 12.98 1.48
CA GLY A 17 -34.41 14.06 1.43
C GLY A 17 -33.02 13.59 1.06
N LYS A 18 -32.82 12.28 1.10
CA LYS A 18 -31.52 11.70 0.76
C LYS A 18 -31.70 10.56 -0.23
N ASP A 19 -31.83 10.91 -1.49
CA ASP A 19 -32.00 9.93 -2.56
C ASP A 19 -31.16 10.27 -3.78
N PHE A 20 -30.25 11.23 -3.62
CA PHE A 20 -29.39 11.66 -4.72
C PHE A 20 -28.13 10.81 -4.82
N ALA A 21 -28.14 9.65 -4.16
CA ALA A 21 -27.01 8.75 -4.19
C ALA A 21 -26.67 8.36 -5.61
N ASP A 22 -25.75 7.40 -5.76
CA ASP A 22 -25.33 6.95 -7.09
C ASP A 22 -24.71 8.11 -7.87
N GLN A 23 -24.40 9.18 -7.16
CA GLN A 23 -23.80 10.37 -7.76
C GLN A 23 -22.74 10.97 -6.86
N PHE A 24 -22.37 10.23 -5.82
CA PHE A 24 -21.37 10.69 -4.87
C PHE A 24 -19.96 10.41 -5.40
N PHE A 25 -19.77 9.20 -5.92
CA PHE A 25 -18.48 8.80 -6.48
C PHE A 25 -18.62 8.44 -7.95
N ALA A 26 -18.04 9.26 -8.82
CA ALA A 26 -18.10 9.03 -10.24
C ALA A 26 -16.91 8.21 -10.71
N ASP A 27 -16.07 8.81 -11.54
CA ASP A 27 -14.89 8.16 -12.07
C ASP A 27 -15.27 7.01 -13.00
N GLU A 28 -16.52 6.99 -13.43
CA GLU A 28 -17.00 5.96 -14.34
C GLU A 28 -16.53 6.21 -15.75
N ASN A 29 -16.27 7.48 -16.07
CA ASN A 29 -15.81 7.86 -17.40
C ASN A 29 -14.81 9.01 -17.34
N GLN A 30 -14.26 9.24 -16.15
CA GLN A 30 -13.28 10.31 -15.95
C GLN A 30 -11.86 9.77 -16.01
N VAL A 31 -10.90 10.67 -16.13
CA VAL A 31 -9.49 10.29 -16.19
C VAL A 31 -8.72 10.86 -15.01
N VAL A 32 -7.67 10.15 -14.60
CA VAL A 32 -6.83 10.59 -13.49
C VAL A 32 -5.47 11.03 -14.01
N HIS A 33 -4.99 12.16 -13.53
CA HIS A 33 -3.69 12.66 -13.98
C HIS A 33 -2.67 12.57 -12.87
N GLU A 34 -1.66 11.72 -13.10
CA GLU A 34 -0.57 11.51 -12.15
C GLU A 34 -1.01 11.73 -10.70
N SER A 35 -1.81 10.82 -10.18
CA SER A 35 -2.30 10.92 -8.81
C SER A 35 -1.22 10.52 -7.82
N ASP A 36 -1.17 11.23 -6.69
CA ASP A 36 -0.18 10.94 -5.66
C ASP A 36 -0.83 10.26 -4.45
N THR A 37 -1.92 9.54 -4.71
CA THR A 37 -2.63 8.84 -3.64
C THR A 37 -1.80 7.68 -3.09
N VAL A 38 -1.91 7.46 -1.79
CA VAL A 38 -1.18 6.38 -1.14
C VAL A 38 -2.02 5.10 -1.19
N VAL A 39 -1.70 4.23 -2.15
CA VAL A 39 -2.44 2.99 -2.32
C VAL A 39 -1.56 1.77 -2.09
N LEU A 40 -2.20 0.69 -1.67
CA LEU A 40 -1.50 -0.57 -1.42
C LEU A 40 -2.50 -1.71 -1.34
N VAL A 41 -2.28 -2.76 -2.11
CA VAL A 41 -3.18 -3.91 -2.09
C VAL A 41 -2.51 -5.14 -1.50
N LEU A 42 -3.24 -5.76 -0.57
CA LEU A 42 -2.76 -6.98 0.10
C LEU A 42 -3.82 -8.06 0.01
N LYS A 43 -3.39 -9.31 -0.20
CA LYS A 43 -4.32 -10.42 -0.30
C LYS A 43 -5.33 -10.39 0.83
N LYS A 44 -6.62 -10.39 0.49
CA LYS A 44 -7.66 -10.34 1.50
C LYS A 44 -7.74 -11.66 2.25
N SER A 45 -7.00 -11.74 3.32
CA SER A 45 -6.96 -12.93 4.15
C SER A 45 -7.26 -12.54 5.59
N ASP A 46 -7.45 -13.53 6.47
CA ASP A 46 -7.69 -13.24 7.87
C ASP A 46 -6.66 -12.21 8.37
N GLU A 47 -5.56 -12.08 7.60
CA GLU A 47 -4.49 -11.14 7.91
C GLU A 47 -5.02 -9.71 7.85
N ILE A 48 -5.18 -9.19 6.64
CA ILE A 48 -5.68 -7.83 6.46
C ILE A 48 -6.99 -7.67 7.20
N ASN A 49 -7.75 -8.74 7.27
CA ASN A 49 -9.03 -8.71 7.95
C ASN A 49 -8.88 -8.03 9.31
N THR A 50 -8.04 -8.60 10.18
CA THR A 50 -7.80 -8.04 11.50
C THR A 50 -6.74 -6.95 11.45
N PHE A 51 -5.65 -7.20 10.74
CA PHE A 51 -4.57 -6.24 10.62
C PHE A 51 -5.12 -4.88 10.17
N ILE A 52 -5.96 -4.89 9.14
CA ILE A 52 -6.55 -3.63 8.66
C ILE A 52 -7.43 -3.03 9.74
N GLU A 53 -8.31 -3.87 10.32
CA GLU A 53 -9.20 -3.40 11.37
C GLU A 53 -8.40 -2.69 12.45
N GLU A 54 -7.27 -3.28 12.83
CA GLU A 54 -6.41 -2.68 13.84
C GLU A 54 -5.59 -1.54 13.25
N ILE A 55 -4.55 -1.89 12.50
CA ILE A 55 -3.66 -0.92 11.88
C ILE A 55 -4.34 0.38 11.48
N LEU A 56 -5.41 0.27 10.70
CA LEU A 56 -6.13 1.43 10.21
C LEU A 56 -6.93 2.14 11.29
N LEU A 57 -7.87 1.45 11.91
CA LEU A 57 -8.71 2.07 12.94
C LEU A 57 -7.89 2.43 14.18
N THR A 58 -7.11 1.49 14.67
CA THR A 58 -6.28 1.73 15.85
C THR A 58 -5.45 2.99 15.67
N ASP A 59 -4.46 2.90 14.80
CA ASP A 59 -3.59 4.03 14.52
C ASP A 59 -4.39 5.21 13.97
N TYR A 60 -5.56 4.93 13.38
CA TYR A 60 -6.41 5.97 12.82
C TYR A 60 -6.57 7.13 13.79
N LYS A 61 -7.43 6.94 14.78
CA LYS A 61 -7.67 7.99 15.76
C LYS A 61 -6.44 8.23 16.63
N LYS A 62 -5.60 7.20 16.77
CA LYS A 62 -4.40 7.31 17.57
C LYS A 62 -3.56 8.52 17.16
N ASN A 63 -3.02 8.47 15.94
CA ASN A 63 -2.20 9.56 15.43
C ASN A 63 -1.92 9.40 13.95
N VAL A 64 -2.85 8.79 13.26
CA VAL A 64 -2.73 8.55 11.83
C VAL A 64 -3.55 9.56 11.03
N ASN A 65 -4.86 9.32 10.96
CA ASN A 65 -5.77 10.19 10.21
C ASN A 65 -7.01 9.42 9.77
N PRO A 66 -8.05 10.14 9.33
CA PRO A 66 -9.29 9.53 8.85
C PRO A 66 -9.22 9.17 7.38
N THR A 67 -8.09 9.52 6.73
CA THR A 67 -7.90 9.24 5.31
C THR A 67 -7.75 7.74 5.05
N VAL A 68 -6.51 7.23 5.16
CA VAL A 68 -6.23 5.80 4.92
C VAL A 68 -7.47 4.92 5.15
N ASN A 69 -8.24 4.74 4.06
CA ASN A 69 -9.46 3.93 4.10
C ASN A 69 -9.34 2.71 3.21
N VAL A 70 -9.91 1.59 3.65
CA VAL A 70 -9.86 0.37 2.89
C VAL A 70 -11.13 0.18 2.06
N GLU A 71 -10.98 -0.55 0.96
CA GLU A 71 -12.11 -0.83 0.07
C GLU A 71 -11.99 -2.22 -0.52
N ASP A 72 -13.09 -2.95 -0.47
CA ASP A 72 -13.14 -4.30 -1.01
C ASP A 72 -13.39 -4.27 -2.52
N ARG A 73 -12.40 -4.71 -3.30
CA ARG A 73 -12.52 -4.72 -4.75
C ARG A 73 -13.02 -6.07 -5.27
N ALA A 74 -12.10 -7.02 -5.39
CA ALA A 74 -12.46 -8.35 -5.88
C ALA A 74 -12.02 -9.43 -4.91
N GLY A 75 -10.71 -9.63 -4.79
CA GLY A 75 -10.18 -10.64 -3.90
C GLY A 75 -9.15 -10.09 -2.93
N TYR A 76 -8.95 -8.78 -2.95
CA TYR A 76 -7.99 -8.14 -2.05
C TYR A 76 -8.51 -6.79 -1.56
N TRP A 77 -8.03 -6.38 -0.39
CA TRP A 77 -8.43 -5.10 0.19
C TRP A 77 -7.72 -3.95 -0.51
N TRP A 78 -8.44 -2.85 -0.68
CA TRP A 78 -7.89 -1.67 -1.34
C TRP A 78 -7.74 -0.54 -0.32
N ILE A 79 -6.51 -0.26 0.09
CA ILE A 79 -6.26 0.80 1.07
C ILE A 79 -5.81 2.07 0.37
N LYS A 80 -6.67 3.08 0.39
CA LYS A 80 -6.39 4.36 -0.24
C LYS A 80 -6.24 5.44 0.83
N ALA A 81 -5.22 6.26 0.68
CA ALA A 81 -4.97 7.33 1.63
C ALA A 81 -4.44 8.58 0.94
N ASN A 82 -4.62 9.73 1.58
CA ASN A 82 -4.16 10.99 1.04
C ASN A 82 -2.97 11.51 1.83
N GLY A 83 -1.89 11.85 1.14
CA GLY A 83 -0.71 12.35 1.82
C GLY A 83 0.22 11.24 2.24
N LYS A 84 -0.21 10.43 3.20
CA LYS A 84 0.59 9.32 3.69
C LYS A 84 -0.14 8.51 4.76
N ILE A 85 0.22 7.24 4.85
CA ILE A 85 -0.36 6.32 5.84
C ILE A 85 0.79 5.67 6.59
N GLU A 86 0.54 5.12 7.77
CA GLU A 86 1.61 4.50 8.54
C GLU A 86 1.13 3.35 9.40
N VAL A 87 1.76 2.19 9.21
CA VAL A 87 1.43 0.99 9.95
C VAL A 87 2.34 0.81 11.17
N ASP A 88 1.77 0.25 12.23
CA ASP A 88 2.50 -0.01 13.45
C ASP A 88 3.00 -1.46 13.44
N CYS A 89 4.12 -1.71 14.12
CA CYS A 89 4.67 -3.05 14.17
C CYS A 89 4.38 -3.69 15.52
N ASP A 90 3.37 -4.53 15.54
CA ASP A 90 2.94 -5.23 16.75
C ASP A 90 1.49 -5.66 16.59
N GLU A 91 0.70 -4.81 15.93
CA GLU A 91 -0.71 -5.12 15.72
C GLU A 91 -0.87 -6.26 14.72
N ILE A 92 -0.68 -5.98 13.44
CA ILE A 92 -0.79 -7.01 12.42
C ILE A 92 0.12 -8.18 12.75
N SER A 93 1.40 -7.90 12.91
CA SER A 93 2.39 -8.93 13.22
C SER A 93 1.92 -9.83 14.36
N GLU A 94 1.22 -9.27 15.33
CA GLU A 94 0.72 -10.06 16.46
C GLU A 94 -0.17 -11.19 15.95
N LEU A 95 -1.07 -10.84 15.04
CA LEU A 95 -1.99 -11.81 14.46
C LEU A 95 -1.41 -12.45 13.20
N LEU A 96 -0.40 -11.80 12.61
CA LEU A 96 0.23 -12.28 11.40
C LEU A 96 1.52 -13.02 11.72
N GLY A 97 1.70 -13.36 12.99
CA GLY A 97 2.90 -14.06 13.42
C GLY A 97 3.72 -13.25 14.41
N ARG A 98 3.17 -13.06 15.60
CA ARG A 98 3.83 -12.29 16.65
C ARG A 98 5.35 -12.44 16.61
N GLN A 99 6.04 -11.39 17.03
CA GLN A 99 7.50 -11.39 17.04
C GLN A 99 8.06 -11.39 15.63
N PHE A 100 7.22 -11.03 14.67
CA PHE A 100 7.62 -10.99 13.27
C PHE A 100 8.49 -9.76 12.99
N ASN A 101 8.66 -9.44 11.71
CA ASN A 101 9.46 -8.31 11.31
C ASN A 101 8.59 -7.07 11.07
N VAL A 102 9.14 -6.09 10.37
CA VAL A 102 8.42 -4.85 10.07
C VAL A 102 8.23 -4.67 8.56
N TYR A 103 9.20 -5.16 7.78
CA TYR A 103 9.12 -5.05 6.33
C TYR A 103 8.24 -6.14 5.73
N ASP A 104 7.59 -6.93 6.58
CA ASP A 104 6.72 -8.01 6.13
C ASP A 104 5.57 -7.45 5.30
N PHE A 105 5.03 -6.31 5.71
CA PHE A 105 3.92 -5.68 4.99
C PHE A 105 4.36 -5.19 3.62
N LEU A 106 5.68 -5.12 3.39
CA LEU A 106 6.21 -4.68 2.11
C LEU A 106 7.46 -5.47 1.73
N VAL A 107 7.46 -6.74 2.08
CA VAL A 107 8.59 -7.62 1.78
C VAL A 107 8.46 -8.24 0.40
N ASP A 108 7.22 -8.49 -0.01
CA ASP A 108 6.95 -9.09 -1.32
C ASP A 108 5.44 -9.20 -1.55
N VAL A 109 4.71 -8.18 -1.11
CA VAL A 109 3.27 -8.14 -1.24
C VAL A 109 2.85 -7.96 -2.70
N SER A 110 1.58 -8.20 -2.98
CA SER A 110 1.04 -8.07 -4.32
C SER A 110 1.33 -6.69 -4.89
N SER A 111 1.06 -5.65 -4.09
CA SER A 111 1.30 -4.28 -4.52
C SER A 111 1.12 -3.31 -3.35
N THR A 112 1.99 -2.30 -3.30
CA THR A 112 1.92 -1.29 -2.24
C THR A 112 2.43 0.05 -2.73
N ILE A 113 1.61 0.75 -3.52
CA ILE A 113 1.98 2.05 -4.05
C ILE A 113 2.27 3.03 -2.92
N GLY A 114 3.55 3.32 -2.75
CA GLY A 114 3.99 4.23 -1.72
C GLY A 114 5.31 3.81 -1.12
N ARG A 115 6.13 4.80 -0.75
CA ARG A 115 7.43 4.52 -0.17
C ARG A 115 7.28 4.11 1.30
N ALA A 116 7.85 2.96 1.65
CA ALA A 116 7.77 2.46 3.01
C ALA A 116 9.09 2.65 3.76
N TYR A 117 9.01 3.31 4.91
CA TYR A 117 10.18 3.55 5.74
C TYR A 117 9.85 3.21 7.20
N THR A 118 10.59 2.27 7.77
CA THR A 118 10.36 1.85 9.14
C THR A 118 11.30 2.56 10.12
N LEU A 119 10.88 2.59 11.37
CA LEU A 119 11.65 3.22 12.44
C LEU A 119 11.25 2.65 13.79
N GLY A 120 12.19 2.01 14.48
CA GLY A 120 11.88 1.42 15.76
C GLY A 120 10.77 0.39 15.66
N ASN A 121 9.59 0.76 16.14
CA ASN A 121 8.44 -0.13 16.08
C ASN A 121 7.23 0.64 15.56
N LYS A 122 7.16 0.71 14.23
CA LYS A 122 6.07 1.41 13.54
C LYS A 122 6.59 1.91 12.19
N PHE A 123 6.11 1.32 11.11
CA PHE A 123 6.55 1.73 9.78
C PHE A 123 5.52 2.62 9.11
N THR A 124 5.99 3.73 8.56
CA THR A 124 5.13 4.69 7.89
C THR A 124 5.32 4.62 6.38
N ILE A 125 4.22 4.60 5.64
CA ILE A 125 4.29 4.56 4.19
C ILE A 125 3.67 5.80 3.57
N THR A 126 4.51 6.53 2.88
CA THR A 126 4.11 7.76 2.19
C THR A 126 4.12 7.54 0.68
N SER A 127 3.34 8.32 -0.05
CA SER A 127 3.28 8.21 -1.50
C SER A 127 3.14 9.59 -2.12
N GLU A 128 3.55 10.59 -1.35
CA GLU A 128 3.47 11.97 -1.76
C GLU A 128 4.84 12.65 -1.70
N LEU A 129 5.85 11.95 -2.21
CA LEU A 129 7.21 12.48 -2.21
C LEU A 129 7.91 12.20 -3.54
N MET A 130 7.12 11.87 -4.54
CA MET A 130 7.66 11.57 -5.88
C MET A 130 7.60 12.80 -6.78
N GLY A 131 7.40 13.96 -6.17
CA GLY A 131 7.33 15.20 -6.93
C GLY A 131 7.65 16.42 -6.09
N LEU A 132 8.91 16.53 -5.68
CA LEU A 132 9.35 17.66 -4.87
C LEU A 132 9.18 18.97 -5.62
N ASP A 133 9.74 19.05 -6.81
CA ASP A 133 9.65 20.24 -7.65
C ASP A 133 10.29 21.44 -6.94
N ARG A 134 11.45 21.22 -6.33
CA ARG A 134 12.16 22.28 -5.63
C ARG A 134 12.60 23.37 -6.60
N LYS A 135 13.34 22.98 -7.62
CA LYS A 135 13.82 23.93 -8.63
C LYS A 135 13.17 23.65 -9.98
N LEU A 136 11.94 23.17 -9.95
CA LEU A 136 11.20 22.85 -11.17
C LEU A 136 10.06 23.84 -11.38
N GLU A 137 8.94 23.37 -11.95
CA GLU A 137 7.78 24.22 -12.21
C GLU A 137 7.53 25.22 -11.07
N ASP A 138 7.67 24.76 -9.84
CA ASP A 138 7.46 25.61 -8.68
C ASP A 138 8.77 25.83 -7.92
N TYR A 139 9.34 27.01 -8.09
CA TYR A 139 10.59 27.35 -7.42
C TYR A 139 10.74 28.86 -7.29
N HIS A 140 11.97 29.31 -6.99
CA HIS A 140 12.25 30.74 -6.85
C HIS A 140 11.87 31.50 -8.11
N ALA A 141 11.75 32.82 -7.99
CA ALA A 141 11.41 33.67 -9.12
C ALA A 141 11.73 35.13 -8.84
N MET A 1 4.31 -8.06 -47.14
CA MET A 1 5.27 -9.13 -46.80
C MET A 1 4.68 -10.11 -45.79
N SER A 2 3.93 -11.09 -46.29
CA SER A 2 3.31 -12.08 -45.44
C SER A 2 2.78 -13.25 -46.27
N VAL A 3 3.58 -14.30 -46.37
CA VAL A 3 3.20 -15.49 -47.13
C VAL A 3 3.91 -16.73 -46.61
N ASN A 4 3.14 -17.78 -46.34
CA ASN A 4 3.70 -19.03 -45.84
C ASN A 4 2.97 -20.23 -46.44
N SER A 5 3.70 -21.33 -46.64
CA SER A 5 3.13 -22.53 -47.21
C SER A 5 2.03 -23.09 -46.30
N ASN A 6 2.21 -22.93 -45.00
CA ASN A 6 1.23 -23.42 -44.03
C ASN A 6 0.95 -22.36 -42.97
N ALA A 7 -0.23 -22.44 -42.35
CA ALA A 7 -0.61 -21.49 -41.31
C ALA A 7 -1.79 -22.00 -40.51
N TYR A 8 -1.78 -21.74 -39.21
CA TYR A 8 -2.86 -22.17 -38.33
C TYR A 8 -3.77 -21.01 -37.96
N ASP A 9 -3.75 -19.97 -38.78
CA ASP A 9 -4.59 -18.80 -38.54
C ASP A 9 -6.05 -19.18 -38.40
N ALA A 10 -6.38 -20.36 -38.87
CA ALA A 10 -7.74 -20.87 -38.80
C ALA A 10 -8.05 -21.34 -37.39
N GLY A 11 -7.00 -21.66 -36.63
CA GLY A 11 -7.20 -22.13 -35.28
C GLY A 11 -6.42 -21.32 -34.25
N ILE A 12 -5.56 -20.39 -34.71
CA ILE A 12 -4.78 -19.59 -33.78
C ILE A 12 -5.67 -18.75 -32.88
N MET A 13 -6.89 -18.57 -33.32
CA MET A 13 -7.87 -17.82 -32.55
C MET A 13 -8.52 -18.74 -31.51
N GLY A 14 -7.96 -19.93 -31.36
CA GLY A 14 -8.48 -20.88 -30.40
C GLY A 14 -7.38 -21.60 -29.65
N LEU A 15 -6.37 -22.07 -30.38
CA LEU A 15 -5.26 -22.78 -29.77
C LEU A 15 -4.49 -21.86 -28.82
N LYS A 16 -3.71 -20.95 -29.39
CA LYS A 16 -2.93 -20.00 -28.59
C LYS A 16 -3.60 -18.63 -28.56
N GLY A 17 -4.85 -18.58 -29.02
CA GLY A 17 -5.59 -17.33 -29.03
C GLY A 17 -6.76 -17.37 -28.07
N LYS A 18 -7.13 -18.57 -27.64
CA LYS A 18 -8.24 -18.74 -26.70
C LYS A 18 -7.80 -19.60 -25.52
N ASP A 19 -7.14 -18.98 -24.58
CA ASP A 19 -6.65 -19.68 -23.38
C ASP A 19 -6.75 -18.79 -22.14
N PHE A 20 -7.39 -17.64 -22.26
CA PHE A 20 -7.55 -16.72 -21.14
C PHE A 20 -6.20 -16.28 -20.58
N ALA A 21 -5.16 -16.46 -21.37
CA ALA A 21 -3.81 -16.07 -20.95
C ALA A 21 -3.74 -14.59 -20.65
N ASP A 22 -2.54 -14.10 -20.37
CA ASP A 22 -2.34 -12.69 -20.06
C ASP A 22 -3.09 -12.31 -18.79
N GLN A 23 -3.55 -13.31 -18.07
CA GLN A 23 -4.29 -13.11 -16.83
C GLN A 23 -3.96 -14.18 -15.80
N PHE A 24 -2.93 -14.96 -16.10
CA PHE A 24 -2.48 -16.02 -15.21
C PHE A 24 -1.29 -15.54 -14.39
N PHE A 25 -0.30 -14.98 -15.09
CA PHE A 25 0.89 -14.46 -14.44
C PHE A 25 1.05 -12.98 -14.76
N ALA A 26 0.92 -12.16 -13.73
CA ALA A 26 1.04 -10.72 -13.88
C ALA A 26 2.48 -10.26 -13.64
N ASP A 27 2.66 -9.47 -12.61
CA ASP A 27 3.97 -8.95 -12.24
C ASP A 27 4.51 -7.99 -13.30
N GLU A 28 3.62 -7.54 -14.17
CA GLU A 28 4.00 -6.62 -15.24
C GLU A 28 4.56 -5.32 -14.67
N ASN A 29 4.10 -4.97 -13.47
CA ASN A 29 4.55 -3.75 -12.81
C ASN A 29 4.18 -2.52 -13.61
N GLN A 30 3.19 -1.79 -13.11
CA GLN A 30 2.72 -0.58 -13.77
C GLN A 30 3.50 0.64 -13.28
N VAL A 31 3.55 1.68 -14.12
CA VAL A 31 4.26 2.90 -13.77
C VAL A 31 3.29 3.97 -13.30
N VAL A 32 3.70 4.72 -12.27
CA VAL A 32 2.87 5.78 -11.72
C VAL A 32 3.50 7.12 -12.05
N HIS A 33 2.68 8.07 -12.49
CA HIS A 33 3.20 9.38 -12.83
C HIS A 33 2.74 10.42 -11.83
N GLU A 34 3.70 10.99 -11.11
CA GLU A 34 3.45 12.02 -10.10
C GLU A 34 2.11 11.82 -9.40
N SER A 35 1.96 10.68 -8.73
CA SER A 35 0.72 10.37 -8.01
C SER A 35 0.70 11.06 -6.65
N ASP A 36 -0.49 11.45 -6.22
CA ASP A 36 -0.65 12.13 -4.93
C ASP A 36 -1.48 11.29 -3.97
N THR A 37 -1.65 10.01 -4.28
CA THR A 37 -2.43 9.11 -3.44
C THR A 37 -1.57 7.94 -2.95
N VAL A 38 -1.83 7.51 -1.71
CA VAL A 38 -1.10 6.39 -1.13
C VAL A 38 -1.95 5.13 -1.20
N VAL A 39 -1.59 4.22 -2.10
CA VAL A 39 -2.35 2.99 -2.28
C VAL A 39 -1.50 1.75 -2.05
N LEU A 40 -2.17 0.70 -1.60
CA LEU A 40 -1.52 -0.57 -1.35
C LEU A 40 -2.57 -1.67 -1.20
N VAL A 41 -2.38 -2.77 -1.90
CA VAL A 41 -3.33 -3.87 -1.84
C VAL A 41 -2.74 -5.10 -1.17
N LEU A 42 -3.46 -5.62 -0.19
CA LEU A 42 -3.05 -6.80 0.55
C LEU A 42 -4.18 -7.82 0.56
N LYS A 43 -3.83 -9.11 0.58
CA LYS A 43 -4.84 -10.17 0.57
C LYS A 43 -5.93 -9.91 1.60
N LYS A 44 -7.12 -10.44 1.33
CA LYS A 44 -8.27 -10.27 2.23
C LYS A 44 -8.32 -11.41 3.26
N SER A 45 -7.18 -12.04 3.47
CA SER A 45 -7.09 -13.16 4.38
C SER A 45 -7.21 -12.69 5.82
N ASP A 46 -7.31 -13.66 6.73
CA ASP A 46 -7.39 -13.36 8.15
C ASP A 46 -6.28 -12.37 8.53
N GLU A 47 -5.30 -12.23 7.63
CA GLU A 47 -4.19 -11.30 7.83
C GLU A 47 -4.74 -9.89 7.87
N ILE A 48 -5.06 -9.36 6.70
CA ILE A 48 -5.61 -8.03 6.58
C ILE A 48 -6.86 -7.91 7.43
N ASN A 49 -7.72 -8.91 7.35
CA ASN A 49 -8.97 -8.92 8.10
C ASN A 49 -8.76 -8.32 9.50
N THR A 50 -7.87 -8.95 10.27
CA THR A 50 -7.58 -8.49 11.63
C THR A 50 -6.55 -7.37 11.65
N PHE A 51 -5.37 -7.62 11.06
CA PHE A 51 -4.31 -6.62 11.03
C PHE A 51 -4.87 -5.27 10.58
N ILE A 52 -5.60 -5.26 9.48
CA ILE A 52 -6.20 -4.02 8.98
C ILE A 52 -7.12 -3.44 10.03
N GLU A 53 -8.00 -4.28 10.58
CA GLU A 53 -8.94 -3.83 11.59
C GLU A 53 -8.18 -3.08 12.69
N GLU A 54 -7.15 -3.72 13.22
CA GLU A 54 -6.34 -3.11 14.26
C GLU A 54 -5.53 -1.94 13.71
N ILE A 55 -4.41 -2.25 13.07
CA ILE A 55 -3.50 -1.27 12.47
C ILE A 55 -4.16 0.08 12.13
N LEU A 56 -5.19 0.03 11.29
CA LEU A 56 -5.87 1.23 10.84
C LEU A 56 -6.75 1.89 11.90
N LEU A 57 -7.81 1.22 12.32
CA LEU A 57 -8.71 1.79 13.29
C LEU A 57 -8.03 2.05 14.63
N THR A 58 -7.08 1.20 14.99
CA THR A 58 -6.36 1.36 16.25
C THR A 58 -5.61 2.68 16.26
N ASP A 59 -4.61 2.78 15.40
CA ASP A 59 -3.77 3.97 15.33
C ASP A 59 -4.33 5.07 14.43
N TYR A 60 -4.85 4.73 13.26
CA TYR A 60 -5.36 5.76 12.35
C TYR A 60 -6.63 6.41 12.85
N LYS A 61 -7.38 5.74 13.71
CA LYS A 61 -8.60 6.33 14.23
C LYS A 61 -8.33 7.04 15.54
N LYS A 62 -7.68 6.35 16.47
CA LYS A 62 -7.37 6.92 17.77
C LYS A 62 -6.47 8.15 17.63
N ASN A 63 -5.48 8.09 16.74
CA ASN A 63 -4.58 9.21 16.53
C ASN A 63 -3.53 8.91 15.47
N VAL A 64 -3.72 9.46 14.29
CA VAL A 64 -2.79 9.27 13.18
C VAL A 64 -3.27 9.97 11.92
N ASN A 65 -4.51 9.69 11.52
CA ASN A 65 -5.06 10.30 10.32
C ASN A 65 -6.49 9.83 10.05
N PRO A 66 -7.34 10.74 9.56
CA PRO A 66 -8.73 10.42 9.22
C PRO A 66 -8.86 9.82 7.83
N THR A 67 -7.74 9.74 7.11
CA THR A 67 -7.72 9.18 5.77
C THR A 67 -7.61 7.65 5.82
N VAL A 68 -6.43 7.11 5.45
CA VAL A 68 -6.21 5.66 5.47
C VAL A 68 -7.51 4.88 5.30
N ASN A 69 -8.26 5.26 4.28
CA ASN A 69 -9.55 4.63 3.99
C ASN A 69 -9.40 3.34 3.19
N VAL A 70 -10.17 2.33 3.58
CA VAL A 70 -10.14 1.05 2.92
C VAL A 70 -11.28 0.92 1.91
N GLU A 71 -11.06 0.09 0.90
CA GLU A 71 -12.07 -0.13 -0.14
C GLU A 71 -12.10 -1.60 -0.57
N ASP A 72 -13.24 -2.24 -0.41
CA ASP A 72 -13.40 -3.63 -0.79
C ASP A 72 -13.60 -3.74 -2.30
N ARG A 73 -12.62 -4.34 -2.98
CA ARG A 73 -12.68 -4.52 -4.43
C ARG A 73 -13.18 -5.92 -4.78
N ALA A 74 -12.67 -6.48 -5.88
CA ALA A 74 -13.08 -7.81 -6.32
C ALA A 74 -12.81 -8.86 -5.25
N GLY A 75 -11.93 -8.55 -4.31
CA GLY A 75 -11.62 -9.48 -3.25
C GLY A 75 -10.68 -8.90 -2.21
N TYR A 76 -9.57 -8.33 -2.68
CA TYR A 76 -8.59 -7.73 -1.77
C TYR A 76 -9.05 -6.35 -1.31
N TRP A 77 -8.53 -5.92 -0.17
CA TRP A 77 -8.88 -4.62 0.38
C TRP A 77 -8.05 -3.53 -0.29
N TRP A 78 -8.66 -2.38 -0.50
CA TRP A 78 -7.99 -1.25 -1.12
C TRP A 78 -7.74 -0.15 -0.09
N ILE A 79 -6.48 0.01 0.32
CA ILE A 79 -6.15 1.04 1.30
C ILE A 79 -5.62 2.28 0.60
N LYS A 80 -6.41 3.34 0.61
CA LYS A 80 -6.05 4.58 -0.03
C LYS A 80 -5.97 5.70 1.01
N ALA A 81 -5.00 6.59 0.84
CA ALA A 81 -4.83 7.69 1.76
C ALA A 81 -4.38 8.95 1.03
N ASN A 82 -4.61 10.10 1.64
CA ASN A 82 -4.23 11.38 1.03
C ASN A 82 -2.93 11.90 1.60
N GLY A 83 -1.94 12.10 0.72
CA GLY A 83 -0.66 12.60 1.16
C GLY A 83 0.34 11.51 1.49
N LYS A 84 0.05 10.74 2.53
CA LYS A 84 0.93 9.66 2.95
C LYS A 84 0.33 8.91 4.14
N ILE A 85 0.74 7.66 4.32
CA ILE A 85 0.26 6.84 5.41
C ILE A 85 1.43 6.14 6.08
N GLU A 86 1.28 5.74 7.34
CA GLU A 86 2.34 5.07 8.05
C GLU A 86 1.80 4.01 9.00
N VAL A 87 2.28 2.78 8.82
CA VAL A 87 1.87 1.65 9.64
C VAL A 87 2.81 1.42 10.81
N ASP A 88 2.26 0.98 11.92
CA ASP A 88 3.04 0.70 13.12
C ASP A 88 3.52 -0.75 13.12
N CYS A 89 4.65 -1.01 13.78
CA CYS A 89 5.19 -2.35 13.85
C CYS A 89 5.16 -2.84 15.29
N ASP A 90 4.17 -3.67 15.58
CA ASP A 90 3.97 -4.22 16.91
C ASP A 90 2.55 -4.74 17.04
N GLU A 91 1.62 -4.13 16.29
CA GLU A 91 0.23 -4.55 16.33
C GLU A 91 -0.01 -5.69 15.34
N ILE A 92 0.06 -5.39 14.04
CA ILE A 92 -0.16 -6.42 13.03
C ILE A 92 0.74 -7.61 13.28
N SER A 93 2.00 -7.51 12.88
CA SER A 93 2.99 -8.59 13.04
C SER A 93 2.58 -9.60 14.13
N GLU A 94 2.33 -9.09 15.34
CA GLU A 94 1.95 -9.95 16.47
C GLU A 94 0.73 -10.80 16.14
N LEU A 95 -0.28 -10.17 15.57
CA LEU A 95 -1.51 -10.87 15.23
C LEU A 95 -1.47 -11.43 13.82
N LEU A 96 -0.71 -10.81 12.93
CA LEU A 96 -0.58 -11.29 11.57
C LEU A 96 -0.08 -12.73 11.59
N GLY A 97 0.52 -13.11 12.72
CA GLY A 97 1.02 -14.45 12.88
C GLY A 97 1.63 -14.67 14.26
N ARG A 98 2.42 -13.70 14.69
CA ARG A 98 3.08 -13.75 15.99
C ARG A 98 4.09 -12.62 16.11
N GLN A 99 4.90 -12.62 17.17
CA GLN A 99 5.91 -11.60 17.34
C GLN A 99 6.87 -11.59 16.15
N PHE A 100 6.65 -10.65 15.24
CA PHE A 100 7.47 -10.54 14.04
C PHE A 100 8.26 -9.23 14.04
N ASN A 101 8.81 -8.88 12.88
CA ASN A 101 9.59 -7.65 12.75
C ASN A 101 8.95 -6.68 11.77
N VAL A 102 9.64 -5.59 11.49
CA VAL A 102 9.14 -4.58 10.56
C VAL A 102 9.46 -4.96 9.12
N TYR A 103 8.93 -4.19 8.16
CA TYR A 103 9.15 -4.46 6.74
C TYR A 103 8.39 -5.70 6.31
N ASP A 104 7.54 -6.22 7.21
CA ASP A 104 6.75 -7.40 6.92
C ASP A 104 5.54 -7.04 6.07
N PHE A 105 4.98 -5.85 6.32
CA PHE A 105 3.82 -5.38 5.57
C PHE A 105 4.16 -5.21 4.09
N LEU A 106 5.21 -4.46 3.81
CA LEU A 106 5.64 -4.22 2.44
C LEU A 106 6.77 -5.16 2.04
N VAL A 107 6.76 -6.36 2.61
CA VAL A 107 7.79 -7.35 2.32
C VAL A 107 7.60 -7.93 0.92
N ASP A 108 6.35 -8.27 0.58
CA ASP A 108 6.04 -8.83 -0.73
C ASP A 108 4.58 -9.26 -0.79
N VAL A 109 3.73 -8.39 -1.34
CA VAL A 109 2.31 -8.69 -1.46
C VAL A 109 1.79 -8.34 -2.85
N SER A 110 0.47 -8.40 -3.03
CA SER A 110 -0.15 -8.10 -4.31
C SER A 110 0.39 -6.78 -4.86
N SER A 111 0.57 -5.80 -3.98
CA SER A 111 1.09 -4.49 -4.39
C SER A 111 1.02 -3.50 -3.23
N THR A 112 1.84 -2.46 -3.30
CA THR A 112 1.87 -1.44 -2.26
C THR A 112 2.42 -0.12 -2.79
N ILE A 113 1.60 0.60 -3.54
CA ILE A 113 2.01 1.87 -4.11
C ILE A 113 2.39 2.87 -3.02
N GLY A 114 3.68 3.12 -2.91
CA GLY A 114 4.20 4.03 -1.92
C GLY A 114 5.54 3.59 -1.37
N ARG A 115 6.43 4.54 -1.14
CA ARG A 115 7.76 4.24 -0.61
C ARG A 115 7.68 3.93 0.88
N ALA A 116 8.09 2.73 1.27
CA ALA A 116 8.05 2.31 2.66
C ALA A 116 9.43 2.33 3.31
N TYR A 117 9.54 3.03 4.44
CA TYR A 117 10.78 3.12 5.19
C TYR A 117 10.48 2.95 6.68
N THR A 118 11.16 2.00 7.32
CA THR A 118 10.94 1.74 8.73
C THR A 118 11.88 2.55 9.62
N LEU A 119 11.48 2.71 10.87
CA LEU A 119 12.27 3.45 11.86
C LEU A 119 11.82 3.08 13.26
N GLY A 120 12.73 2.49 14.05
CA GLY A 120 12.38 2.09 15.39
C GLY A 120 11.22 1.12 15.41
N ASN A 121 10.07 1.58 15.88
CA ASN A 121 8.87 0.76 15.92
C ASN A 121 7.71 1.49 15.27
N LYS A 122 7.66 1.41 13.94
CA LYS A 122 6.63 2.05 13.13
C LYS A 122 7.18 2.38 11.76
N PHE A 123 6.58 1.84 10.71
CA PHE A 123 7.03 2.11 9.35
C PHE A 123 6.05 3.00 8.62
N THR A 124 6.58 4.00 7.92
CA THR A 124 5.74 4.94 7.19
C THR A 124 5.87 4.74 5.68
N ILE A 125 4.72 4.74 5.00
CA ILE A 125 4.71 4.59 3.55
C ILE A 125 4.19 5.85 2.88
N THR A 126 5.05 6.45 2.11
CA THR A 126 4.74 7.67 1.38
C THR A 126 4.40 7.36 -0.08
N SER A 127 3.67 8.25 -0.71
CA SER A 127 3.29 8.07 -2.12
C SER A 127 3.30 9.42 -2.83
N GLU A 128 4.04 10.35 -2.24
CA GLU A 128 4.15 11.69 -2.77
C GLU A 128 5.60 12.05 -3.05
N LEU A 129 5.82 12.81 -4.12
CA LEU A 129 7.16 13.22 -4.50
C LEU A 129 8.01 12.01 -4.87
N MET A 130 8.26 11.88 -6.17
CA MET A 130 9.07 10.77 -6.68
C MET A 130 10.23 11.29 -7.54
N GLY A 131 10.50 12.57 -7.42
CA GLY A 131 11.59 13.17 -8.17
C GLY A 131 12.94 13.00 -7.49
N LEU A 132 13.11 13.68 -6.36
CA LEU A 132 14.36 13.60 -5.62
C LEU A 132 15.54 14.04 -6.48
N ASP A 133 15.98 15.28 -6.29
CA ASP A 133 17.09 15.82 -7.06
C ASP A 133 18.26 16.20 -6.15
N ARG A 134 18.47 15.40 -5.10
CA ARG A 134 19.55 15.66 -4.16
C ARG A 134 20.90 15.64 -4.87
N LYS A 135 21.15 14.58 -5.63
CA LYS A 135 22.40 14.45 -6.37
C LYS A 135 22.13 14.41 -7.87
N LEU A 136 21.09 15.13 -8.30
CA LEU A 136 20.72 15.19 -9.71
C LEU A 136 20.43 16.63 -10.13
N GLU A 137 19.69 16.78 -11.23
CA GLU A 137 19.33 18.10 -11.75
C GLU A 137 20.53 18.80 -12.37
N ASP A 138 21.60 18.94 -11.61
CA ASP A 138 22.82 19.59 -12.09
C ASP A 138 24.06 19.02 -11.41
N TYR A 139 25.19 19.09 -12.09
CA TYR A 139 26.44 18.58 -11.56
C TYR A 139 27.62 19.05 -12.40
N HIS A 140 28.23 20.16 -11.99
CA HIS A 140 29.38 20.71 -12.71
C HIS A 140 30.53 19.71 -12.77
N ALA A 141 31.00 19.42 -13.98
CA ALA A 141 32.10 18.47 -14.17
C ALA A 141 33.06 18.97 -15.24
N MET A 1 23.87 -25.60 -9.43
CA MET A 1 24.30 -25.08 -8.10
C MET A 1 25.12 -23.80 -8.26
N SER A 2 26.24 -23.89 -8.96
CA SER A 2 27.10 -22.74 -9.18
C SER A 2 27.71 -22.77 -10.58
N VAL A 3 26.91 -23.24 -11.54
CA VAL A 3 27.36 -23.32 -12.93
C VAL A 3 27.35 -21.94 -13.59
N ASN A 4 28.54 -21.40 -13.86
CA ASN A 4 28.66 -20.10 -14.49
C ASN A 4 28.54 -20.21 -16.01
N SER A 5 27.99 -19.18 -16.63
CA SER A 5 27.81 -19.16 -18.07
C SER A 5 27.78 -17.73 -18.61
N ASN A 6 26.64 -17.08 -18.47
CA ASN A 6 26.47 -15.70 -18.94
C ASN A 6 26.78 -15.60 -20.43
N ALA A 7 25.72 -15.64 -21.24
CA ALA A 7 25.87 -15.55 -22.68
C ALA A 7 25.40 -14.20 -23.21
N TYR A 8 26.33 -13.44 -23.77
CA TYR A 8 26.03 -12.12 -24.31
C TYR A 8 25.05 -12.21 -25.48
N ASP A 9 25.33 -11.50 -26.57
CA ASP A 9 24.46 -11.50 -27.75
C ASP A 9 24.02 -12.89 -28.16
N ALA A 10 24.79 -13.87 -27.76
CA ALA A 10 24.50 -15.26 -28.08
C ALA A 10 23.32 -15.78 -27.27
N GLY A 11 22.97 -15.06 -26.20
CA GLY A 11 21.87 -15.49 -25.37
C GLY A 11 20.92 -14.35 -25.00
N ILE A 12 21.23 -13.13 -25.45
CA ILE A 12 20.37 -11.99 -25.15
C ILE A 12 19.03 -12.08 -25.83
N MET A 13 18.97 -12.95 -26.80
CA MET A 13 17.73 -13.18 -27.53
C MET A 13 16.87 -14.20 -26.79
N GLY A 14 17.29 -14.51 -25.56
CA GLY A 14 16.55 -15.46 -24.75
C GLY A 14 16.67 -15.18 -23.26
N LEU A 15 17.90 -14.97 -22.80
CA LEU A 15 18.14 -14.68 -21.38
C LEU A 15 17.37 -13.44 -20.94
N LYS A 16 17.90 -12.27 -21.25
CA LYS A 16 17.25 -11.01 -20.88
C LYS A 16 16.35 -10.49 -22.00
N GLY A 17 16.12 -11.36 -22.98
CA GLY A 17 15.27 -10.98 -24.10
C GLY A 17 14.01 -11.82 -24.17
N LYS A 18 14.05 -12.98 -23.52
CA LYS A 18 12.90 -13.88 -23.50
C LYS A 18 12.58 -14.30 -22.07
N ASP A 19 11.90 -13.43 -21.36
CA ASP A 19 11.53 -13.69 -19.97
C ASP A 19 10.16 -13.09 -19.61
N PHE A 20 9.44 -12.61 -20.63
CA PHE A 20 8.13 -12.01 -20.41
C PHE A 20 8.23 -10.76 -19.55
N ALA A 21 9.44 -10.22 -19.45
CA ALA A 21 9.68 -9.02 -18.65
C ALA A 21 9.20 -7.76 -19.38
N ASP A 22 8.86 -7.93 -20.63
CA ASP A 22 8.37 -6.84 -21.46
C ASP A 22 6.86 -6.72 -21.38
N GLN A 23 6.28 -7.45 -20.43
CA GLN A 23 4.83 -7.45 -20.23
C GLN A 23 4.48 -7.53 -18.75
N PHE A 24 5.49 -7.32 -17.91
CA PHE A 24 5.29 -7.36 -16.47
C PHE A 24 5.27 -5.94 -15.90
N PHE A 25 6.30 -5.16 -16.23
CA PHE A 25 6.39 -3.78 -15.77
C PHE A 25 6.48 -2.84 -16.96
N ALA A 26 5.42 -2.07 -17.19
CA ALA A 26 5.37 -1.14 -18.30
C ALA A 26 5.90 0.23 -17.88
N ASP A 27 5.01 1.21 -17.90
CA ASP A 27 5.36 2.58 -17.54
C ASP A 27 6.28 3.21 -18.56
N GLU A 28 6.36 2.59 -19.73
CA GLU A 28 7.22 3.09 -20.80
C GLU A 28 6.87 4.53 -21.15
N ASN A 29 5.63 4.92 -20.89
CA ASN A 29 5.17 6.28 -21.17
C ASN A 29 3.76 6.48 -20.66
N GLN A 30 3.64 7.20 -19.56
CA GLN A 30 2.34 7.47 -18.96
C GLN A 30 2.27 8.91 -18.45
N VAL A 31 1.05 9.42 -18.28
CA VAL A 31 0.86 10.78 -17.81
C VAL A 31 0.12 10.81 -16.47
N VAL A 32 0.73 11.45 -15.47
CA VAL A 32 0.14 11.55 -14.16
C VAL A 32 -0.29 12.99 -13.91
N HIS A 33 -1.48 13.18 -13.37
CA HIS A 33 -1.97 14.53 -13.11
C HIS A 33 -2.05 14.79 -11.61
N GLU A 34 -1.22 15.73 -11.17
CA GLU A 34 -1.15 16.14 -9.77
C GLU A 34 -1.61 15.04 -8.81
N SER A 35 -1.10 13.83 -9.03
CA SER A 35 -1.45 12.69 -8.20
C SER A 35 -0.48 12.53 -7.04
N ASP A 36 -1.02 12.41 -5.83
CA ASP A 36 -0.20 12.26 -4.63
C ASP A 36 -0.91 11.39 -3.60
N THR A 37 -1.67 10.41 -4.08
CA THR A 37 -2.40 9.51 -3.20
C THR A 37 -1.52 8.35 -2.74
N VAL A 38 -1.87 7.76 -1.60
CA VAL A 38 -1.12 6.63 -1.05
C VAL A 38 -1.98 5.37 -1.15
N VAL A 39 -1.61 4.47 -2.05
CA VAL A 39 -2.37 3.24 -2.25
C VAL A 39 -1.53 2.01 -2.00
N LEU A 40 -2.20 0.95 -1.60
CA LEU A 40 -1.54 -0.33 -1.33
C LEU A 40 -2.58 -1.44 -1.25
N VAL A 41 -2.36 -2.50 -1.99
CA VAL A 41 -3.31 -3.62 -1.98
C VAL A 41 -2.70 -4.86 -1.34
N LEU A 42 -3.47 -5.46 -0.43
CA LEU A 42 -3.05 -6.67 0.26
C LEU A 42 -4.13 -7.74 0.13
N LYS A 43 -3.71 -8.98 -0.05
CA LYS A 43 -4.67 -10.09 -0.19
C LYS A 43 -5.71 -10.05 0.92
N LYS A 44 -6.99 -10.09 0.54
CA LYS A 44 -8.06 -10.06 1.53
C LYS A 44 -8.23 -11.43 2.18
N SER A 45 -7.46 -11.65 3.21
CA SER A 45 -7.51 -12.89 3.96
C SER A 45 -7.74 -12.60 5.43
N ASP A 46 -7.98 -13.63 6.22
CA ASP A 46 -8.16 -13.45 7.66
C ASP A 46 -7.01 -12.61 8.21
N GLU A 47 -5.95 -12.47 7.42
CA GLU A 47 -4.78 -11.71 7.78
C GLU A 47 -5.10 -10.21 7.74
N ILE A 48 -5.41 -9.71 6.54
CA ILE A 48 -5.74 -8.30 6.38
C ILE A 48 -6.98 -7.96 7.20
N ASN A 49 -7.98 -8.82 7.10
CA ASN A 49 -9.23 -8.62 7.81
C ASN A 49 -9.00 -8.13 9.26
N THR A 50 -8.22 -8.89 10.00
CA THR A 50 -7.93 -8.55 11.39
C THR A 50 -7.10 -7.28 11.52
N PHE A 51 -5.78 -7.40 11.28
CA PHE A 51 -4.89 -6.25 11.42
C PHE A 51 -5.51 -4.96 10.90
N ILE A 52 -5.97 -4.96 9.64
CA ILE A 52 -6.59 -3.77 9.08
C ILE A 52 -7.57 -3.17 10.08
N GLU A 53 -8.40 -4.04 10.66
CA GLU A 53 -9.37 -3.60 11.64
C GLU A 53 -8.65 -2.88 12.78
N GLU A 54 -7.51 -3.42 13.18
CA GLU A 54 -6.71 -2.83 14.25
C GLU A 54 -5.85 -1.69 13.70
N ILE A 55 -4.62 -2.01 13.29
CA ILE A 55 -3.69 -1.02 12.74
C ILE A 55 -4.38 0.26 12.24
N LEU A 56 -5.35 0.10 11.34
CA LEU A 56 -6.06 1.25 10.76
C LEU A 56 -7.02 1.91 11.76
N LEU A 57 -7.76 1.12 12.53
CA LEU A 57 -8.70 1.68 13.48
C LEU A 57 -7.99 2.07 14.77
N THR A 58 -7.17 1.17 15.26
CA THR A 58 -6.41 1.40 16.48
C THR A 58 -5.62 2.69 16.43
N ASP A 59 -4.58 2.70 15.61
CA ASP A 59 -3.69 3.85 15.52
C ASP A 59 -4.10 4.91 14.48
N TYR A 60 -4.76 4.52 13.39
CA TYR A 60 -5.12 5.54 12.39
C TYR A 60 -6.37 6.30 12.79
N LYS A 61 -7.20 5.68 13.62
CA LYS A 61 -8.42 6.33 14.08
C LYS A 61 -8.17 7.11 15.37
N LYS A 62 -7.51 6.48 16.34
CA LYS A 62 -7.22 7.13 17.61
C LYS A 62 -6.46 8.44 17.40
N ASN A 63 -5.42 8.40 16.57
CA ASN A 63 -4.62 9.58 16.30
C ASN A 63 -3.50 9.28 15.32
N VAL A 64 -3.69 9.68 14.07
CA VAL A 64 -2.72 9.46 13.02
C VAL A 64 -3.22 10.02 11.70
N ASN A 65 -4.37 9.54 11.26
CA ASN A 65 -4.95 9.99 10.00
C ASN A 65 -6.27 9.27 9.70
N PRO A 66 -7.34 10.03 9.42
CA PRO A 66 -8.63 9.46 9.09
C PRO A 66 -8.75 9.09 7.61
N THR A 67 -7.86 9.65 6.80
CA THR A 67 -7.85 9.40 5.36
C THR A 67 -7.73 7.91 5.05
N VAL A 68 -6.74 7.25 5.68
CA VAL A 68 -6.52 5.82 5.47
C VAL A 68 -7.83 5.05 5.46
N ASN A 69 -8.43 4.95 4.28
CA ASN A 69 -9.71 4.25 4.11
C ASN A 69 -9.55 3.02 3.23
N VAL A 70 -10.27 1.96 3.57
CA VAL A 70 -10.22 0.73 2.82
C VAL A 70 -11.36 0.64 1.82
N GLU A 71 -11.12 -0.10 0.74
CA GLU A 71 -12.12 -0.31 -0.30
C GLU A 71 -12.07 -1.73 -0.86
N ASP A 72 -13.19 -2.42 -0.81
CA ASP A 72 -13.26 -3.78 -1.32
C ASP A 72 -13.41 -3.77 -2.84
N ARG A 73 -12.39 -4.27 -3.54
CA ARG A 73 -12.42 -4.30 -5.00
C ARG A 73 -12.95 -5.63 -5.51
N ALA A 74 -12.16 -6.68 -5.36
CA ALA A 74 -12.54 -8.01 -5.82
C ALA A 74 -12.10 -9.09 -4.83
N GLY A 75 -10.78 -9.30 -4.76
CA GLY A 75 -10.26 -10.30 -3.85
C GLY A 75 -9.24 -9.74 -2.88
N TYR A 76 -9.04 -8.41 -2.92
CA TYR A 76 -8.10 -7.75 -2.03
C TYR A 76 -8.63 -6.40 -1.57
N TRP A 77 -8.25 -6.00 -0.36
CA TRP A 77 -8.68 -4.72 0.18
C TRP A 77 -7.89 -3.58 -0.45
N TRP A 78 -8.57 -2.47 -0.68
CA TRP A 78 -7.93 -1.29 -1.26
C TRP A 78 -7.77 -0.20 -0.21
N ILE A 79 -6.54 0.00 0.25
CA ILE A 79 -6.29 1.03 1.26
C ILE A 79 -5.78 2.30 0.59
N LYS A 80 -6.61 3.33 0.63
CA LYS A 80 -6.28 4.62 0.03
C LYS A 80 -6.19 5.71 1.08
N ALA A 81 -5.16 6.53 0.98
CA ALA A 81 -4.96 7.63 1.91
C ALA A 81 -4.36 8.84 1.20
N ASN A 82 -4.51 10.01 1.80
CA ASN A 82 -3.99 11.24 1.22
C ASN A 82 -2.63 11.60 1.81
N GLY A 83 -1.79 12.23 1.00
CA GLY A 83 -0.48 12.64 1.46
C GLY A 83 0.46 11.47 1.72
N LYS A 84 0.17 10.70 2.77
CA LYS A 84 0.99 9.56 3.14
C LYS A 84 0.44 8.86 4.37
N ILE A 85 0.85 7.61 4.58
CA ILE A 85 0.41 6.82 5.72
C ILE A 85 1.56 6.00 6.27
N GLU A 86 1.49 5.63 7.55
CA GLU A 86 2.55 4.85 8.16
C GLU A 86 1.98 3.78 9.10
N VAL A 87 2.36 2.54 8.84
CA VAL A 87 1.90 1.41 9.64
C VAL A 87 2.87 1.08 10.76
N ASP A 88 2.32 0.68 11.90
CA ASP A 88 3.11 0.30 13.05
C ASP A 88 3.47 -1.18 12.99
N CYS A 89 4.60 -1.55 13.59
CA CYS A 89 5.04 -2.93 13.60
C CYS A 89 4.95 -3.49 15.00
N ASP A 90 3.88 -4.24 15.25
CA ASP A 90 3.63 -4.85 16.55
C ASP A 90 2.17 -5.25 16.63
N GLU A 91 1.32 -4.43 16.04
CA GLU A 91 -0.11 -4.72 16.03
C GLU A 91 -0.42 -5.84 15.06
N ILE A 92 -0.25 -5.57 13.77
CA ILE A 92 -0.49 -6.58 12.74
C ILE A 92 0.39 -7.79 12.96
N SER A 93 1.70 -7.57 13.02
CA SER A 93 2.66 -8.65 13.22
C SER A 93 2.25 -9.55 14.39
N GLU A 94 1.63 -8.97 15.40
CA GLU A 94 1.18 -9.73 16.57
C GLU A 94 0.16 -10.78 16.17
N LEU A 95 -0.83 -10.36 15.40
CA LEU A 95 -1.89 -11.26 14.95
C LEU A 95 -1.53 -11.93 13.62
N LEU A 96 -0.56 -11.37 12.92
CA LEU A 96 -0.13 -11.93 11.64
C LEU A 96 1.11 -12.80 11.82
N GLY A 97 1.48 -13.06 13.06
CA GLY A 97 2.63 -13.87 13.34
C GLY A 97 3.56 -13.24 14.35
N ARG A 98 3.11 -13.17 15.60
CA ARG A 98 3.88 -12.58 16.70
C ARG A 98 5.38 -12.75 16.49
N GLN A 99 6.15 -11.78 16.96
CA GLN A 99 7.60 -11.80 16.82
C GLN A 99 8.01 -11.74 15.36
N PHE A 100 7.09 -11.31 14.52
CA PHE A 100 7.34 -11.20 13.08
C PHE A 100 8.28 -10.04 12.78
N ASN A 101 8.37 -9.68 11.50
CA ASN A 101 9.23 -8.58 11.06
C ASN A 101 8.41 -7.32 10.83
N VAL A 102 8.99 -6.35 10.14
CA VAL A 102 8.31 -5.09 9.84
C VAL A 102 8.04 -4.95 8.35
N TYR A 103 8.94 -5.48 7.53
CA TYR A 103 8.76 -5.42 6.08
C TYR A 103 7.79 -6.48 5.59
N ASP A 104 7.17 -7.21 6.51
CA ASP A 104 6.22 -8.25 6.16
C ASP A 104 5.05 -7.67 5.36
N PHE A 105 4.57 -6.52 5.79
CA PHE A 105 3.45 -5.87 5.10
C PHE A 105 3.81 -5.56 3.65
N LEU A 106 5.09 -5.35 3.39
CA LEU A 106 5.57 -5.05 2.04
C LEU A 106 6.76 -5.92 1.67
N VAL A 107 6.70 -7.19 2.05
CA VAL A 107 7.77 -8.14 1.76
C VAL A 107 7.57 -8.77 0.39
N ASP A 108 6.33 -9.02 0.04
CA ASP A 108 5.99 -9.63 -1.25
C ASP A 108 4.48 -9.83 -1.36
N VAL A 109 3.74 -8.73 -1.49
CA VAL A 109 2.30 -8.79 -1.61
C VAL A 109 1.83 -8.32 -2.98
N SER A 110 0.52 -8.34 -3.20
CA SER A 110 -0.05 -7.93 -4.48
C SER A 110 0.56 -6.61 -4.95
N SER A 111 0.70 -5.66 -4.03
CA SER A 111 1.28 -4.35 -4.36
C SER A 111 1.13 -3.37 -3.20
N THR A 112 1.88 -2.27 -3.27
CA THR A 112 1.83 -1.25 -2.24
C THR A 112 2.34 0.09 -2.77
N ILE A 113 1.48 0.82 -3.48
CA ILE A 113 1.86 2.10 -4.05
C ILE A 113 2.30 3.07 -2.96
N GLY A 114 3.61 3.28 -2.89
CA GLY A 114 4.17 4.17 -1.92
C GLY A 114 5.51 3.68 -1.40
N ARG A 115 6.42 4.60 -1.13
CA ARG A 115 7.75 4.26 -0.63
C ARG A 115 7.68 3.88 0.85
N ALA A 116 8.07 2.65 1.17
CA ALA A 116 8.03 2.18 2.55
C ALA A 116 9.40 2.25 3.20
N TYR A 117 9.46 2.92 4.35
CA TYR A 117 10.71 3.05 5.11
C TYR A 117 10.44 2.72 6.57
N THR A 118 11.15 1.73 7.10
CA THR A 118 10.95 1.32 8.48
C THR A 118 12.06 1.84 9.38
N LEU A 119 11.76 1.90 10.68
CA LEU A 119 12.69 2.37 11.69
C LEU A 119 12.15 2.03 13.07
N GLY A 120 13.01 1.49 13.93
CA GLY A 120 12.59 1.12 15.26
C GLY A 120 11.41 0.17 15.22
N ASN A 121 10.26 0.66 15.63
CA ASN A 121 9.04 -0.14 15.62
C ASN A 121 7.90 0.66 15.04
N LYS A 122 7.83 0.66 13.71
CA LYS A 122 6.80 1.39 12.97
C LYS A 122 7.34 1.75 11.58
N PHE A 123 6.64 1.31 10.53
CA PHE A 123 7.07 1.62 9.18
C PHE A 123 6.13 2.64 8.54
N THR A 124 6.71 3.58 7.81
CA THR A 124 5.94 4.64 7.16
C THR A 124 6.01 4.52 5.64
N ILE A 125 4.83 4.56 5.00
CA ILE A 125 4.78 4.48 3.55
C ILE A 125 4.31 5.79 2.97
N THR A 126 5.18 6.39 2.18
CA THR A 126 4.92 7.65 1.51
C THR A 126 4.49 7.41 0.06
N SER A 127 3.77 8.36 -0.51
CA SER A 127 3.32 8.26 -1.89
C SER A 127 3.21 9.64 -2.49
N GLU A 128 4.07 10.53 -2.02
CA GLU A 128 4.09 11.91 -2.46
C GLU A 128 5.10 12.09 -3.59
N LEU A 129 6.29 11.52 -3.42
CA LEU A 129 7.35 11.63 -4.41
C LEU A 129 7.77 13.08 -4.60
N MET A 130 8.93 13.40 -4.08
CA MET A 130 9.48 14.75 -4.19
C MET A 130 10.40 14.89 -5.39
N GLY A 131 10.32 13.92 -6.30
CA GLY A 131 11.16 13.95 -7.48
C GLY A 131 12.64 13.95 -7.16
N LEU A 132 13.24 12.77 -7.17
CA LEU A 132 14.67 12.65 -6.88
C LEU A 132 15.51 13.38 -7.92
N ASP A 133 15.21 13.13 -9.19
CA ASP A 133 15.93 13.77 -10.28
C ASP A 133 15.11 14.91 -10.89
N ARG A 134 14.29 15.54 -10.05
CA ARG A 134 13.45 16.65 -10.50
C ARG A 134 14.27 17.94 -10.61
N LYS A 135 15.25 18.08 -9.73
CA LYS A 135 16.11 19.26 -9.73
C LYS A 135 17.49 18.95 -10.31
N LEU A 136 17.62 17.77 -10.92
CA LEU A 136 18.90 17.37 -11.51
C LEU A 136 18.78 17.19 -13.02
N GLU A 137 17.57 17.32 -13.52
CA GLU A 137 17.32 17.19 -14.95
C GLU A 137 17.53 18.52 -15.66
N ASP A 138 17.97 19.53 -14.91
CA ASP A 138 18.21 20.86 -15.46
C ASP A 138 18.58 21.85 -14.35
N TYR A 139 19.80 22.39 -14.44
CA TYR A 139 20.28 23.34 -13.45
C TYR A 139 21.09 24.45 -14.11
N HIS A 140 21.57 25.39 -13.30
CA HIS A 140 22.36 26.51 -13.81
C HIS A 140 22.88 27.37 -12.67
N ALA A 141 24.10 27.86 -12.80
CA ALA A 141 24.72 28.70 -11.79
C ALA A 141 24.34 30.16 -11.98
N MET A 1 44.39 -2.42 -21.79
CA MET A 1 45.18 -1.46 -22.60
C MET A 1 44.59 -0.05 -22.52
N SER A 2 45.26 0.89 -23.19
CA SER A 2 44.80 2.28 -23.19
C SER A 2 44.83 2.86 -21.78
N VAL A 3 45.60 3.92 -21.60
CA VAL A 3 45.71 4.58 -20.30
C VAL A 3 44.38 5.17 -19.86
N ASN A 4 43.57 5.57 -20.83
CA ASN A 4 42.27 6.16 -20.55
C ASN A 4 41.19 5.07 -20.49
N SER A 5 40.39 5.11 -19.44
CA SER A 5 39.31 4.14 -19.26
C SER A 5 37.97 4.84 -19.03
N ASN A 6 36.89 4.16 -19.40
CA ASN A 6 35.55 4.72 -19.23
C ASN A 6 34.62 3.71 -18.58
N ALA A 7 33.92 4.14 -17.53
CA ALA A 7 32.98 3.27 -16.82
C ALA A 7 32.01 4.08 -15.98
N TYR A 8 31.05 3.40 -15.37
CA TYR A 8 30.05 4.06 -14.54
C TYR A 8 29.59 3.17 -13.40
N ASP A 9 30.42 2.19 -13.06
CA ASP A 9 30.10 1.27 -11.96
C ASP A 9 29.81 2.01 -10.67
N ALA A 10 30.20 3.27 -10.64
CA ALA A 10 29.97 4.11 -9.48
C ALA A 10 28.55 4.63 -9.47
N GLY A 11 27.89 4.54 -10.63
CA GLY A 11 26.52 5.00 -10.72
C GLY A 11 25.59 3.99 -11.37
N ILE A 12 26.14 2.90 -11.91
CA ILE A 12 25.31 1.88 -12.55
C ILE A 12 24.33 1.27 -11.59
N MET A 13 24.62 1.42 -10.32
CA MET A 13 23.74 0.93 -9.27
C MET A 13 22.65 1.96 -8.99
N GLY A 14 22.61 2.99 -9.83
CA GLY A 14 21.63 4.05 -9.67
C GLY A 14 20.91 4.37 -10.96
N LEU A 15 21.64 4.28 -12.08
CA LEU A 15 21.06 4.57 -13.39
C LEU A 15 20.19 3.41 -13.87
N LYS A 16 20.82 2.38 -14.41
CA LYS A 16 20.10 1.21 -14.91
C LYS A 16 19.94 0.15 -13.84
N GLY A 17 20.28 0.50 -12.61
CA GLY A 17 20.16 -0.42 -11.49
C GLY A 17 19.17 0.06 -10.47
N LYS A 18 19.00 1.37 -10.38
CA LYS A 18 18.07 1.97 -9.45
C LYS A 18 17.16 2.96 -10.17
N ASP A 19 16.11 2.43 -10.75
CA ASP A 19 15.15 3.23 -11.49
C ASP A 19 13.71 2.86 -11.12
N PHE A 20 13.54 2.02 -10.10
CA PHE A 20 12.21 1.61 -9.67
C PHE A 20 11.48 0.85 -10.76
N ALA A 21 12.24 0.36 -11.74
CA ALA A 21 11.66 -0.39 -12.85
C ALA A 21 10.82 -1.56 -12.35
N ASP A 22 10.28 -2.34 -13.28
CA ASP A 22 9.44 -3.49 -12.93
C ASP A 22 8.16 -3.01 -12.24
N GLN A 23 7.93 -1.72 -12.28
CA GLN A 23 6.75 -1.12 -11.67
C GLN A 23 6.25 0.08 -12.47
N PHE A 24 6.79 0.22 -13.68
CA PHE A 24 6.41 1.32 -14.56
C PHE A 24 5.14 0.96 -15.33
N PHE A 25 5.09 -0.27 -15.83
CA PHE A 25 3.94 -0.74 -16.59
C PHE A 25 3.34 -1.98 -15.92
N ALA A 26 2.16 -1.82 -15.35
CA ALA A 26 1.47 -2.91 -14.69
C ALA A 26 0.56 -3.64 -15.67
N ASP A 27 -0.71 -3.71 -15.32
CA ASP A 27 -1.69 -4.36 -16.16
C ASP A 27 -3.11 -3.93 -15.80
N GLU A 28 -3.22 -2.80 -15.11
CA GLU A 28 -4.53 -2.27 -14.72
C GLU A 28 -5.31 -1.78 -15.93
N ASN A 29 -4.58 -1.40 -16.98
CA ASN A 29 -5.22 -0.90 -18.20
C ASN A 29 -5.93 0.42 -17.96
N GLN A 30 -5.60 1.06 -16.85
CA GLN A 30 -6.19 2.35 -16.49
C GLN A 30 -5.13 3.43 -16.37
N VAL A 31 -5.42 4.60 -16.92
CA VAL A 31 -4.49 5.72 -16.87
C VAL A 31 -4.69 6.54 -15.60
N VAL A 32 -3.58 6.99 -15.01
CA VAL A 32 -3.63 7.79 -13.80
C VAL A 32 -3.23 9.22 -14.11
N HIS A 33 -3.97 10.18 -13.61
CA HIS A 33 -3.65 11.57 -13.86
C HIS A 33 -3.16 12.25 -12.59
N GLU A 34 -1.88 12.65 -12.63
CA GLU A 34 -1.22 13.32 -11.50
C GLU A 34 -1.86 12.97 -10.15
N SER A 35 -1.84 11.68 -9.82
CA SER A 35 -2.40 11.22 -8.56
C SER A 35 -1.34 10.54 -7.71
N ASP A 36 -1.00 11.17 -6.58
CA ASP A 36 0.02 10.63 -5.68
C ASP A 36 -0.63 10.07 -4.42
N THR A 37 -1.72 9.33 -4.59
CA THR A 37 -2.42 8.73 -3.46
C THR A 37 -1.66 7.52 -2.92
N VAL A 38 -1.74 7.32 -1.61
CA VAL A 38 -1.07 6.20 -0.97
C VAL A 38 -1.99 4.99 -0.92
N VAL A 39 -1.76 4.03 -1.82
CA VAL A 39 -2.58 2.84 -1.88
C VAL A 39 -1.83 1.61 -1.36
N LEU A 40 -2.55 0.78 -0.62
CA LEU A 40 -1.97 -0.44 -0.07
C LEU A 40 -2.95 -1.60 -0.23
N VAL A 41 -2.67 -2.47 -1.18
CA VAL A 41 -3.54 -3.61 -1.44
C VAL A 41 -2.89 -4.92 -1.02
N LEU A 42 -3.62 -5.67 -0.21
CA LEU A 42 -3.17 -6.97 0.28
C LEU A 42 -4.23 -8.03 0.01
N LYS A 43 -3.80 -9.26 -0.29
CA LYS A 43 -4.74 -10.34 -0.54
C LYS A 43 -5.73 -10.43 0.61
N LYS A 44 -7.02 -10.26 0.31
CA LYS A 44 -8.05 -10.31 1.33
C LYS A 44 -8.03 -11.65 2.07
N SER A 45 -7.26 -11.70 3.14
CA SER A 45 -7.15 -12.90 3.95
C SER A 45 -7.48 -12.57 5.39
N ASP A 46 -7.61 -13.59 6.22
CA ASP A 46 -7.87 -13.36 7.64
C ASP A 46 -6.81 -12.41 8.21
N GLU A 47 -5.75 -12.19 7.44
CA GLU A 47 -4.65 -11.31 7.82
C GLU A 47 -5.07 -9.84 7.71
N ILE A 48 -5.34 -9.38 6.48
CA ILE A 48 -5.77 -7.98 6.29
C ILE A 48 -7.03 -7.72 7.08
N ASN A 49 -7.96 -8.66 7.01
CA ASN A 49 -9.23 -8.55 7.71
C ASN A 49 -9.03 -8.05 9.14
N THR A 50 -8.17 -8.73 9.89
CA THR A 50 -7.90 -8.37 11.27
C THR A 50 -6.92 -7.20 11.38
N PHE A 51 -5.68 -7.41 10.94
CA PHE A 51 -4.66 -6.36 11.02
C PHE A 51 -5.20 -5.02 10.56
N ILE A 52 -5.88 -5.00 9.43
CA ILE A 52 -6.45 -3.76 8.91
C ILE A 52 -7.45 -3.19 9.91
N GLU A 53 -8.36 -4.04 10.38
CA GLU A 53 -9.37 -3.60 11.33
C GLU A 53 -8.71 -2.88 12.50
N GLU A 54 -7.55 -3.39 12.91
CA GLU A 54 -6.81 -2.77 14.00
C GLU A 54 -5.97 -1.62 13.46
N ILE A 55 -4.77 -1.93 13.00
CA ILE A 55 -3.85 -0.93 12.45
C ILE A 55 -4.55 0.35 11.99
N LEU A 56 -5.52 0.20 11.10
CA LEU A 56 -6.26 1.32 10.53
C LEU A 56 -7.24 1.96 11.51
N LEU A 57 -7.96 1.15 12.29
CA LEU A 57 -8.92 1.69 13.23
C LEU A 57 -8.22 2.10 14.52
N THR A 58 -7.36 1.22 15.02
CA THR A 58 -6.62 1.47 16.23
C THR A 58 -5.94 2.83 16.20
N ASP A 59 -4.90 2.95 15.39
CA ASP A 59 -4.13 4.19 15.33
C ASP A 59 -4.58 5.13 14.21
N TYR A 60 -5.17 4.63 13.14
CA TYR A 60 -5.56 5.53 12.06
C TYR A 60 -6.95 6.12 12.26
N LYS A 61 -7.59 5.73 13.34
CA LYS A 61 -8.91 6.25 13.67
C LYS A 61 -8.87 7.00 15.00
N LYS A 62 -8.16 6.45 15.98
CA LYS A 62 -8.07 7.07 17.29
C LYS A 62 -7.47 8.48 17.18
N ASN A 63 -6.32 8.60 16.52
CA ASN A 63 -5.67 9.89 16.37
C ASN A 63 -4.39 9.78 15.54
N VAL A 64 -4.52 9.94 14.25
CA VAL A 64 -3.41 9.88 13.31
C VAL A 64 -3.78 10.53 11.99
N ASN A 65 -4.89 10.07 11.42
CA ASN A 65 -5.36 10.60 10.13
C ASN A 65 -6.61 9.88 9.66
N PRO A 66 -7.56 10.62 9.06
CA PRO A 66 -8.80 10.05 8.54
C PRO A 66 -8.63 9.48 7.14
N THR A 67 -7.62 9.99 6.41
CA THR A 67 -7.36 9.54 5.06
C THR A 67 -7.17 8.02 5.00
N VAL A 68 -6.51 7.47 6.02
CA VAL A 68 -6.27 6.03 6.09
C VAL A 68 -7.59 5.28 6.15
N ASN A 69 -8.28 5.21 5.02
CA ASN A 69 -9.55 4.51 4.96
C ASN A 69 -9.47 3.30 4.03
N VAL A 70 -10.14 2.23 4.40
CA VAL A 70 -10.14 1.02 3.61
C VAL A 70 -11.36 0.93 2.71
N GLU A 71 -11.18 0.29 1.57
CA GLU A 71 -12.25 0.12 0.60
C GLU A 71 -12.13 -1.24 -0.08
N ASP A 72 -13.18 -2.02 0.01
CA ASP A 72 -13.21 -3.34 -0.61
C ASP A 72 -13.71 -3.24 -2.04
N ARG A 73 -12.84 -3.55 -2.99
CA ARG A 73 -13.20 -3.48 -4.41
C ARG A 73 -13.55 -4.86 -4.98
N ALA A 74 -12.63 -5.49 -5.69
CA ALA A 74 -12.87 -6.79 -6.28
C ALA A 74 -12.84 -7.89 -5.22
N GLY A 75 -11.63 -8.29 -4.83
CA GLY A 75 -11.49 -9.33 -3.83
C GLY A 75 -10.58 -8.91 -2.69
N TYR A 76 -9.50 -8.21 -3.02
CA TYR A 76 -8.56 -7.74 -2.03
C TYR A 76 -9.00 -6.40 -1.45
N TRP A 77 -8.50 -6.07 -0.27
CA TRP A 77 -8.85 -4.81 0.38
C TRP A 77 -8.08 -3.66 -0.25
N TRP A 78 -8.81 -2.65 -0.69
CA TRP A 78 -8.21 -1.47 -1.31
C TRP A 78 -8.04 -0.36 -0.28
N ILE A 79 -6.79 -0.07 0.09
CA ILE A 79 -6.50 0.95 1.08
C ILE A 79 -6.16 2.25 0.38
N LYS A 80 -6.70 3.37 0.88
CA LYS A 80 -6.46 4.67 0.26
C LYS A 80 -5.99 5.71 1.27
N ALA A 81 -4.98 6.48 0.90
CA ALA A 81 -4.45 7.52 1.76
C ALA A 81 -3.99 8.72 0.93
N ASN A 82 -3.90 9.89 1.57
CA ASN A 82 -3.47 11.10 0.86
C ASN A 82 -2.14 11.61 1.41
N GLY A 83 -1.19 11.82 0.51
CA GLY A 83 0.11 12.32 0.92
C GLY A 83 1.04 11.21 1.39
N LYS A 84 0.73 10.60 2.52
CA LYS A 84 1.55 9.53 3.07
C LYS A 84 0.99 9.03 4.41
N ILE A 85 1.40 7.83 4.79
CA ILE A 85 0.97 7.22 6.05
C ILE A 85 2.05 6.28 6.55
N GLU A 86 2.01 5.95 7.83
CA GLU A 86 3.01 5.05 8.40
C GLU A 86 2.39 4.02 9.32
N VAL A 87 2.67 2.74 9.02
CA VAL A 87 2.14 1.63 9.79
C VAL A 87 3.09 1.22 10.91
N ASP A 88 2.51 0.82 12.04
CA ASP A 88 3.28 0.38 13.19
C ASP A 88 3.58 -1.11 13.10
N CYS A 89 4.68 -1.52 13.73
CA CYS A 89 5.07 -2.92 13.72
C CYS A 89 4.94 -3.50 15.11
N ASP A 90 3.85 -4.22 15.32
CA ASP A 90 3.56 -4.85 16.60
C ASP A 90 2.10 -5.28 16.61
N GLU A 91 1.26 -4.46 15.98
CA GLU A 91 -0.16 -4.77 15.91
C GLU A 91 -0.38 -5.89 14.89
N ILE A 92 -0.18 -5.57 13.61
CA ILE A 92 -0.34 -6.57 12.56
C ILE A 92 0.70 -7.67 12.74
N SER A 93 1.96 -7.29 12.80
CA SER A 93 3.06 -8.25 12.97
C SER A 93 2.70 -9.29 14.02
N GLU A 94 1.92 -8.89 15.01
CA GLU A 94 1.50 -9.79 16.07
C GLU A 94 0.56 -10.86 15.52
N LEU A 95 -0.65 -10.43 15.19
CA LEU A 95 -1.67 -11.34 14.66
C LEU A 95 -1.24 -11.96 13.32
N LEU A 96 -0.28 -11.33 12.65
CA LEU A 96 0.19 -11.83 11.36
C LEU A 96 1.47 -12.64 11.52
N GLY A 97 1.97 -12.74 12.75
CA GLY A 97 3.17 -13.51 13.00
C GLY A 97 3.94 -13.02 14.19
N ARG A 98 3.35 -13.16 15.38
CA ARG A 98 3.98 -12.75 16.64
C ARG A 98 5.49 -12.78 16.57
N GLN A 99 6.13 -11.75 17.12
CA GLN A 99 7.58 -11.65 17.14
C GLN A 99 8.14 -11.53 15.73
N PHE A 100 7.30 -11.14 14.80
CA PHE A 100 7.70 -10.99 13.40
C PHE A 100 8.84 -9.98 13.26
N ASN A 101 9.05 -9.49 12.04
CA ASN A 101 10.12 -8.53 11.78
C ASN A 101 9.55 -7.13 11.57
N VAL A 102 9.15 -6.82 10.34
CA VAL A 102 8.59 -5.51 10.02
C VAL A 102 8.22 -5.41 8.54
N TYR A 103 9.18 -5.69 7.66
CA TYR A 103 8.94 -5.61 6.23
C TYR A 103 7.92 -6.64 5.76
N ASP A 104 7.60 -7.60 6.63
CA ASP A 104 6.64 -8.65 6.29
C ASP A 104 5.37 -8.07 5.69
N PHE A 105 5.02 -6.85 6.07
CA PHE A 105 3.83 -6.19 5.55
C PHE A 105 4.01 -5.78 4.09
N LEU A 106 5.25 -5.49 3.71
CA LEU A 106 5.56 -5.10 2.34
C LEU A 106 6.79 -5.83 1.82
N VAL A 107 6.88 -7.12 2.12
CA VAL A 107 8.00 -7.93 1.70
C VAL A 107 7.81 -8.43 0.26
N ASP A 108 6.61 -8.92 -0.03
CA ASP A 108 6.28 -9.43 -1.36
C ASP A 108 4.76 -9.46 -1.55
N VAL A 109 4.08 -8.53 -0.90
CA VAL A 109 2.63 -8.44 -0.99
C VAL A 109 2.17 -8.23 -2.43
N SER A 110 0.87 -8.42 -2.64
CA SER A 110 0.29 -8.26 -3.98
C SER A 110 0.65 -6.89 -4.57
N SER A 111 0.51 -5.85 -3.76
CA SER A 111 0.81 -4.49 -4.21
C SER A 111 0.69 -3.50 -3.05
N THR A 112 1.27 -2.32 -3.23
CA THR A 112 1.21 -1.29 -2.20
C THR A 112 1.89 -0.01 -2.67
N ILE A 113 1.14 0.83 -3.38
CA ILE A 113 1.68 2.09 -3.88
C ILE A 113 2.15 2.97 -2.72
N GLY A 114 3.45 3.18 -2.68
CA GLY A 114 4.05 3.99 -1.64
C GLY A 114 5.38 3.44 -1.19
N ARG A 115 6.34 4.32 -0.93
CA ARG A 115 7.66 3.89 -0.50
C ARG A 115 7.66 3.55 0.99
N ALA A 116 8.00 2.30 1.31
CA ALA A 116 8.02 1.86 2.69
C ALA A 116 9.44 1.80 3.25
N TYR A 117 9.65 2.49 4.36
CA TYR A 117 10.95 2.52 5.01
C TYR A 117 10.77 2.26 6.51
N THR A 118 11.34 1.16 6.99
CA THR A 118 11.21 0.80 8.40
C THR A 118 12.23 1.53 9.27
N LEU A 119 11.97 1.52 10.57
CA LEU A 119 12.83 2.16 11.54
C LEU A 119 12.39 1.78 12.95
N GLY A 120 13.25 1.06 13.67
CA GLY A 120 12.90 0.64 15.02
C GLY A 120 11.67 -0.23 15.02
N ASN A 121 10.55 0.32 15.49
CA ASN A 121 9.29 -0.42 15.52
C ASN A 121 8.17 0.47 15.02
N LYS A 122 8.04 0.51 13.70
CA LYS A 122 7.01 1.31 13.01
C LYS A 122 7.50 1.70 11.63
N PHE A 123 6.90 1.13 10.59
CA PHE A 123 7.32 1.45 9.22
C PHE A 123 6.43 2.54 8.63
N THR A 124 7.04 3.45 7.91
CA THR A 124 6.31 4.56 7.30
C THR A 124 6.29 4.43 5.78
N ILE A 125 5.09 4.49 5.19
CA ILE A 125 4.95 4.41 3.75
C ILE A 125 4.56 5.75 3.17
N THR A 126 5.44 6.25 2.34
CA THR A 126 5.25 7.53 1.66
C THR A 126 4.68 7.33 0.26
N SER A 127 4.02 8.35 -0.25
CA SER A 127 3.43 8.29 -1.60
C SER A 127 3.43 9.69 -2.22
N GLU A 128 4.34 10.52 -1.73
CA GLU A 128 4.45 11.89 -2.18
C GLU A 128 5.85 12.18 -2.73
N LEU A 129 6.15 13.46 -2.94
CA LEU A 129 7.43 13.88 -3.47
C LEU A 129 7.62 13.37 -4.89
N MET A 130 7.53 14.28 -5.84
CA MET A 130 7.70 13.95 -7.25
C MET A 130 8.92 14.63 -7.85
N GLY A 131 9.80 15.12 -6.97
CA GLY A 131 11.01 15.79 -7.43
C GLY A 131 11.01 17.27 -7.07
N LEU A 132 11.84 17.63 -6.10
CA LEU A 132 11.95 19.02 -5.66
C LEU A 132 13.40 19.39 -5.39
N ASP A 133 14.02 18.68 -4.44
CA ASP A 133 15.40 18.93 -4.07
C ASP A 133 15.58 20.36 -3.55
N ARG A 134 14.50 20.94 -3.04
CA ARG A 134 14.54 22.30 -2.52
C ARG A 134 15.43 22.36 -1.28
N LYS A 135 15.09 21.57 -0.26
CA LYS A 135 15.85 21.52 0.98
C LYS A 135 16.44 20.13 1.19
N LEU A 136 16.79 19.48 0.09
CA LEU A 136 17.36 18.14 0.14
C LEU A 136 18.89 18.21 0.17
N GLU A 137 19.55 17.21 -0.42
CA GLU A 137 21.01 17.16 -0.46
C GLU A 137 21.61 18.54 -0.73
N ASP A 138 20.92 19.35 -1.51
CA ASP A 138 21.39 20.69 -1.82
C ASP A 138 20.59 21.74 -1.08
N TYR A 139 21.18 22.27 -0.01
CA TYR A 139 20.53 23.28 0.80
C TYR A 139 21.52 23.95 1.75
N HIS A 140 21.02 24.84 2.60
CA HIS A 140 21.87 25.54 3.56
C HIS A 140 21.04 26.13 4.69
N ALA A 141 21.41 25.79 5.93
CA ALA A 141 20.70 26.28 7.10
C ALA A 141 21.35 27.55 7.63
N MET A 1 23.56 -29.18 -12.37
CA MET A 1 23.11 -27.88 -12.92
C MET A 1 22.91 -26.85 -11.82
N SER A 2 23.70 -26.97 -10.75
CA SER A 2 23.61 -26.04 -9.63
C SER A 2 24.98 -25.83 -8.99
N VAL A 3 25.54 -26.90 -8.43
CA VAL A 3 26.85 -26.83 -7.79
C VAL A 3 27.98 -26.97 -8.82
N ASN A 4 28.24 -25.89 -9.53
CA ASN A 4 29.29 -25.89 -10.55
C ASN A 4 30.56 -25.21 -10.01
N SER A 5 31.71 -25.64 -10.53
CA SER A 5 32.99 -25.07 -10.11
C SER A 5 33.05 -23.58 -10.42
N ASN A 6 33.55 -22.80 -9.47
CA ASN A 6 33.67 -21.36 -9.65
C ASN A 6 32.30 -20.71 -9.80
N ALA A 7 31.95 -19.85 -8.86
CA ALA A 7 30.66 -19.16 -8.89
C ALA A 7 30.85 -17.65 -8.86
N TYR A 8 29.76 -16.92 -8.66
CA TYR A 8 29.81 -15.46 -8.60
C TYR A 8 28.94 -14.91 -7.49
N ASP A 9 28.62 -15.76 -6.52
CA ASP A 9 27.79 -15.35 -5.39
C ASP A 9 28.41 -14.15 -4.66
N ALA A 10 29.66 -13.88 -4.95
CA ALA A 10 30.37 -12.77 -4.36
C ALA A 10 29.99 -11.47 -5.05
N GLY A 11 29.43 -11.58 -6.24
CA GLY A 11 29.04 -10.41 -6.99
C GLY A 11 27.61 -10.50 -7.52
N ILE A 12 26.98 -11.67 -7.41
CA ILE A 12 25.60 -11.81 -7.90
C ILE A 12 24.66 -10.85 -7.22
N MET A 13 25.07 -10.38 -6.08
CA MET A 13 24.30 -9.41 -5.32
C MET A 13 24.60 -8.00 -5.80
N GLY A 14 25.34 -7.93 -6.90
CA GLY A 14 25.71 -6.64 -7.46
C GLY A 14 25.71 -6.63 -8.97
N LEU A 15 26.38 -7.60 -9.57
CA LEU A 15 26.46 -7.72 -11.03
C LEU A 15 25.07 -7.79 -11.64
N LYS A 16 24.45 -8.95 -11.57
CA LYS A 16 23.11 -9.15 -12.12
C LYS A 16 22.03 -8.89 -11.08
N GLY A 17 22.44 -8.34 -9.95
CA GLY A 17 21.51 -8.03 -8.88
C GLY A 17 21.43 -6.55 -8.60
N LYS A 18 22.47 -5.82 -8.99
CA LYS A 18 22.52 -4.39 -8.78
C LYS A 18 22.88 -3.68 -10.08
N ASP A 19 21.88 -3.50 -10.94
CA ASP A 19 22.08 -2.86 -12.23
C ASP A 19 20.94 -1.89 -12.56
N PHE A 20 20.07 -1.64 -11.58
CA PHE A 20 18.94 -0.74 -11.78
C PHE A 20 17.99 -1.27 -12.85
N ALA A 21 18.10 -2.56 -13.12
CA ALA A 21 17.25 -3.20 -14.13
C ALA A 21 15.78 -2.93 -13.85
N ASP A 22 14.90 -3.51 -14.68
CA ASP A 22 13.47 -3.31 -14.53
C ASP A 22 13.10 -1.84 -14.73
N GLN A 23 14.05 -1.08 -15.25
CA GLN A 23 13.85 0.35 -15.51
C GLN A 23 14.73 0.83 -16.66
N PHE A 24 15.27 -0.12 -17.41
CA PHE A 24 16.13 0.20 -18.55
C PHE A 24 15.29 0.32 -19.81
N PHE A 25 14.40 -0.63 -20.02
CA PHE A 25 13.54 -0.63 -21.19
C PHE A 25 12.07 -0.55 -20.76
N ALA A 26 11.45 0.59 -21.04
CA ALA A 26 10.05 0.79 -20.68
C ALA A 26 9.13 0.37 -21.82
N ASP A 27 8.43 1.35 -22.38
CA ASP A 27 7.50 1.11 -23.48
C ASP A 27 6.22 0.43 -23.00
N GLU A 28 6.02 0.45 -21.68
CA GLU A 28 4.83 -0.16 -21.09
C GLU A 28 3.56 0.46 -21.65
N ASN A 29 3.67 1.67 -22.19
CA ASN A 29 2.53 2.37 -22.76
C ASN A 29 1.53 2.78 -21.68
N GLN A 30 1.97 2.73 -20.43
CA GLN A 30 1.12 3.09 -19.31
C GLN A 30 1.37 4.53 -18.89
N VAL A 31 0.29 5.26 -18.62
CA VAL A 31 0.39 6.66 -18.20
C VAL A 31 -0.19 6.87 -16.81
N VAL A 32 0.50 7.68 -16.01
CA VAL A 32 0.06 7.99 -14.66
C VAL A 32 -0.41 9.43 -14.58
N HIS A 33 -1.55 9.65 -13.94
CA HIS A 33 -2.07 10.99 -13.81
C HIS A 33 -1.97 11.49 -12.38
N GLU A 34 -1.15 12.53 -12.20
CA GLU A 34 -0.93 13.14 -10.90
C GLU A 34 -0.94 12.11 -9.77
N SER A 35 -0.01 11.17 -9.82
CA SER A 35 0.10 10.13 -8.80
C SER A 35 0.62 10.69 -7.49
N ASP A 36 -0.26 10.78 -6.50
CA ASP A 36 0.12 11.31 -5.19
C ASP A 36 -0.74 10.70 -4.09
N THR A 37 -1.16 9.46 -4.30
CA THR A 37 -1.98 8.76 -3.32
C THR A 37 -1.25 7.55 -2.75
N VAL A 38 -1.43 7.31 -1.45
CA VAL A 38 -0.79 6.18 -0.78
C VAL A 38 -1.68 4.95 -0.89
N VAL A 39 -1.44 4.13 -1.91
CA VAL A 39 -2.23 2.92 -2.11
C VAL A 39 -1.47 1.67 -1.72
N LEU A 40 -2.21 0.67 -1.24
CA LEU A 40 -1.63 -0.61 -0.83
C LEU A 40 -2.71 -1.69 -0.85
N VAL A 41 -2.50 -2.73 -1.65
CA VAL A 41 -3.48 -3.80 -1.73
C VAL A 41 -2.94 -5.11 -1.17
N LEU A 42 -3.74 -5.71 -0.30
CA LEU A 42 -3.39 -6.98 0.32
C LEU A 42 -4.53 -7.98 0.13
N LYS A 43 -4.20 -9.23 -0.16
CA LYS A 43 -5.22 -10.25 -0.35
C LYS A 43 -6.15 -10.29 0.85
N LYS A 44 -7.46 -10.30 0.60
CA LYS A 44 -8.42 -10.33 1.68
C LYS A 44 -8.26 -11.61 2.50
N SER A 45 -7.39 -11.53 3.49
CA SER A 45 -7.12 -12.67 4.35
C SER A 45 -7.33 -12.28 5.80
N ASP A 46 -7.30 -13.27 6.69
CA ASP A 46 -7.44 -12.98 8.11
C ASP A 46 -6.42 -11.92 8.53
N GLU A 47 -5.46 -11.63 7.65
CA GLU A 47 -4.45 -10.62 7.90
C GLU A 47 -5.06 -9.23 7.91
N ILE A 48 -5.38 -8.71 6.73
CA ILE A 48 -5.98 -7.39 6.64
C ILE A 48 -7.21 -7.34 7.53
N ASN A 49 -7.97 -8.43 7.53
CA ASN A 49 -9.17 -8.52 8.34
C ASN A 49 -8.91 -7.96 9.74
N THR A 50 -7.92 -8.54 10.42
CA THR A 50 -7.57 -8.09 11.77
C THR A 50 -6.58 -6.93 11.74
N PHE A 51 -5.43 -7.14 11.10
CA PHE A 51 -4.41 -6.10 11.00
C PHE A 51 -5.03 -4.77 10.60
N ILE A 52 -5.90 -4.79 9.58
CA ILE A 52 -6.55 -3.57 9.13
C ILE A 52 -7.46 -3.02 10.22
N GLU A 53 -8.30 -3.89 10.77
CA GLU A 53 -9.23 -3.49 11.82
C GLU A 53 -8.46 -2.80 12.95
N GLU A 54 -7.30 -3.35 13.28
CA GLU A 54 -6.47 -2.79 14.33
C GLU A 54 -5.67 -1.59 13.82
N ILE A 55 -4.70 -1.86 12.98
CA ILE A 55 -3.84 -0.80 12.42
C ILE A 55 -4.59 0.50 12.10
N LEU A 56 -5.59 0.40 11.23
CA LEU A 56 -6.35 1.55 10.78
C LEU A 56 -7.31 2.11 11.84
N LEU A 57 -7.93 1.25 12.64
CA LEU A 57 -8.87 1.74 13.63
C LEU A 57 -8.14 2.19 14.89
N THR A 58 -7.23 1.34 15.36
CA THR A 58 -6.44 1.64 16.53
C THR A 58 -5.82 3.02 16.46
N ASP A 59 -4.84 3.18 15.59
CA ASP A 59 -4.14 4.44 15.46
C ASP A 59 -4.70 5.36 14.37
N TYR A 60 -5.28 4.82 13.31
CA TYR A 60 -5.77 5.67 12.25
C TYR A 60 -7.17 6.21 12.53
N LYS A 61 -7.73 5.81 13.66
CA LYS A 61 -9.05 6.28 14.05
C LYS A 61 -8.98 7.04 15.38
N LYS A 62 -8.18 6.53 16.32
CA LYS A 62 -8.03 7.17 17.61
C LYS A 62 -7.54 8.61 17.47
N ASN A 63 -6.46 8.79 16.70
CA ASN A 63 -5.90 10.12 16.51
C ASN A 63 -4.68 10.08 15.60
N VAL A 64 -4.93 10.19 14.31
CA VAL A 64 -3.88 10.17 13.32
C VAL A 64 -4.35 10.82 12.02
N ASN A 65 -5.42 10.28 11.46
CA ASN A 65 -5.97 10.81 10.21
C ASN A 65 -7.11 9.93 9.68
N PRO A 66 -8.11 10.57 9.04
CA PRO A 66 -9.26 9.87 8.47
C PRO A 66 -9.01 9.44 7.03
N THR A 67 -8.04 10.05 6.36
CA THR A 67 -7.71 9.73 4.98
C THR A 67 -7.61 8.22 4.77
N VAL A 68 -6.63 7.60 5.43
CA VAL A 68 -6.43 6.14 5.34
C VAL A 68 -7.77 5.40 5.37
N ASN A 69 -8.37 5.23 4.20
CA ASN A 69 -9.66 4.55 4.08
C ASN A 69 -9.54 3.27 3.27
N VAL A 70 -10.29 2.24 3.69
CA VAL A 70 -10.27 0.97 3.00
C VAL A 70 -11.44 0.84 2.02
N GLU A 71 -11.23 0.03 0.99
CA GLU A 71 -12.24 -0.19 -0.04
C GLU A 71 -12.25 -1.64 -0.51
N ASP A 72 -13.37 -2.32 -0.31
CA ASP A 72 -13.49 -3.71 -0.73
C ASP A 72 -13.96 -3.78 -2.19
N ARG A 73 -13.10 -4.30 -3.07
CA ARG A 73 -13.44 -4.42 -4.48
C ARG A 73 -13.84 -5.85 -4.83
N ALA A 74 -13.06 -6.49 -5.72
CA ALA A 74 -13.35 -7.86 -6.13
C ALA A 74 -13.34 -8.82 -4.94
N GLY A 75 -12.44 -8.57 -4.00
CA GLY A 75 -12.35 -9.43 -2.84
C GLY A 75 -11.35 -8.91 -1.81
N TYR A 76 -10.24 -8.36 -2.30
CA TYR A 76 -9.21 -7.83 -1.42
C TYR A 76 -9.57 -6.42 -0.95
N TRP A 77 -8.92 -5.98 0.12
CA TRP A 77 -9.17 -4.65 0.66
C TRP A 77 -8.30 -3.62 -0.04
N TRP A 78 -8.88 -2.45 -0.30
CA TRP A 78 -8.16 -1.36 -0.96
C TRP A 78 -7.92 -0.22 0.02
N ILE A 79 -6.67 -0.03 0.43
CA ILE A 79 -6.36 1.05 1.36
C ILE A 79 -5.81 2.26 0.62
N LYS A 80 -6.55 3.36 0.69
CA LYS A 80 -6.16 4.60 0.02
C LYS A 80 -5.97 5.73 1.02
N ALA A 81 -4.90 6.49 0.84
CA ALA A 81 -4.59 7.61 1.72
C ALA A 81 -4.00 8.77 0.94
N ASN A 82 -4.08 9.96 1.51
CA ASN A 82 -3.55 11.16 0.85
C ASN A 82 -2.27 11.64 1.52
N GLY A 83 -1.29 12.02 0.71
CA GLY A 83 -0.02 12.50 1.23
C GLY A 83 0.92 11.38 1.63
N LYS A 84 0.57 10.67 2.70
CA LYS A 84 1.39 9.57 3.19
C LYS A 84 0.78 8.93 4.43
N ILE A 85 1.17 7.69 4.70
CA ILE A 85 0.67 6.97 5.86
C ILE A 85 1.78 6.10 6.44
N GLU A 86 1.64 5.68 7.70
CA GLU A 86 2.67 4.86 8.33
C GLU A 86 2.05 3.78 9.20
N VAL A 87 2.44 2.54 8.93
CA VAL A 87 1.93 1.39 9.67
C VAL A 87 2.87 0.99 10.81
N ASP A 88 2.28 0.66 11.95
CA ASP A 88 3.03 0.26 13.12
C ASP A 88 3.44 -1.20 13.01
N CYS A 89 4.54 -1.57 13.64
CA CYS A 89 5.02 -2.95 13.61
C CYS A 89 4.92 -3.56 14.99
N ASP A 90 3.88 -4.36 15.17
CA ASP A 90 3.62 -5.03 16.45
C ASP A 90 2.17 -5.48 16.49
N GLU A 91 1.29 -4.65 15.93
CA GLU A 91 -0.13 -4.97 15.89
C GLU A 91 -0.38 -6.07 14.87
N ILE A 92 -0.19 -5.75 13.60
CA ILE A 92 -0.38 -6.73 12.54
C ILE A 92 0.55 -7.91 12.74
N SER A 93 1.86 -7.65 12.80
CA SER A 93 2.86 -8.70 12.99
C SER A 93 2.45 -9.67 14.09
N GLU A 94 1.77 -9.15 15.12
CA GLU A 94 1.33 -9.98 16.23
C GLU A 94 0.36 -11.05 15.74
N LEU A 95 -0.60 -10.63 14.94
CA LEU A 95 -1.60 -11.55 14.39
C LEU A 95 -1.15 -12.14 13.05
N LEU A 96 -0.16 -11.50 12.43
CA LEU A 96 0.35 -11.95 11.14
C LEU A 96 1.62 -12.78 11.32
N GLY A 97 1.93 -13.12 12.57
CA GLY A 97 3.10 -13.91 12.86
C GLY A 97 3.96 -13.29 13.95
N ARG A 98 3.44 -13.31 15.18
CA ARG A 98 4.15 -12.74 16.33
C ARG A 98 5.66 -12.94 16.20
N GLN A 99 6.41 -11.99 16.75
CA GLN A 99 7.87 -12.04 16.71
C GLN A 99 8.38 -11.95 15.28
N PHE A 100 7.51 -11.48 14.39
CA PHE A 100 7.85 -11.33 12.99
C PHE A 100 8.87 -10.20 12.79
N ASN A 101 9.08 -9.80 11.55
CA ASN A 101 10.01 -8.73 11.25
C ASN A 101 9.39 -7.68 10.33
N VAL A 102 9.59 -6.41 10.65
CA VAL A 102 9.04 -5.32 9.86
C VAL A 102 9.40 -5.49 8.38
N TYR A 103 8.74 -4.72 7.52
CA TYR A 103 8.95 -4.79 6.07
C TYR A 103 8.21 -5.98 5.47
N ASP A 104 7.47 -6.70 6.31
CA ASP A 104 6.70 -7.86 5.86
C ASP A 104 5.48 -7.39 5.07
N PHE A 105 4.94 -6.23 5.46
CA PHE A 105 3.78 -5.67 4.80
C PHE A 105 4.09 -5.32 3.34
N LEU A 106 5.37 -5.04 3.07
CA LEU A 106 5.81 -4.69 1.72
C LEU A 106 6.97 -5.57 1.29
N VAL A 107 7.00 -6.80 1.80
CA VAL A 107 8.06 -7.74 1.48
C VAL A 107 7.77 -8.45 0.16
N ASP A 108 6.50 -8.71 -0.12
CA ASP A 108 6.10 -9.38 -1.34
C ASP A 108 4.58 -9.51 -1.41
N VAL A 109 3.89 -8.46 -0.99
CA VAL A 109 2.43 -8.45 -1.01
C VAL A 109 1.90 -8.36 -2.43
N SER A 110 0.58 -8.50 -2.57
CA SER A 110 -0.07 -8.44 -3.87
C SER A 110 0.35 -7.20 -4.64
N SER A 111 0.38 -6.06 -3.95
CA SER A 111 0.77 -4.80 -4.58
C SER A 111 0.55 -3.64 -3.63
N THR A 112 1.26 -2.53 -3.86
CA THR A 112 1.14 -1.35 -3.00
C THR A 112 2.02 -0.22 -3.49
N ILE A 113 1.41 0.93 -3.78
CA ILE A 113 2.15 2.10 -4.24
C ILE A 113 2.52 3.00 -3.07
N GLY A 114 3.81 3.21 -2.92
CA GLY A 114 4.31 4.04 -1.85
C GLY A 114 5.66 3.58 -1.36
N ARG A 115 6.52 4.53 -1.01
CA ARG A 115 7.85 4.20 -0.51
C ARG A 115 7.78 3.76 0.95
N ALA A 116 8.23 2.53 1.21
CA ALA A 116 8.20 2.00 2.56
C ALA A 116 9.56 2.05 3.23
N TYR A 117 9.60 2.68 4.40
CA TYR A 117 10.83 2.80 5.17
C TYR A 117 10.54 2.51 6.64
N THR A 118 11.21 1.50 7.19
CA THR A 118 10.99 1.12 8.58
C THR A 118 12.12 1.58 9.49
N LEU A 119 11.75 2.00 10.69
CA LEU A 119 12.70 2.44 11.69
C LEU A 119 12.18 2.11 13.08
N GLY A 120 13.00 1.42 13.87
CA GLY A 120 12.58 1.03 15.20
C GLY A 120 11.40 0.09 15.17
N ASN A 121 10.24 0.58 15.60
CA ASN A 121 9.03 -0.22 15.60
C ASN A 121 7.87 0.61 15.06
N LYS A 122 7.76 0.65 13.74
CA LYS A 122 6.72 1.40 13.04
C LYS A 122 7.21 1.80 11.66
N PHE A 123 6.79 1.08 10.63
CA PHE A 123 7.21 1.39 9.26
C PHE A 123 6.27 2.40 8.62
N THR A 124 6.84 3.46 8.08
CA THR A 124 6.07 4.51 7.44
C THR A 124 6.15 4.40 5.91
N ILE A 125 4.99 4.48 5.26
CA ILE A 125 4.95 4.41 3.80
C ILE A 125 4.48 5.72 3.21
N THR A 126 5.36 6.30 2.42
CA THR A 126 5.09 7.57 1.74
C THR A 126 4.60 7.31 0.32
N SER A 127 3.89 8.28 -0.23
CA SER A 127 3.37 8.17 -1.60
C SER A 127 3.54 9.50 -2.31
N GLU A 128 4.36 10.35 -1.73
CA GLU A 128 4.63 11.67 -2.25
C GLU A 128 6.09 11.83 -2.67
N LEU A 129 6.96 11.01 -2.09
CA LEU A 129 8.39 11.07 -2.41
C LEU A 129 8.74 10.10 -3.53
N MET A 130 7.73 9.64 -4.25
CA MET A 130 7.93 8.71 -5.36
C MET A 130 7.95 9.43 -6.69
N GLY A 131 8.11 10.74 -6.64
CA GLY A 131 8.14 11.55 -7.85
C GLY A 131 9.54 12.00 -8.21
N LEU A 132 9.86 13.25 -7.92
CA LEU A 132 11.18 13.80 -8.22
C LEU A 132 11.85 14.31 -6.95
N ASP A 133 12.08 13.40 -6.01
CA ASP A 133 12.72 13.76 -4.74
C ASP A 133 14.08 13.09 -4.61
N ARG A 134 14.75 12.91 -5.74
CA ARG A 134 16.07 12.28 -5.75
C ARG A 134 17.09 13.13 -5.01
N LYS A 135 17.14 14.41 -5.35
CA LYS A 135 18.07 15.34 -4.72
C LYS A 135 17.39 16.15 -3.61
N LEU A 136 16.06 16.02 -3.50
CA LEU A 136 15.31 16.73 -2.49
C LEU A 136 15.43 18.24 -2.67
N GLU A 137 14.31 18.90 -2.92
CA GLU A 137 14.30 20.34 -3.11
C GLU A 137 13.91 21.06 -1.82
N ASP A 138 12.91 20.52 -1.13
CA ASP A 138 12.45 21.12 0.12
C ASP A 138 11.88 20.04 1.04
N TYR A 139 12.62 19.74 2.11
CA TYR A 139 12.18 18.73 3.07
C TYR A 139 12.45 19.18 4.50
N HIS A 140 12.45 20.50 4.71
CA HIS A 140 12.69 21.06 6.03
C HIS A 140 14.07 20.67 6.54
N ALA A 141 14.61 21.47 7.46
CA ALA A 141 15.93 21.21 8.04
C ALA A 141 15.93 21.47 9.53
N MET A 1 40.24 -21.54 -18.21
CA MET A 1 39.71 -22.84 -18.71
C MET A 1 40.50 -24.01 -18.15
N SER A 2 41.79 -23.78 -17.90
CA SER A 2 42.66 -24.82 -17.36
C SER A 2 42.89 -24.61 -15.87
N VAL A 3 43.71 -23.61 -15.53
CA VAL A 3 44.01 -23.31 -14.14
C VAL A 3 43.43 -21.96 -13.73
N ASN A 4 43.43 -21.02 -14.66
CA ASN A 4 42.90 -19.69 -14.40
C ASN A 4 41.86 -19.29 -15.45
N SER A 5 40.85 -18.54 -15.04
CA SER A 5 39.80 -18.10 -15.94
C SER A 5 39.27 -16.72 -15.53
N ASN A 6 38.48 -16.11 -16.40
CA ASN A 6 37.91 -14.81 -16.13
C ASN A 6 36.77 -14.90 -15.13
N ALA A 7 36.13 -13.77 -14.85
CA ALA A 7 35.01 -13.73 -13.91
C ALA A 7 34.30 -12.39 -13.96
N TYR A 8 33.00 -12.41 -14.25
CA TYR A 8 32.21 -11.20 -14.33
C TYR A 8 31.34 -11.03 -13.09
N ASP A 9 31.72 -11.68 -12.01
CA ASP A 9 30.97 -11.60 -10.76
C ASP A 9 30.80 -10.16 -10.31
N ALA A 10 31.60 -9.29 -10.89
CA ALA A 10 31.54 -7.86 -10.57
C ALA A 10 30.36 -7.22 -11.31
N GLY A 11 29.84 -7.91 -12.31
CA GLY A 11 28.74 -7.39 -13.08
C GLY A 11 27.62 -8.39 -13.27
N ILE A 12 27.85 -9.66 -12.90
CA ILE A 12 26.82 -10.68 -13.07
C ILE A 12 25.56 -10.36 -12.29
N MET A 13 25.73 -9.50 -11.31
CA MET A 13 24.60 -9.05 -10.50
C MET A 13 23.87 -7.92 -11.21
N GLY A 14 24.27 -7.67 -12.45
CA GLY A 14 23.65 -6.62 -13.23
C GLY A 14 23.81 -6.83 -14.72
N LEU A 15 24.08 -8.07 -15.13
CA LEU A 15 24.26 -8.39 -16.54
C LEU A 15 23.17 -9.36 -17.01
N LYS A 16 23.38 -10.65 -16.77
CA LYS A 16 22.41 -11.67 -17.16
C LYS A 16 21.48 -12.01 -16.00
N GLY A 17 21.57 -11.23 -14.94
CA GLY A 17 20.73 -11.43 -13.78
C GLY A 17 19.76 -10.28 -13.57
N LYS A 18 20.03 -9.15 -14.23
CA LYS A 18 19.18 -7.98 -14.13
C LYS A 18 18.81 -7.49 -15.52
N ASP A 19 17.82 -8.12 -16.11
CA ASP A 19 17.36 -7.75 -17.45
C ASP A 19 15.84 -7.81 -17.56
N PHE A 20 15.16 -7.96 -16.43
CA PHE A 20 13.70 -8.02 -16.42
C PHE A 20 13.07 -6.64 -16.37
N ALA A 21 13.86 -5.62 -16.64
CA ALA A 21 13.36 -4.25 -16.62
C ALA A 21 12.21 -4.08 -17.60
N ASP A 22 11.81 -2.84 -17.83
CA ASP A 22 10.71 -2.55 -18.74
C ASP A 22 9.43 -3.23 -18.27
N GLN A 23 9.44 -3.66 -17.02
CA GLN A 23 8.30 -4.34 -16.41
C GLN A 23 8.07 -3.86 -14.99
N PHE A 24 8.78 -2.80 -14.61
CA PHE A 24 8.65 -2.23 -13.27
C PHE A 24 7.64 -1.08 -13.27
N PHE A 25 7.89 -0.08 -14.10
CA PHE A 25 7.01 1.07 -14.20
C PHE A 25 6.47 1.21 -15.62
N ALA A 26 5.17 0.97 -15.78
CA ALA A 26 4.53 1.06 -17.08
C ALA A 26 3.99 2.47 -17.31
N ASP A 27 2.69 2.57 -17.47
CA ASP A 27 2.02 3.84 -17.69
C ASP A 27 2.46 4.47 -19.02
N GLU A 28 3.07 3.65 -19.87
CA GLU A 28 3.55 4.12 -21.17
C GLU A 28 2.38 4.35 -22.12
N ASN A 29 1.29 3.62 -21.92
CA ASN A 29 0.10 3.76 -22.76
C ASN A 29 -1.04 4.45 -22.02
N GLN A 30 -0.70 5.07 -20.89
CA GLN A 30 -1.70 5.77 -20.08
C GLN A 30 -1.12 7.05 -19.51
N VAL A 31 -1.98 8.03 -19.26
CA VAL A 31 -1.56 9.31 -18.70
C VAL A 31 -2.06 9.48 -17.27
N VAL A 32 -1.18 9.95 -16.40
CA VAL A 32 -1.53 10.17 -15.01
C VAL A 32 -1.58 11.66 -14.72
N HIS A 33 -2.62 12.10 -14.02
CA HIS A 33 -2.74 13.51 -13.70
C HIS A 33 -2.53 13.76 -12.21
N GLU A 34 -1.46 14.48 -11.91
CA GLU A 34 -1.09 14.83 -10.54
C GLU A 34 -1.58 13.78 -9.52
N SER A 35 -1.14 12.54 -9.71
CA SER A 35 -1.53 11.46 -8.81
C SER A 35 -0.42 11.14 -7.83
N ASP A 36 -0.79 11.08 -6.54
CA ASP A 36 0.16 10.78 -5.49
C ASP A 36 -0.53 10.11 -4.31
N THR A 37 -1.51 9.27 -4.62
CA THR A 37 -2.26 8.56 -3.58
C THR A 37 -1.43 7.45 -2.96
N VAL A 38 -1.63 7.23 -1.67
CA VAL A 38 -0.90 6.20 -0.93
C VAL A 38 -1.78 4.96 -0.80
N VAL A 39 -1.55 3.97 -1.66
CA VAL A 39 -2.35 2.76 -1.64
C VAL A 39 -1.54 1.53 -1.19
N LEU A 40 -2.26 0.57 -0.62
CA LEU A 40 -1.67 -0.67 -0.14
C LEU A 40 -2.68 -1.80 -0.27
N VAL A 41 -2.48 -2.70 -1.23
CA VAL A 41 -3.40 -3.80 -1.45
C VAL A 41 -2.78 -5.17 -1.12
N LEU A 42 -3.45 -5.90 -0.26
CA LEU A 42 -3.02 -7.25 0.12
C LEU A 42 -4.18 -8.22 -0.06
N LYS A 43 -3.88 -9.48 -0.39
CA LYS A 43 -4.94 -10.47 -0.56
C LYS A 43 -5.87 -10.46 0.65
N LYS A 44 -7.17 -10.34 0.41
CA LYS A 44 -8.13 -10.29 1.50
C LYS A 44 -8.18 -11.62 2.24
N SER A 45 -7.35 -11.72 3.26
CA SER A 45 -7.28 -12.91 4.09
C SER A 45 -7.47 -12.52 5.53
N ASP A 46 -7.62 -13.50 6.43
CA ASP A 46 -7.75 -13.20 7.84
C ASP A 46 -6.65 -12.23 8.26
N GLU A 47 -5.61 -12.14 7.41
CA GLU A 47 -4.48 -11.26 7.63
C GLU A 47 -4.95 -9.79 7.63
N ILE A 48 -5.32 -9.26 6.46
CA ILE A 48 -5.80 -7.89 6.37
C ILE A 48 -7.03 -7.73 7.24
N ASN A 49 -7.89 -8.74 7.19
CA ASN A 49 -9.13 -8.72 7.96
C ASN A 49 -8.91 -8.14 9.37
N THR A 50 -8.03 -8.79 10.13
CA THR A 50 -7.74 -8.35 11.49
C THR A 50 -6.76 -7.17 11.51
N PHE A 51 -5.56 -7.38 10.99
CA PHE A 51 -4.54 -6.32 10.97
C PHE A 51 -5.15 -4.99 10.54
N ILE A 52 -5.95 -5.01 9.49
CA ILE A 52 -6.58 -3.78 9.01
C ILE A 52 -7.51 -3.21 10.07
N GLU A 53 -8.33 -4.08 10.65
CA GLU A 53 -9.27 -3.65 11.69
C GLU A 53 -8.53 -2.94 12.81
N GLU A 54 -7.38 -3.47 13.19
CA GLU A 54 -6.58 -2.88 14.26
C GLU A 54 -5.77 -1.70 13.73
N ILE A 55 -4.78 -1.99 12.89
CA ILE A 55 -3.90 -0.96 12.32
C ILE A 55 -4.63 0.34 11.99
N LEU A 56 -5.65 0.25 11.15
CA LEU A 56 -6.40 1.40 10.69
C LEU A 56 -7.35 1.98 11.72
N LEU A 57 -8.00 1.15 12.52
CA LEU A 57 -8.94 1.65 13.49
C LEU A 57 -8.21 2.10 14.76
N THR A 58 -7.31 1.26 15.23
CA THR A 58 -6.53 1.55 16.41
C THR A 58 -5.82 2.89 16.30
N ASP A 59 -4.83 2.95 15.42
CA ASP A 59 -4.04 4.16 15.25
C ASP A 59 -4.56 5.12 14.18
N TYR A 60 -5.22 4.62 13.14
CA TYR A 60 -5.68 5.52 12.09
C TYR A 60 -7.05 6.11 12.37
N LYS A 61 -7.65 5.72 13.48
CA LYS A 61 -8.94 6.24 13.86
C LYS A 61 -8.86 6.98 15.19
N LYS A 62 -8.09 6.43 16.14
CA LYS A 62 -7.93 7.06 17.45
C LYS A 62 -7.29 8.44 17.33
N ASN A 63 -6.17 8.53 16.62
CA ASN A 63 -5.48 9.80 16.45
C ASN A 63 -4.25 9.70 15.55
N VAL A 64 -4.49 9.91 14.27
CA VAL A 64 -3.43 9.87 13.26
C VAL A 64 -3.89 10.57 11.99
N ASN A 65 -5.04 10.13 11.48
CA ASN A 65 -5.59 10.72 10.26
C ASN A 65 -6.78 9.91 9.73
N PRO A 66 -7.79 10.60 9.18
CA PRO A 66 -8.97 9.94 8.63
C PRO A 66 -8.77 9.52 7.18
N THR A 67 -7.75 10.08 6.53
CA THR A 67 -7.45 9.76 5.14
C THR A 67 -7.33 8.26 4.93
N VAL A 68 -6.72 7.57 5.89
CA VAL A 68 -6.54 6.13 5.80
C VAL A 68 -7.90 5.42 5.76
N ASN A 69 -8.45 5.28 4.56
CA ASN A 69 -9.73 4.62 4.41
C ASN A 69 -9.59 3.34 3.59
N VAL A 70 -10.35 2.31 3.99
CA VAL A 70 -10.31 1.03 3.32
C VAL A 70 -11.43 0.91 2.29
N GLU A 71 -11.19 0.09 1.27
CA GLU A 71 -12.16 -0.14 0.22
C GLU A 71 -12.15 -1.60 -0.22
N ASP A 72 -13.26 -2.28 -0.05
CA ASP A 72 -13.36 -3.68 -0.43
C ASP A 72 -13.59 -3.82 -1.93
N ARG A 73 -12.62 -4.39 -2.62
CA ARG A 73 -12.70 -4.58 -4.07
C ARG A 73 -13.23 -5.97 -4.41
N ALA A 74 -12.75 -6.53 -5.53
CA ALA A 74 -13.20 -7.86 -5.96
C ALA A 74 -12.92 -8.93 -4.91
N GLY A 75 -11.65 -9.30 -4.76
CA GLY A 75 -11.29 -10.32 -3.79
C GLY A 75 -10.21 -9.88 -2.82
N TYR A 76 -9.91 -8.58 -2.80
CA TYR A 76 -8.87 -8.06 -1.90
C TYR A 76 -9.26 -6.69 -1.35
N TRP A 77 -8.66 -6.33 -0.23
CA TRP A 77 -8.93 -5.04 0.39
C TRP A 77 -8.12 -3.94 -0.31
N TRP A 78 -8.73 -2.78 -0.44
CA TRP A 78 -8.09 -1.64 -1.08
C TRP A 78 -7.88 -0.51 -0.09
N ILE A 79 -6.64 -0.27 0.30
CA ILE A 79 -6.34 0.78 1.25
C ILE A 79 -5.90 2.03 0.52
N LYS A 80 -6.55 3.16 0.82
CA LYS A 80 -6.23 4.43 0.16
C LYS A 80 -5.97 5.54 1.19
N ALA A 81 -4.93 6.32 0.96
CA ALA A 81 -4.58 7.41 1.85
C ALA A 81 -4.03 8.59 1.06
N ASN A 82 -4.08 9.77 1.65
CA ASN A 82 -3.59 10.98 0.99
C ASN A 82 -2.27 11.45 1.61
N GLY A 83 -1.42 12.05 0.77
CA GLY A 83 -0.15 12.54 1.23
C GLY A 83 0.82 11.44 1.63
N LYS A 84 0.52 10.76 2.74
CA LYS A 84 1.38 9.69 3.24
C LYS A 84 0.83 9.11 4.54
N ILE A 85 1.27 7.91 4.87
CA ILE A 85 0.85 7.24 6.10
C ILE A 85 1.96 6.33 6.61
N GLU A 86 1.90 5.97 7.88
CA GLU A 86 2.93 5.12 8.47
C GLU A 86 2.31 4.06 9.38
N VAL A 87 2.65 2.80 9.11
CA VAL A 87 2.14 1.69 9.89
C VAL A 87 3.11 1.29 11.00
N ASP A 88 2.53 0.84 12.11
CA ASP A 88 3.31 0.41 13.26
C ASP A 88 3.62 -1.09 13.15
N CYS A 89 4.72 -1.50 13.75
CA CYS A 89 5.11 -2.90 13.72
C CYS A 89 4.95 -3.51 15.10
N ASP A 90 3.85 -4.23 15.27
CA ASP A 90 3.53 -4.88 16.53
C ASP A 90 2.05 -5.24 16.53
N GLU A 91 1.24 -4.39 15.91
CA GLU A 91 -0.19 -4.63 15.83
C GLU A 91 -0.46 -5.73 14.81
N ILE A 92 -0.30 -5.40 13.53
CA ILE A 92 -0.51 -6.38 12.47
C ILE A 92 0.40 -7.59 12.70
N SER A 93 1.70 -7.35 12.78
CA SER A 93 2.67 -8.42 13.00
C SER A 93 2.24 -9.37 14.10
N GLU A 94 1.58 -8.83 15.14
CA GLU A 94 1.13 -9.66 16.25
C GLU A 94 0.14 -10.71 15.75
N LEU A 95 -0.80 -10.27 14.93
CA LEU A 95 -1.81 -11.17 14.38
C LEU A 95 -1.35 -11.78 13.05
N LEU A 96 -0.35 -11.17 12.43
CA LEU A 96 0.18 -11.65 11.17
C LEU A 96 1.45 -12.47 11.37
N GLY A 97 1.72 -12.82 12.62
CA GLY A 97 2.89 -13.61 12.93
C GLY A 97 3.74 -12.95 14.01
N ARG A 98 3.22 -12.93 15.25
CA ARG A 98 3.93 -12.34 16.37
C ARG A 98 5.43 -12.54 16.27
N GLN A 99 6.17 -11.58 16.80
CA GLN A 99 7.62 -11.64 16.79
C GLN A 99 8.17 -11.58 15.36
N PHE A 100 7.32 -11.14 14.44
CA PHE A 100 7.70 -11.03 13.04
C PHE A 100 8.72 -9.90 12.84
N ASN A 101 9.11 -9.66 11.60
CA ASN A 101 10.07 -8.62 11.29
C ASN A 101 9.40 -7.25 11.22
N VAL A 102 8.96 -6.85 10.02
CA VAL A 102 8.30 -5.57 9.83
C VAL A 102 7.92 -5.35 8.37
N TYR A 103 8.82 -5.69 7.47
CA TYR A 103 8.57 -5.54 6.04
C TYR A 103 7.56 -6.56 5.54
N ASP A 104 7.17 -7.49 6.40
CA ASP A 104 6.20 -8.52 6.04
C ASP A 104 4.95 -7.90 5.39
N PHE A 105 4.59 -6.70 5.85
CA PHE A 105 3.42 -6.00 5.30
C PHE A 105 3.61 -5.73 3.81
N LEU A 106 4.85 -5.46 3.41
CA LEU A 106 5.16 -5.19 2.02
C LEU A 106 6.38 -5.98 1.58
N VAL A 107 6.44 -7.23 2.00
CA VAL A 107 7.56 -8.10 1.66
C VAL A 107 7.39 -8.71 0.26
N ASP A 108 6.16 -9.08 -0.07
CA ASP A 108 5.88 -9.68 -1.37
C ASP A 108 4.38 -9.70 -1.63
N VAL A 109 3.66 -8.72 -1.09
CA VAL A 109 2.22 -8.63 -1.26
C VAL A 109 1.85 -8.39 -2.72
N SER A 110 0.55 -8.41 -3.01
CA SER A 110 0.07 -8.19 -4.37
C SER A 110 0.56 -6.87 -4.92
N SER A 111 0.53 -5.83 -4.09
CA SER A 111 0.98 -4.49 -4.52
C SER A 111 0.66 -3.45 -3.47
N THR A 112 1.46 -2.40 -3.42
CA THR A 112 1.26 -1.30 -2.47
C THR A 112 1.97 -0.04 -2.92
N ILE A 113 1.22 0.87 -3.55
CA ILE A 113 1.79 2.12 -4.02
C ILE A 113 2.26 2.98 -2.87
N GLY A 114 3.51 3.42 -2.95
CA GLY A 114 4.08 4.25 -1.91
C GLY A 114 5.44 3.74 -1.47
N ARG A 115 6.32 4.67 -1.14
CA ARG A 115 7.67 4.32 -0.69
C ARG A 115 7.64 3.83 0.74
N ALA A 116 8.09 2.60 0.97
CA ALA A 116 8.09 2.03 2.31
C ALA A 116 9.49 1.93 2.90
N TYR A 117 9.67 2.53 4.07
CA TYR A 117 10.94 2.50 4.77
C TYR A 117 10.69 2.23 6.26
N THR A 118 11.23 1.13 6.76
CA THR A 118 11.04 0.77 8.16
C THR A 118 12.23 1.16 9.02
N LEU A 119 11.94 1.59 10.24
CA LEU A 119 12.96 1.99 11.20
C LEU A 119 12.49 1.64 12.61
N GLY A 120 13.36 1.02 13.39
CA GLY A 120 13.00 0.64 14.75
C GLY A 120 11.78 -0.25 14.75
N ASN A 121 10.68 0.27 15.29
CA ASN A 121 9.43 -0.47 15.34
C ASN A 121 8.28 0.42 14.90
N LYS A 122 8.10 0.50 13.58
CA LYS A 122 7.04 1.31 12.98
C LYS A 122 7.48 1.75 11.58
N PHE A 123 6.98 1.08 10.54
CA PHE A 123 7.36 1.44 9.18
C PHE A 123 6.43 2.51 8.63
N THR A 124 7.04 3.53 8.02
CA THR A 124 6.28 4.64 7.45
C THR A 124 6.30 4.58 5.93
N ILE A 125 5.13 4.70 5.31
CA ILE A 125 5.05 4.67 3.85
C ILE A 125 4.62 6.01 3.29
N THR A 126 5.51 6.57 2.50
CA THR A 126 5.28 7.85 1.85
C THR A 126 4.79 7.63 0.42
N SER A 127 4.08 8.61 -0.13
CA SER A 127 3.56 8.51 -1.49
C SER A 127 3.56 9.89 -2.14
N GLU A 128 4.37 10.78 -1.58
CA GLU A 128 4.48 12.13 -2.06
C GLU A 128 5.92 12.49 -2.41
N LEU A 129 6.14 13.73 -2.83
CA LEU A 129 7.48 14.19 -3.18
C LEU A 129 8.03 13.41 -4.37
N MET A 130 7.15 12.74 -5.10
CA MET A 130 7.54 11.96 -6.26
C MET A 130 7.38 12.75 -7.55
N GLY A 131 7.25 14.07 -7.41
CA GLY A 131 7.09 14.94 -8.57
C GLY A 131 7.90 16.20 -8.45
N LEU A 132 7.30 17.23 -7.86
CA LEU A 132 7.98 18.51 -7.67
C LEU A 132 8.30 19.16 -9.02
N ASP A 133 9.35 18.69 -9.67
CA ASP A 133 9.76 19.22 -10.97
C ASP A 133 9.49 18.20 -12.08
N ARG A 134 8.42 17.44 -11.94
CA ARG A 134 8.05 16.43 -12.92
C ARG A 134 7.72 17.08 -14.27
N LYS A 135 6.95 18.16 -14.23
CA LYS A 135 6.57 18.87 -15.44
C LYS A 135 7.17 20.27 -15.48
N LEU A 136 8.28 20.46 -14.76
CA LEU A 136 8.94 21.75 -14.71
C LEU A 136 10.46 21.60 -14.83
N GLU A 137 10.89 20.41 -15.20
CA GLU A 137 12.31 20.12 -15.36
C GLU A 137 13.00 21.18 -16.23
N ASP A 138 12.25 21.77 -17.14
CA ASP A 138 12.79 22.80 -18.03
C ASP A 138 11.82 23.97 -18.17
N TYR A 139 10.85 24.04 -17.26
CA TYR A 139 9.86 25.12 -17.28
C TYR A 139 10.38 26.35 -16.55
N HIS A 140 10.78 27.36 -17.31
CA HIS A 140 11.30 28.60 -16.73
C HIS A 140 10.22 29.66 -16.69
N ALA A 141 10.48 30.74 -15.94
CA ALA A 141 9.53 31.84 -15.82
C ALA A 141 8.20 31.34 -15.24
#